data_2HPE
# 
_entry.id   2HPE 
# 
_audit_conform.dict_name       mmcif_pdbx.dic 
_audit_conform.dict_version    5.387 
_audit_conform.dict_location   http://mmcif.pdb.org/dictionaries/ascii/mmcif_pdbx.dic 
# 
loop_
_database_2.database_id 
_database_2.database_code 
_database_2.pdbx_database_accession 
_database_2.pdbx_DOI 
PDB   2HPE         pdb_00002hpe 10.2210/pdb2hpe/pdb 
WWPDB D_1000178216 ?            ?                   
# 
loop_
_pdbx_audit_revision_history.ordinal 
_pdbx_audit_revision_history.data_content_type 
_pdbx_audit_revision_history.major_revision 
_pdbx_audit_revision_history.minor_revision 
_pdbx_audit_revision_history.revision_date 
1 'Structure model' 1 0 1994-10-15 
2 'Structure model' 1 1 2008-03-24 
3 'Structure model' 1 2 2011-07-13 
4 'Structure model' 1 3 2017-11-29 
5 'Structure model' 1 4 2024-02-14 
# 
_pdbx_audit_revision_details.ordinal             1 
_pdbx_audit_revision_details.revision_ordinal    1 
_pdbx_audit_revision_details.data_content_type   'Structure model' 
_pdbx_audit_revision_details.provider            repository 
_pdbx_audit_revision_details.type                'Initial release' 
_pdbx_audit_revision_details.description         ? 
_pdbx_audit_revision_details.details             ? 
# 
loop_
_pdbx_audit_revision_group.ordinal 
_pdbx_audit_revision_group.revision_ordinal 
_pdbx_audit_revision_group.data_content_type 
_pdbx_audit_revision_group.group 
1 2 'Structure model' 'Version format compliance' 
2 3 'Structure model' 'Version format compliance' 
3 4 'Structure model' 'Derived calculations'      
4 4 'Structure model' Other                       
5 5 'Structure model' 'Data collection'           
6 5 'Structure model' 'Database references'       
# 
loop_
_pdbx_audit_revision_category.ordinal 
_pdbx_audit_revision_category.revision_ordinal 
_pdbx_audit_revision_category.data_content_type 
_pdbx_audit_revision_category.category 
1 4 'Structure model' pdbx_database_status 
2 4 'Structure model' struct_conf          
3 4 'Structure model' struct_conf_type     
4 5 'Structure model' chem_comp_atom       
5 5 'Structure model' chem_comp_bond       
6 5 'Structure model' database_2           
7 5 'Structure model' struct_ref_seq_dif   
# 
loop_
_pdbx_audit_revision_item.ordinal 
_pdbx_audit_revision_item.revision_ordinal 
_pdbx_audit_revision_item.data_content_type 
_pdbx_audit_revision_item.item 
1 4 'Structure model' '_pdbx_database_status.process_site'  
2 5 'Structure model' '_database_2.pdbx_DOI'                
3 5 'Structure model' '_database_2.pdbx_database_accession' 
4 5 'Structure model' '_struct_ref_seq_dif.details'         
# 
_pdbx_database_status.status_code                     REL 
_pdbx_database_status.entry_id                        2HPE 
_pdbx_database_status.recvd_initial_deposition_date   1994-09-21 
_pdbx_database_status.deposit_site                    ? 
_pdbx_database_status.process_site                    BNL 
_pdbx_database_status.SG_entry                        . 
_pdbx_database_status.pdb_format_compatible           Y 
_pdbx_database_status.status_code_mr                  ? 
_pdbx_database_status.status_code_sf                  ? 
_pdbx_database_status.status_code_cs                  ? 
_pdbx_database_status.methods_development_category    ? 
_pdbx_database_status.status_code_nmr_data            ? 
# 
loop_
_audit_author.name 
_audit_author.pdbx_ordinal 
'Mulichak, A.M.'   1 
'Watenpaugh, K.D.' 2 
# 
loop_
_citation.id 
_citation.title 
_citation.journal_abbrev 
_citation.journal_volume 
_citation.page_first 
_citation.page_last 
_citation.year 
_citation.journal_id_ASTM 
_citation.country 
_citation.journal_id_ISSN 
_citation.journal_id_CSD 
_citation.book_publisher 
_citation.pdbx_database_id_PubMed 
_citation.pdbx_database_id_DOI 
primary 
'Comparison of the Structures of HIV-2 Protease Complexes in Three Crystal Space Groups with an HIV-1 Protease Complex Structure' 
'To be Published' ?   ?     ? ?    ?      ?  ?         0353 ? ? ? 
1       
;The Crystallographic Structure of the Protease from Human Immunodeficiency Virus Type 2 with Two Synthetic Peptidic Transition State Analog Inhibitors
;
J.Biol.Chem.      168 13103 ? 1993 JBCHA3 US 0021-9258 0071 ? ? ? 
# 
loop_
_citation_author.citation_id 
_citation_author.name 
_citation_author.ordinal 
_citation_author.identifier_ORCID 
primary 'Mulichak, A.M.'   1  ? 
primary 'Watenpaugh, K.D.' 2  ? 
1       'Mulichak, A.M.'   3  ? 
1       'Hui, J.O.'        4  ? 
1       'Tomasselli, A.G.' 5  ? 
1       'Heinrikson, R.L.' 6  ? 
1       'Curry, K.A.'      7  ? 
1       'Tomich, C.-S.'    8  ? 
1       'Thaisrivongs, S.' 9  ? 
1       'Sawyer, T.K.'     10 ? 
1       'Watenpaugh, K.D.' 11 ? 
# 
loop_
_entity.id 
_entity.type 
_entity.src_method 
_entity.pdbx_description 
_entity.formula_weight 
_entity.pdbx_number_of_molecules 
_entity.pdbx_ec 
_entity.pdbx_mutation 
_entity.pdbx_fragment 
_entity.details 
1 polymer man 'HIV-2 PROTEASE'                10712.315 2   ? ? ? ? 
2 polymer man 'UNIDENTIFIED PEPTIDE FRAGMENT' 783.958   1   ? ? ? ? 
3 water   nat water                           18.015    160 ? ? ? ? 
# 
loop_
_entity_poly.entity_id 
_entity_poly.type 
_entity_poly.nstd_linkage 
_entity_poly.nstd_monomer 
_entity_poly.pdbx_seq_one_letter_code 
_entity_poly.pdbx_seq_one_letter_code_can 
_entity_poly.pdbx_strand_id 
_entity_poly.pdbx_target_identifier 
1 'polypeptide(L)' no no 
;PQFSLWKRPVVTAYIEGQPVEVLLDTGADDSIVAGIELGNNYSPKIVGGIGGFINTLEYKNVEIEVLNKKVRATIMTGDT
PINIFGRNILTALGMSLNL
;
;PQFSLWKRPVVTAYIEGQPVEVLLDTGADDSIVAGIELGNNYSPKIVGGIGGFINTLEYKNVEIEVLNKKVRATIMTGDT
PINIFGRNILTALGMSLNL
;
A,B ? 
2 'polypeptide(L)' no no '(UNK)(UNK)(UNK)(UNK)(UNK)(UNK)(UNK)(UNK)(UNK)'                                                        
XXXXXXXXX                                                                                              S   ? 
# 
_pdbx_entity_nonpoly.entity_id   3 
_pdbx_entity_nonpoly.name        water 
_pdbx_entity_nonpoly.comp_id     HOH 
# 
loop_
_entity_poly_seq.entity_id 
_entity_poly_seq.num 
_entity_poly_seq.mon_id 
_entity_poly_seq.hetero 
1 1  PRO n 
1 2  GLN n 
1 3  PHE n 
1 4  SER n 
1 5  LEU n 
1 6  TRP n 
1 7  LYS n 
1 8  ARG n 
1 9  PRO n 
1 10 VAL n 
1 11 VAL n 
1 12 THR n 
1 13 ALA n 
1 14 TYR n 
1 15 ILE n 
1 16 GLU n 
1 17 GLY n 
1 18 GLN n 
1 19 PRO n 
1 20 VAL n 
1 21 GLU n 
1 22 VAL n 
1 23 LEU n 
1 24 LEU n 
1 25 ASP n 
1 26 THR n 
1 27 GLY n 
1 28 ALA n 
1 29 ASP n 
1 30 ASP n 
1 31 SER n 
1 32 ILE n 
1 33 VAL n 
1 34 ALA n 
1 35 GLY n 
1 36 ILE n 
1 37 GLU n 
1 38 LEU n 
1 39 GLY n 
1 40 ASN n 
1 41 ASN n 
1 42 TYR n 
1 43 SER n 
1 44 PRO n 
1 45 LYS n 
1 46 ILE n 
1 47 VAL n 
1 48 GLY n 
1 49 GLY n 
1 50 ILE n 
1 51 GLY n 
1 52 GLY n 
1 53 PHE n 
1 54 ILE n 
1 55 ASN n 
1 56 THR n 
1 57 LEU n 
1 58 GLU n 
1 59 TYR n 
1 60 LYS n 
1 61 ASN n 
1 62 VAL n 
1 63 GLU n 
1 64 ILE n 
1 65 GLU n 
1 66 VAL n 
1 67 LEU n 
1 68 ASN n 
1 69 LYS n 
1 70 LYS n 
1 71 VAL n 
1 72 ARG n 
1 73 ALA n 
1 74 THR n 
1 75 ILE n 
1 76 MET n 
1 77 THR n 
1 78 GLY n 
1 79 ASP n 
1 80 THR n 
1 81 PRO n 
1 82 ILE n 
1 83 ASN n 
1 84 ILE n 
1 85 PHE n 
1 86 GLY n 
1 87 ARG n 
1 88 ASN n 
1 89 ILE n 
1 90 LEU n 
1 91 THR n 
1 92 ALA n 
1 93 LEU n 
1 94 GLY n 
1 95 MET n 
1 96 SER n 
1 97 LEU n 
1 98 ASN n 
1 99 LEU n 
2 1  UNK n 
2 2  UNK n 
2 3  UNK n 
2 4  UNK n 
2 5  UNK n 
2 6  UNK n 
2 7  UNK n 
2 8  UNK n 
2 9  UNK n 
# 
_entity_src_gen.entity_id                          1 
_entity_src_gen.pdbx_src_id                        1 
_entity_src_gen.pdbx_alt_source_flag               sample 
_entity_src_gen.pdbx_seq_type                      ? 
_entity_src_gen.pdbx_beg_seq_num                   ? 
_entity_src_gen.pdbx_end_seq_num                   ? 
_entity_src_gen.gene_src_common_name               ? 
_entity_src_gen.gene_src_genus                     Lentivirus 
_entity_src_gen.pdbx_gene_src_gene                 ? 
_entity_src_gen.gene_src_species                   ? 
_entity_src_gen.gene_src_strain                    ? 
_entity_src_gen.gene_src_tissue                    ? 
_entity_src_gen.gene_src_tissue_fraction           ? 
_entity_src_gen.gene_src_details                   ? 
_entity_src_gen.pdbx_gene_src_fragment             ? 
_entity_src_gen.pdbx_gene_src_scientific_name      'Human immunodeficiency virus 2' 
_entity_src_gen.pdbx_gene_src_ncbi_taxonomy_id     11709 
_entity_src_gen.pdbx_gene_src_variant              ? 
_entity_src_gen.pdbx_gene_src_cell_line            ? 
_entity_src_gen.pdbx_gene_src_atcc                 ? 
_entity_src_gen.pdbx_gene_src_organ                ? 
_entity_src_gen.pdbx_gene_src_organelle            ? 
_entity_src_gen.pdbx_gene_src_cell                 ? 
_entity_src_gen.pdbx_gene_src_cellular_location    ? 
_entity_src_gen.host_org_common_name               ? 
_entity_src_gen.pdbx_host_org_scientific_name      'Escherichia coli' 
_entity_src_gen.pdbx_host_org_ncbi_taxonomy_id     562 
_entity_src_gen.host_org_genus                     Escherichia 
_entity_src_gen.pdbx_host_org_gene                 ? 
_entity_src_gen.pdbx_host_org_organ                ? 
_entity_src_gen.host_org_species                   ? 
_entity_src_gen.pdbx_host_org_tissue               ? 
_entity_src_gen.pdbx_host_org_tissue_fraction      ? 
_entity_src_gen.pdbx_host_org_strain               ? 
_entity_src_gen.pdbx_host_org_variant              ? 
_entity_src_gen.pdbx_host_org_cell_line            ? 
_entity_src_gen.pdbx_host_org_atcc                 ? 
_entity_src_gen.pdbx_host_org_culture_collection   ? 
_entity_src_gen.pdbx_host_org_cell                 ? 
_entity_src_gen.pdbx_host_org_organelle            ? 
_entity_src_gen.pdbx_host_org_cellular_location    ? 
_entity_src_gen.pdbx_host_org_vector_type          ? 
_entity_src_gen.pdbx_host_org_vector               ? 
_entity_src_gen.host_org_details                   ? 
_entity_src_gen.expression_system_id               ? 
_entity_src_gen.plasmid_name                       ? 
_entity_src_gen.plasmid_details                    ? 
_entity_src_gen.pdbx_description                   ? 
# 
loop_
_chem_comp.id 
_chem_comp.type 
_chem_comp.mon_nstd_flag 
_chem_comp.name 
_chem_comp.pdbx_synonyms 
_chem_comp.formula 
_chem_comp.formula_weight 
ALA 'L-peptide linking' y ALANINE         ? 'C3 H7 N O2'     89.093  
ARG 'L-peptide linking' y ARGININE        ? 'C6 H15 N4 O2 1' 175.209 
ASN 'L-peptide linking' y ASPARAGINE      ? 'C4 H8 N2 O3'    132.118 
ASP 'L-peptide linking' y 'ASPARTIC ACID' ? 'C4 H7 N O4'     133.103 
GLN 'L-peptide linking' y GLUTAMINE       ? 'C5 H10 N2 O3'   146.144 
GLU 'L-peptide linking' y 'GLUTAMIC ACID' ? 'C5 H9 N O4'     147.129 
GLY 'peptide linking'   y GLYCINE         ? 'C2 H5 N O2'     75.067  
HOH non-polymer         . WATER           ? 'H2 O'           18.015  
ILE 'L-peptide linking' y ISOLEUCINE      ? 'C6 H13 N O2'    131.173 
LEU 'L-peptide linking' y LEUCINE         ? 'C6 H13 N O2'    131.173 
LYS 'L-peptide linking' y LYSINE          ? 'C6 H15 N2 O2 1' 147.195 
MET 'L-peptide linking' y METHIONINE      ? 'C5 H11 N O2 S'  149.211 
PHE 'L-peptide linking' y PHENYLALANINE   ? 'C9 H11 N O2'    165.189 
PRO 'L-peptide linking' y PROLINE         ? 'C5 H9 N O2'     115.130 
SER 'L-peptide linking' y SERINE          ? 'C3 H7 N O3'     105.093 
THR 'L-peptide linking' y THREONINE       ? 'C4 H9 N O3'     119.119 
TRP 'L-peptide linking' y TRYPTOPHAN      ? 'C11 H12 N2 O2'  204.225 
TYR 'L-peptide linking' y TYROSINE        ? 'C9 H11 N O3'    181.189 
UNK 'L-peptide linking' . UNKNOWN         ? 'C4 H9 N O2'     103.120 
VAL 'L-peptide linking' y VALINE          ? 'C5 H11 N O2'    117.146 
# 
loop_
_pdbx_poly_seq_scheme.asym_id 
_pdbx_poly_seq_scheme.entity_id 
_pdbx_poly_seq_scheme.seq_id 
_pdbx_poly_seq_scheme.mon_id 
_pdbx_poly_seq_scheme.ndb_seq_num 
_pdbx_poly_seq_scheme.pdb_seq_num 
_pdbx_poly_seq_scheme.auth_seq_num 
_pdbx_poly_seq_scheme.pdb_mon_id 
_pdbx_poly_seq_scheme.auth_mon_id 
_pdbx_poly_seq_scheme.pdb_strand_id 
_pdbx_poly_seq_scheme.pdb_ins_code 
_pdbx_poly_seq_scheme.hetero 
A 1 1  PRO 1  1  1  PRO PRO A . n 
A 1 2  GLN 2  2  2  GLN GLN A . n 
A 1 3  PHE 3  3  3  PHE PHE A . n 
A 1 4  SER 4  4  4  SER SER A . n 
A 1 5  LEU 5  5  5  LEU LEU A . n 
A 1 6  TRP 6  6  6  TRP TRP A . n 
A 1 7  LYS 7  7  7  LYS LYS A . n 
A 1 8  ARG 8  8  8  ARG ARG A . n 
A 1 9  PRO 9  9  9  PRO PRO A . n 
A 1 10 VAL 10 10 10 VAL VAL A . n 
A 1 11 VAL 11 11 11 VAL VAL A . n 
A 1 12 THR 12 12 12 THR THR A . n 
A 1 13 ALA 13 13 13 ALA ALA A . n 
A 1 14 TYR 14 14 14 TYR TYR A . n 
A 1 15 ILE 15 15 15 ILE ILE A . n 
A 1 16 GLU 16 16 16 GLU GLU A . n 
A 1 17 GLY 17 17 17 GLY GLY A . n 
A 1 18 GLN 18 18 18 GLN GLN A . n 
A 1 19 PRO 19 19 19 PRO PRO A . n 
A 1 20 VAL 20 20 20 VAL VAL A . n 
A 1 21 GLU 21 21 21 GLU GLU A . n 
A 1 22 VAL 22 22 22 VAL VAL A . n 
A 1 23 LEU 23 23 23 LEU LEU A . n 
A 1 24 LEU 24 24 24 LEU LEU A . n 
A 1 25 ASP 25 25 25 ASP ASP A . n 
A 1 26 THR 26 26 26 THR THR A . n 
A 1 27 GLY 27 27 27 GLY GLY A . n 
A 1 28 ALA 28 28 28 ALA ALA A . n 
A 1 29 ASP 29 29 29 ASP ASP A . n 
A 1 30 ASP 30 30 30 ASP ASP A . n 
A 1 31 SER 31 31 31 SER SER A . n 
A 1 32 ILE 32 32 32 ILE ILE A . n 
A 1 33 VAL 33 33 33 VAL VAL A . n 
A 1 34 ALA 34 34 34 ALA ALA A . n 
A 1 35 GLY 35 35 35 GLY GLY A . n 
A 1 36 ILE 36 36 36 ILE ILE A . n 
A 1 37 GLU 37 37 37 GLU GLU A . n 
A 1 38 LEU 38 38 38 LEU LEU A . n 
A 1 39 GLY 39 39 39 GLY GLY A . n 
A 1 40 ASN 40 40 40 ASN ASN A . n 
A 1 41 ASN 41 41 41 ASN ASN A . n 
A 1 42 TYR 42 42 42 TYR TYR A . n 
A 1 43 SER 43 43 43 SER SER A . n 
A 1 44 PRO 44 44 44 PRO PRO A . n 
A 1 45 LYS 45 45 45 LYS LYS A . n 
A 1 46 ILE 46 46 46 ILE ILE A . n 
A 1 47 VAL 47 47 47 VAL VAL A . n 
A 1 48 GLY 48 48 48 GLY GLY A . n 
A 1 49 GLY 49 49 49 GLY GLY A . n 
A 1 50 ILE 50 50 50 ILE ILE A . n 
A 1 51 GLY 51 51 51 GLY GLY A . n 
A 1 52 GLY 52 52 52 GLY GLY A . n 
A 1 53 PHE 53 53 53 PHE PHE A . n 
A 1 54 ILE 54 54 54 ILE ILE A . n 
A 1 55 ASN 55 55 55 ASN ASN A . n 
A 1 56 THR 56 56 56 THR THR A . n 
A 1 57 LEU 57 57 57 LEU LEU A . n 
A 1 58 GLU 58 58 58 GLU GLU A . n 
A 1 59 TYR 59 59 59 TYR TYR A . n 
A 1 60 LYS 60 60 60 LYS LYS A . n 
A 1 61 ASN 61 61 61 ASN ASN A . n 
A 1 62 VAL 62 62 62 VAL VAL A . n 
A 1 63 GLU 63 63 63 GLU GLU A . n 
A 1 64 ILE 64 64 64 ILE ILE A . n 
A 1 65 GLU 65 65 65 GLU GLU A . n 
A 1 66 VAL 66 66 66 VAL VAL A . n 
A 1 67 LEU 67 67 67 LEU LEU A . n 
A 1 68 ASN 68 68 68 ASN ASN A . n 
A 1 69 LYS 69 69 69 LYS LYS A . n 
A 1 70 LYS 70 70 70 LYS LYS A . n 
A 1 71 VAL 71 71 71 VAL VAL A . n 
A 1 72 ARG 72 72 72 ARG ARG A . n 
A 1 73 ALA 73 73 73 ALA ALA A . n 
A 1 74 THR 74 74 74 THR THR A . n 
A 1 75 ILE 75 75 75 ILE ILE A . n 
A 1 76 MET 76 76 76 MET MET A . n 
A 1 77 THR 77 77 77 THR THR A . n 
A 1 78 GLY 78 78 78 GLY GLY A . n 
A 1 79 ASP 79 79 79 ASP ASP A . n 
A 1 80 THR 80 80 80 THR THR A . n 
A 1 81 PRO 81 81 81 PRO PRO A . n 
A 1 82 ILE 82 82 82 ILE ILE A . n 
A 1 83 ASN 83 83 83 ASN ASN A . n 
A 1 84 ILE 84 84 84 ILE ILE A . n 
A 1 85 PHE 85 85 85 PHE PHE A . n 
A 1 86 GLY 86 86 86 GLY GLY A . n 
A 1 87 ARG 87 87 87 ARG ARG A . n 
A 1 88 ASN 88 88 88 ASN ASN A . n 
A 1 89 ILE 89 89 89 ILE ILE A . n 
A 1 90 LEU 90 90 90 LEU LEU A . n 
A 1 91 THR 91 91 91 THR THR A . n 
A 1 92 ALA 92 92 92 ALA ALA A . n 
A 1 93 LEU 93 93 93 LEU LEU A . n 
A 1 94 GLY 94 94 94 GLY GLY A . n 
A 1 95 MET 95 95 95 MET MET A . n 
A 1 96 SER 96 96 96 SER SER A . n 
A 1 97 LEU 97 97 97 LEU LEU A . n 
A 1 98 ASN 98 98 98 ASN ASN A . n 
A 1 99 LEU 99 99 99 LEU LEU A . n 
B 1 1  PRO 1  1  1  PRO PRO B . n 
B 1 2  GLN 2  2  2  GLN GLN B . n 
B 1 3  PHE 3  3  3  PHE PHE B . n 
B 1 4  SER 4  4  4  SER SER B . n 
B 1 5  LEU 5  5  5  LEU LEU B . n 
B 1 6  TRP 6  6  6  TRP TRP B . n 
B 1 7  LYS 7  7  7  LYS LYS B . n 
B 1 8  ARG 8  8  8  ARG ARG B . n 
B 1 9  PRO 9  9  9  PRO PRO B . n 
B 1 10 VAL 10 10 10 VAL VAL B . n 
B 1 11 VAL 11 11 11 VAL VAL B . n 
B 1 12 THR 12 12 12 THR THR B . n 
B 1 13 ALA 13 13 13 ALA ALA B . n 
B 1 14 TYR 14 14 14 TYR TYR B . n 
B 1 15 ILE 15 15 15 ILE ILE B . n 
B 1 16 GLU 16 16 16 GLU GLU B . n 
B 1 17 GLY 17 17 17 GLY GLY B . n 
B 1 18 GLN 18 18 18 GLN GLN B . n 
B 1 19 PRO 19 19 19 PRO PRO B . n 
B 1 20 VAL 20 20 20 VAL VAL B . n 
B 1 21 GLU 21 21 21 GLU GLU B . n 
B 1 22 VAL 22 22 22 VAL VAL B . n 
B 1 23 LEU 23 23 23 LEU LEU B . n 
B 1 24 LEU 24 24 24 LEU LEU B . n 
B 1 25 ASP 25 25 25 ASP ASP B . n 
B 1 26 THR 26 26 26 THR THR B . n 
B 1 27 GLY 27 27 27 GLY GLY B . n 
B 1 28 ALA 28 28 28 ALA ALA B . n 
B 1 29 ASP 29 29 29 ASP ASP B . n 
B 1 30 ASP 30 30 30 ASP ASP B . n 
B 1 31 SER 31 31 31 SER SER B . n 
B 1 32 ILE 32 32 32 ILE ILE B . n 
B 1 33 VAL 33 33 33 VAL VAL B . n 
B 1 34 ALA 34 34 34 ALA ALA B . n 
B 1 35 GLY 35 35 35 GLY GLY B . n 
B 1 36 ILE 36 36 36 ILE ILE B . n 
B 1 37 GLU 37 37 37 GLU GLU B . n 
B 1 38 LEU 38 38 38 LEU LEU B . n 
B 1 39 GLY 39 39 39 GLY GLY B . n 
B 1 40 ASN 40 40 40 ASN ASN B . n 
B 1 41 ASN 41 41 41 ASN ASN B . n 
B 1 42 TYR 42 42 42 TYR TYR B . n 
B 1 43 SER 43 43 43 SER SER B . n 
B 1 44 PRO 44 44 44 PRO PRO B . n 
B 1 45 LYS 45 45 45 LYS LYS B . n 
B 1 46 ILE 46 46 46 ILE ILE B . n 
B 1 47 VAL 47 47 47 VAL VAL B . n 
B 1 48 GLY 48 48 48 GLY GLY B . n 
B 1 49 GLY 49 49 49 GLY GLY B . n 
B 1 50 ILE 50 50 50 ILE ILE B . n 
B 1 51 GLY 51 51 51 GLY GLY B . n 
B 1 52 GLY 52 52 52 GLY GLY B . n 
B 1 53 PHE 53 53 53 PHE PHE B . n 
B 1 54 ILE 54 54 54 ILE ILE B . n 
B 1 55 ASN 55 55 55 ASN ASN B . n 
B 1 56 THR 56 56 56 THR THR B . n 
B 1 57 LEU 57 57 57 LEU LEU B . n 
B 1 58 GLU 58 58 58 GLU GLU B . n 
B 1 59 TYR 59 59 59 TYR TYR B . n 
B 1 60 LYS 60 60 60 LYS LYS B . n 
B 1 61 ASN 61 61 61 ASN ASN B . n 
B 1 62 VAL 62 62 62 VAL VAL B . n 
B 1 63 GLU 63 63 63 GLU GLU B . n 
B 1 64 ILE 64 64 64 ILE ILE B . n 
B 1 65 GLU 65 65 65 GLU GLU B . n 
B 1 66 VAL 66 66 66 VAL VAL B . n 
B 1 67 LEU 67 67 67 LEU LEU B . n 
B 1 68 ASN 68 68 68 ASN ASN B . n 
B 1 69 LYS 69 69 69 LYS LYS B . n 
B 1 70 LYS 70 70 70 LYS LYS B . n 
B 1 71 VAL 71 71 71 VAL VAL B . n 
B 1 72 ARG 72 72 72 ARG ARG B . n 
B 1 73 ALA 73 73 73 ALA ALA B . n 
B 1 74 THR 74 74 74 THR THR B . n 
B 1 75 ILE 75 75 75 ILE ILE B . n 
B 1 76 MET 76 76 76 MET MET B . n 
B 1 77 THR 77 77 77 THR THR B . n 
B 1 78 GLY 78 78 78 GLY GLY B . n 
B 1 79 ASP 79 79 79 ASP ASP B . n 
B 1 80 THR 80 80 80 THR THR B . n 
B 1 81 PRO 81 81 81 PRO PRO B . n 
B 1 82 ILE 82 82 82 ILE ILE B . n 
B 1 83 ASN 83 83 83 ASN ASN B . n 
B 1 84 ILE 84 84 84 ILE ILE B . n 
B 1 85 PHE 85 85 85 PHE PHE B . n 
B 1 86 GLY 86 86 86 GLY GLY B . n 
B 1 87 ARG 87 87 87 ARG ARG B . n 
B 1 88 ASN 88 88 88 ASN ASN B . n 
B 1 89 ILE 89 89 89 ILE ILE B . n 
B 1 90 LEU 90 90 90 LEU LEU B . n 
B 1 91 THR 91 91 91 THR THR B . n 
B 1 92 ALA 92 92 92 ALA ALA B . n 
B 1 93 LEU 93 93 93 LEU LEU B . n 
B 1 94 GLY 94 94 94 GLY GLY B . n 
B 1 95 MET 95 95 95 MET MET B . n 
B 1 96 SER 96 96 96 SER SER B . n 
B 1 97 LEU 97 97 97 LEU LEU B . n 
B 1 98 ASN 98 98 98 ASN ASN B . n 
B 1 99 LEU 99 99 99 LEU LEU B . n 
C 2 1  UNK 1  1  1  UNK UNK S . n 
C 2 2  UNK 2  2  2  UNK UNK S . n 
C 2 3  UNK 3  3  3  UNK UNK S . n 
C 2 4  UNK 4  4  4  UNK UNK S . n 
C 2 5  UNK 5  5  5  UNK UNK S . n 
C 2 6  UNK 6  6  6  UNK UNK S . n 
C 2 7  UNK 7  7  7  UNK UNK S . n 
C 2 8  UNK 8  8  8  UNK UNK S . n 
C 2 9  UNK 9  9  9  UNK UNK S . n 
# 
loop_
_pdbx_nonpoly_scheme.asym_id 
_pdbx_nonpoly_scheme.entity_id 
_pdbx_nonpoly_scheme.mon_id 
_pdbx_nonpoly_scheme.ndb_seq_num 
_pdbx_nonpoly_scheme.pdb_seq_num 
_pdbx_nonpoly_scheme.auth_seq_num 
_pdbx_nonpoly_scheme.pdb_mon_id 
_pdbx_nonpoly_scheme.auth_mon_id 
_pdbx_nonpoly_scheme.pdb_strand_id 
_pdbx_nonpoly_scheme.pdb_ins_code 
D 3 HOH 1  100 2   HOH HOH A . 
D 3 HOH 2  101 3   HOH HOH A . 
D 3 HOH 3  102 4   HOH HOH A . 
D 3 HOH 4  103 5   HOH HOH A . 
D 3 HOH 5  104 6   HOH HOH A . 
D 3 HOH 6  105 7   HOH HOH A . 
D 3 HOH 7  106 8   HOH HOH A . 
D 3 HOH 8  107 9   HOH HOH A . 
D 3 HOH 9  108 10  HOH HOH A . 
D 3 HOH 10 109 11  HOH HOH A . 
D 3 HOH 11 110 12  HOH HOH A . 
D 3 HOH 12 111 13  HOH HOH A . 
D 3 HOH 13 112 14  HOH HOH A . 
D 3 HOH 14 113 15  HOH HOH A . 
D 3 HOH 15 114 17  HOH HOH A . 
D 3 HOH 16 115 18  HOH HOH A . 
D 3 HOH 17 116 35  HOH HOH A . 
D 3 HOH 18 117 36  HOH HOH A . 
D 3 HOH 19 118 37  HOH HOH A . 
D 3 HOH 20 119 38  HOH HOH A . 
D 3 HOH 21 120 39  HOH HOH A . 
D 3 HOH 22 121 40  HOH HOH A . 
D 3 HOH 23 122 43  HOH HOH A . 
D 3 HOH 24 123 45  HOH HOH A . 
D 3 HOH 25 124 48  HOH HOH A . 
D 3 HOH 26 125 49  HOH HOH A . 
D 3 HOH 27 126 50  HOH HOH A . 
D 3 HOH 28 127 51  HOH HOH A . 
D 3 HOH 29 128 52  HOH HOH A . 
D 3 HOH 30 129 53  HOH HOH A . 
D 3 HOH 31 130 54  HOH HOH A . 
D 3 HOH 32 131 55  HOH HOH A . 
D 3 HOH 33 132 56  HOH HOH A . 
D 3 HOH 34 133 58  HOH HOH A . 
D 3 HOH 35 134 65  HOH HOH A . 
D 3 HOH 36 135 66  HOH HOH A . 
D 3 HOH 37 136 68  HOH HOH A . 
D 3 HOH 38 137 73  HOH HOH A . 
D 3 HOH 39 138 74  HOH HOH A . 
D 3 HOH 40 139 75  HOH HOH A . 
D 3 HOH 41 140 76  HOH HOH A . 
D 3 HOH 42 141 77  HOH HOH A . 
D 3 HOH 43 142 79  HOH HOH A . 
D 3 HOH 44 143 80  HOH HOH A . 
D 3 HOH 45 144 91  HOH HOH A . 
D 3 HOH 46 145 92  HOH HOH A . 
D 3 HOH 47 146 93  HOH HOH A . 
D 3 HOH 48 147 94  HOH HOH A . 
D 3 HOH 49 148 95  HOH HOH A . 
D 3 HOH 50 149 96  HOH HOH A . 
D 3 HOH 51 150 99  HOH HOH A . 
D 3 HOH 52 151 102 HOH HOH A . 
D 3 HOH 53 152 103 HOH HOH A . 
D 3 HOH 54 153 104 HOH HOH A . 
D 3 HOH 55 154 105 HOH HOH A . 
D 3 HOH 56 155 111 HOH HOH A . 
D 3 HOH 57 156 115 HOH HOH A . 
D 3 HOH 58 157 116 HOH HOH A . 
D 3 HOH 59 158 117 HOH HOH A . 
D 3 HOH 60 159 124 HOH HOH A . 
D 3 HOH 61 160 125 HOH HOH A . 
D 3 HOH 62 161 127 HOH HOH A . 
D 3 HOH 63 162 137 HOH HOH A . 
D 3 HOH 64 163 142 HOH HOH A . 
D 3 HOH 65 164 143 HOH HOH A . 
D 3 HOH 66 165 147 HOH HOH A . 
D 3 HOH 67 166 148 HOH HOH A . 
D 3 HOH 68 167 149 HOH HOH A . 
D 3 HOH 69 168 151 HOH HOH A . 
E 3 HOH 1  100 16  HOH HOH B . 
E 3 HOH 2  101 19  HOH HOH B . 
E 3 HOH 3  102 20  HOH HOH B . 
E 3 HOH 4  103 21  HOH HOH B . 
E 3 HOH 5  104 22  HOH HOH B . 
E 3 HOH 6  105 23  HOH HOH B . 
E 3 HOH 7  106 24  HOH HOH B . 
E 3 HOH 8  107 25  HOH HOH B . 
E 3 HOH 9  108 26  HOH HOH B . 
E 3 HOH 10 109 27  HOH HOH B . 
E 3 HOH 11 110 28  HOH HOH B . 
E 3 HOH 12 111 29  HOH HOH B . 
E 3 HOH 13 112 30  HOH HOH B . 
E 3 HOH 14 113 31  HOH HOH B . 
E 3 HOH 15 114 32  HOH HOH B . 
E 3 HOH 16 115 33  HOH HOH B . 
E 3 HOH 17 116 34  HOH HOH B . 
E 3 HOH 18 117 41  HOH HOH B . 
E 3 HOH 19 118 42  HOH HOH B . 
E 3 HOH 20 119 44  HOH HOH B . 
E 3 HOH 21 120 46  HOH HOH B . 
E 3 HOH 22 121 57  HOH HOH B . 
E 3 HOH 23 122 59  HOH HOH B . 
E 3 HOH 24 123 60  HOH HOH B . 
E 3 HOH 25 124 61  HOH HOH B . 
E 3 HOH 26 125 62  HOH HOH B . 
E 3 HOH 27 126 63  HOH HOH B . 
E 3 HOH 28 127 64  HOH HOH B . 
E 3 HOH 29 128 67  HOH HOH B . 
E 3 HOH 30 129 69  HOH HOH B . 
E 3 HOH 31 130 70  HOH HOH B . 
E 3 HOH 32 131 71  HOH HOH B . 
E 3 HOH 33 132 72  HOH HOH B . 
E 3 HOH 34 133 78  HOH HOH B . 
E 3 HOH 35 134 81  HOH HOH B . 
E 3 HOH 36 135 82  HOH HOH B . 
E 3 HOH 37 136 83  HOH HOH B . 
E 3 HOH 38 137 84  HOH HOH B . 
E 3 HOH 39 138 85  HOH HOH B . 
E 3 HOH 40 139 86  HOH HOH B . 
E 3 HOH 41 140 87  HOH HOH B . 
E 3 HOH 42 141 88  HOH HOH B . 
E 3 HOH 43 142 89  HOH HOH B . 
E 3 HOH 44 143 90  HOH HOH B . 
E 3 HOH 45 144 97  HOH HOH B . 
E 3 HOH 46 145 98  HOH HOH B . 
E 3 HOH 47 146 101 HOH HOH B . 
E 3 HOH 48 147 106 HOH HOH B . 
E 3 HOH 49 148 107 HOH HOH B . 
E 3 HOH 50 149 108 HOH HOH B . 
E 3 HOH 51 150 109 HOH HOH B . 
E 3 HOH 52 151 110 HOH HOH B . 
E 3 HOH 53 152 112 HOH HOH B . 
E 3 HOH 54 153 113 HOH HOH B . 
E 3 HOH 55 154 114 HOH HOH B . 
E 3 HOH 56 155 118 HOH HOH B . 
E 3 HOH 57 156 119 HOH HOH B . 
E 3 HOH 58 157 120 HOH HOH B . 
E 3 HOH 59 158 122 HOH HOH B . 
E 3 HOH 60 159 123 HOH HOH B . 
E 3 HOH 61 160 128 HOH HOH B . 
E 3 HOH 62 161 129 HOH HOH B . 
E 3 HOH 63 162 130 HOH HOH B . 
E 3 HOH 64 163 131 HOH HOH B . 
E 3 HOH 65 164 132 HOH HOH B . 
E 3 HOH 66 165 133 HOH HOH B . 
E 3 HOH 67 166 135 HOH HOH B . 
E 3 HOH 68 167 138 HOH HOH B . 
E 3 HOH 69 168 139 HOH HOH B . 
E 3 HOH 70 169 140 HOH HOH B . 
E 3 HOH 71 170 141 HOH HOH B . 
E 3 HOH 72 171 144 HOH HOH B . 
E 3 HOH 73 172 145 HOH HOH B . 
E 3 HOH 74 173 146 HOH HOH B . 
E 3 HOH 75 174 150 HOH HOH B . 
E 3 HOH 76 175 152 HOH HOH B . 
E 3 HOH 77 176 153 HOH HOH B . 
E 3 HOH 78 177 154 HOH HOH B . 
E 3 HOH 79 178 155 HOH HOH B . 
E 3 HOH 80 179 156 HOH HOH B . 
E 3 HOH 81 180 157 HOH HOH B . 
E 3 HOH 82 181 158 HOH HOH B . 
E 3 HOH 83 182 159 HOH HOH B . 
E 3 HOH 84 183 160 HOH HOH B . 
E 3 HOH 85 184 161 HOH HOH B . 
E 3 HOH 86 185 162 HOH HOH B . 
E 3 HOH 87 186 164 HOH HOH B . 
F 3 HOH 1  10  1   HOH HOH S . 
F 3 HOH 2  11  100 HOH HOH S . 
F 3 HOH 3  12  126 HOH HOH S . 
F 3 HOH 4  13  134 HOH HOH S . 
# 
_software.name             PROLSQ 
_software.classification   refinement 
_software.version          . 
_software.citation_id      ? 
_software.pdbx_ordinal     1 
# 
_cell.entry_id           2HPE 
_cell.length_a           58.230 
_cell.length_b           43.820 
_cell.length_c           39.180 
_cell.angle_alpha        90.00 
_cell.angle_beta         106.16 
_cell.angle_gamma        90.00 
_cell.Z_PDB              4 
_cell.pdbx_unique_axis   ? 
# 
_symmetry.entry_id                         2HPE 
_symmetry.space_group_name_H-M             'P 1 21 1' 
_symmetry.pdbx_full_space_group_name_H-M   ? 
_symmetry.cell_setting                     ? 
_symmetry.Int_Tables_number                4 
# 
_exptl.entry_id          2HPE 
_exptl.method            'X-RAY DIFFRACTION' 
_exptl.crystals_number   ? 
# 
_exptl_crystal.id                    1 
_exptl_crystal.density_meas          ? 
_exptl_crystal.density_Matthews      2.16 
_exptl_crystal.density_percent_sol   43.08 
_exptl_crystal.description           ? 
# 
_reflns.entry_id                     2HPE 
_reflns.observed_criterion_sigma_I   ? 
_reflns.observed_criterion_sigma_F   2.0 
_reflns.d_resolution_low             10.0 
_reflns.d_resolution_high            1.0 
_reflns.number_obs                   10638 
_reflns.number_all                   ? 
_reflns.percent_possible_obs         85.0 
_reflns.pdbx_Rmerge_I_obs            ? 
_reflns.pdbx_Rsym_value              ? 
_reflns.pdbx_netI_over_sigmaI        ? 
_reflns.B_iso_Wilson_estimate        ? 
_reflns.pdbx_redundancy              ? 
_reflns.pdbx_diffrn_id               1 
_reflns.pdbx_ordinal                 1 
# 
_refine.entry_id                                 2HPE 
_refine.ls_number_reflns_obs                     9218 
_refine.ls_number_reflns_all                     ? 
_refine.pdbx_ls_sigma_I                          ? 
_refine.pdbx_ls_sigma_F                          2.0 
_refine.pdbx_data_cutoff_high_absF               ? 
_refine.pdbx_data_cutoff_low_absF                ? 
_refine.pdbx_data_cutoff_high_rms_absF           ? 
_refine.ls_d_res_low                             10.0 
_refine.ls_d_res_high                            2.0 
_refine.ls_percent_reflns_obs                    ? 
_refine.ls_R_factor_obs                          0.1500000 
_refine.ls_R_factor_all                          ? 
_refine.ls_R_factor_R_work                       ? 
_refine.ls_R_factor_R_free                       ? 
_refine.ls_R_factor_R_free_error                 ? 
_refine.ls_R_factor_R_free_error_details         ? 
_refine.ls_percent_reflns_R_free                 ? 
_refine.ls_number_reflns_R_free                  ? 
_refine.ls_number_parameters                     ? 
_refine.ls_number_restraints                     ? 
_refine.occupancy_min                            ? 
_refine.occupancy_max                            ? 
_refine.B_iso_mean                               ? 
_refine.aniso_B[1][1]                            ? 
_refine.aniso_B[2][2]                            ? 
_refine.aniso_B[3][3]                            ? 
_refine.aniso_B[1][2]                            ? 
_refine.aniso_B[1][3]                            ? 
_refine.aniso_B[2][3]                            ? 
_refine.solvent_model_details                    ? 
_refine.solvent_model_param_ksol                 ? 
_refine.solvent_model_param_bsol                 ? 
_refine.pdbx_ls_cross_valid_method               ? 
_refine.details                                  
;ATOMS WITH B-FACTORS GREATER THAN 70.0 A**2 MAY BE
CONSIDERED TO BE DISORDERED OR NOT SEEN IN THE ELECTRON
DENSITY MAPS.
;
_refine.pdbx_starting_model                      ? 
_refine.pdbx_method_to_determine_struct          ? 
_refine.pdbx_isotropic_thermal_model             ? 
_refine.pdbx_stereochemistry_target_values       ? 
_refine.pdbx_stereochem_target_val_spec_case     ? 
_refine.pdbx_R_Free_selection_details            ? 
_refine.pdbx_overall_ESU_R                       ? 
_refine.pdbx_overall_ESU_R_Free                  ? 
_refine.overall_SU_ML                            ? 
_refine.overall_SU_B                             ? 
_refine.pdbx_refine_id                           'X-RAY DIFFRACTION' 
_refine.pdbx_diffrn_id                           1 
_refine.pdbx_TLS_residual_ADP_flag               ? 
_refine.correlation_coeff_Fo_to_Fc               ? 
_refine.correlation_coeff_Fo_to_Fc_free          ? 
_refine.pdbx_solvent_vdw_probe_radii             ? 
_refine.pdbx_solvent_ion_probe_radii             ? 
_refine.pdbx_solvent_shrinkage_radii             ? 
_refine.pdbx_overall_phase_error                 ? 
_refine.overall_SU_R_Cruickshank_DPI             ? 
_refine.pdbx_overall_SU_R_free_Cruickshank_DPI   ? 
_refine.pdbx_overall_SU_R_Blow_DPI               ? 
_refine.pdbx_overall_SU_R_free_Blow_DPI          ? 
# 
_refine_hist.pdbx_refine_id                   'X-RAY DIFFRACTION' 
_refine_hist.cycle_id                         LAST 
_refine_hist.pdbx_number_atoms_protein        1553 
_refine_hist.pdbx_number_atoms_nucleic_acid   0 
_refine_hist.pdbx_number_atoms_ligand         0 
_refine_hist.number_atoms_solvent             160 
_refine_hist.number_atoms_total               1713 
_refine_hist.d_res_high                       2.0 
_refine_hist.d_res_low                        10.0 
# 
_struct.entry_id                  2HPE 
_struct.title                     
'COMPARISON OF THE STRUCTURES OF HIV-2 PROTEASE COMPLEXES IN THREE CRYSTAL SPACE GROUPS WITH AN HIV-1 PROTEASE COMPLEX STRUCTURE' 
_struct.pdbx_model_details        ? 
_struct.pdbx_CASP_flag            ? 
_struct.pdbx_model_type_details   ? 
# 
_struct_keywords.entry_id        2HPE 
_struct_keywords.pdbx_keywords   'HYDROLASE(ACID PROTEASE)' 
_struct_keywords.text            'HYDROLASE(ACID PROTEASE)' 
# 
loop_
_struct_asym.id 
_struct_asym.pdbx_blank_PDB_chainid_flag 
_struct_asym.pdbx_modified 
_struct_asym.entity_id 
_struct_asym.details 
A N N 1 ? 
B N N 1 ? 
C N N 2 ? 
D N N 3 ? 
E N N 3 ? 
F N N 3 ? 
# 
loop_
_struct_ref.id 
_struct_ref.db_name 
_struct_ref.db_code 
_struct_ref.entity_id 
_struct_ref.pdbx_db_accession 
_struct_ref.pdbx_align_begin 
_struct_ref.pdbx_seq_one_letter_code 
_struct_ref.pdbx_db_isoform 
1 UNP POL_HV2RO 1 P04584 1 
;TGRFFRTGPLGKEAPQLPRGPSSAGADTNSTPSGSSSGSTGEIYAAREKTERAERETIQGSDRGLTAPRAGGDTIQGATN
RGLAAPQFSLWKRPVVTAYIEGQPVEVLLDTGADDSIVAGIELGNNYSPKIVGGIGGFINTKEYKNVEIEVLNKKVRATI
MTGDTPINIFGRNILTALGMSLNLPVAKVEPIKIMLKPGKDGPKLRQWPLTKEKIEALKEICEKMEKEGQLEEAPPTNPY
NTPTFAIKKKDKNKWRMLIDFRELNKVTQDFTEIQLGIPHPAGLAKKRRITVLDVGDAYFSIPLHEDFRPYTAFTLPSVN
NAEPGKRYIYKVLPQGWKGSPAIFQHTMRQVLEPFRKANKDVIIIQYMDDILIASDRTDLEHDRVVLQLKELLNGLGFST
PDEKFQKDPPYHWMGYELWPTKWKLQKIQLPQKEIWTVNDIQKLVGVLNWAAQLYPGIKTKHLCRLIRGKMTLTEEVQWT
ELAEAELEENRIILSQEQEGHYYQEEKELEATVQKDQENQWTYKIHQEEKILKVGKYAKVKNTHTNGIRLLAQVVQKIGK
EALVIWGRIPKFHLPVEREIWEQWWDNYWQVTWIPDWDFVSTPPLVRLAFNLVGDPIPGAETFYTDGSCNRQSKEGKAGY
VTDRGKDKVKKLEQTTNQQAELEAFAMALTDSGPKVNIIVDSQYVMGISASQPTESESKIVNQIIEEMIKKEAIYVAWVP
AHKGIGGNQEVDHLVSQGIRQVLFLEKIEPAQEEHEKYHSNVKELSHKFGIPNLVARQIVNSCAQCQQKGEAIHGQVNAE
LGTWQMDCTHLEGKIIIVAVHVASGFIEAEVIPQESGRQTALFLLKLASRWPITHLHTDNGANFTSQEVKMVAWWIGIEQ
SFGVPYNPQSQGVVEAMNHHLKNQISRIREQANTIETIVLMAIHCMNFKRRGGIGDMTPSERLINMITTEQEIQFLQAKN
SKLKDFRVYFREGRDQLWKGPGELLWKGEGAVLVKVGTDIKIIPRRKAKIIRDYGGRQEMDSGSHLEGAREDGEMA
;
? 
2 PDB 2HPE      2 2HPE   ? ? ? 
# 
loop_
_struct_ref_seq.align_id 
_struct_ref_seq.ref_id 
_struct_ref_seq.pdbx_PDB_id_code 
_struct_ref_seq.pdbx_strand_id 
_struct_ref_seq.seq_align_beg 
_struct_ref_seq.pdbx_seq_align_beg_ins_code 
_struct_ref_seq.seq_align_end 
_struct_ref_seq.pdbx_seq_align_end_ins_code 
_struct_ref_seq.pdbx_db_accession 
_struct_ref_seq.db_align_beg 
_struct_ref_seq.pdbx_db_align_beg_ins_code 
_struct_ref_seq.db_align_end 
_struct_ref_seq.pdbx_db_align_end_ins_code 
_struct_ref_seq.pdbx_auth_seq_align_beg 
_struct_ref_seq.pdbx_auth_seq_align_end 
1 1 2HPE A 1 ? 99 ? P04584 86 ? 184 ? 1 99 
2 1 2HPE B 1 ? 99 ? P04584 86 ? 184 ? 1 99 
3 2 2HPE S 1 ? 9  ? 2HPE   1  ? 9   ? 1 9  
# 
loop_
_struct_ref_seq_dif.align_id 
_struct_ref_seq_dif.pdbx_pdb_id_code 
_struct_ref_seq_dif.mon_id 
_struct_ref_seq_dif.pdbx_pdb_strand_id 
_struct_ref_seq_dif.seq_num 
_struct_ref_seq_dif.pdbx_pdb_ins_code 
_struct_ref_seq_dif.pdbx_seq_db_name 
_struct_ref_seq_dif.pdbx_seq_db_accession_code 
_struct_ref_seq_dif.db_mon_id 
_struct_ref_seq_dif.pdbx_seq_db_seq_num 
_struct_ref_seq_dif.details 
_struct_ref_seq_dif.pdbx_auth_seq_num 
_struct_ref_seq_dif.pdbx_ordinal 
1 2HPE LEU A 57 ? UNP P04584 LYS 142 conflict 57 1 
2 2HPE LEU B 57 ? UNP P04584 LYS 142 conflict 57 2 
# 
_pdbx_struct_assembly.id                   1 
_pdbx_struct_assembly.details              author_and_software_defined_assembly 
_pdbx_struct_assembly.method_details       PISA 
_pdbx_struct_assembly.oligomeric_details   trimeric 
_pdbx_struct_assembly.oligomeric_count     3 
# 
loop_
_pdbx_struct_assembly_prop.biol_id 
_pdbx_struct_assembly_prop.type 
_pdbx_struct_assembly_prop.value 
_pdbx_struct_assembly_prop.details 
1 'ABSA (A^2)' 4820 ? 
1 MORE         -24  ? 
1 'SSA (A^2)'  9700 ? 
# 
_pdbx_struct_assembly_gen.assembly_id       1 
_pdbx_struct_assembly_gen.oper_expression   1 
_pdbx_struct_assembly_gen.asym_id_list      A,B,C,D,E,F 
# 
_pdbx_struct_oper_list.id                   1 
_pdbx_struct_oper_list.type                 'identity operation' 
_pdbx_struct_oper_list.name                 1_555 
_pdbx_struct_oper_list.symmetry_operation   x,y,z 
_pdbx_struct_oper_list.matrix[1][1]         1.0000000000 
_pdbx_struct_oper_list.matrix[1][2]         0.0000000000 
_pdbx_struct_oper_list.matrix[1][3]         0.0000000000 
_pdbx_struct_oper_list.vector[1]            0.0000000000 
_pdbx_struct_oper_list.matrix[2][1]         0.0000000000 
_pdbx_struct_oper_list.matrix[2][2]         1.0000000000 
_pdbx_struct_oper_list.matrix[2][3]         0.0000000000 
_pdbx_struct_oper_list.vector[2]            0.0000000000 
_pdbx_struct_oper_list.matrix[3][1]         0.0000000000 
_pdbx_struct_oper_list.matrix[3][2]         0.0000000000 
_pdbx_struct_oper_list.matrix[3][3]         1.0000000000 
_pdbx_struct_oper_list.vector[3]            0.0000000000 
# 
_struct_biol.id   1 
# 
loop_
_struct_conf.conf_type_id 
_struct_conf.id 
_struct_conf.pdbx_PDB_helix_id 
_struct_conf.beg_label_comp_id 
_struct_conf.beg_label_asym_id 
_struct_conf.beg_label_seq_id 
_struct_conf.pdbx_beg_PDB_ins_code 
_struct_conf.end_label_comp_id 
_struct_conf.end_label_asym_id 
_struct_conf.end_label_seq_id 
_struct_conf.pdbx_end_PDB_ins_code 
_struct_conf.beg_auth_comp_id 
_struct_conf.beg_auth_asym_id 
_struct_conf.beg_auth_seq_id 
_struct_conf.end_auth_comp_id 
_struct_conf.end_auth_asym_id 
_struct_conf.end_auth_seq_id 
_struct_conf.pdbx_PDB_helix_class 
_struct_conf.details 
_struct_conf.pdbx_PDB_helix_length 
HELX_P HELX_P1 A1 GLY A 86 ? LEU A 93 ? GLY A 86 LEU A 93 1 ? 8 
HELX_P HELX_P2 B1 GLY B 86 ? LEU B 93 ? GLY B 86 LEU B 93 1 ? 8 
# 
_struct_conf_type.id          HELX_P 
_struct_conf_type.criteria    ? 
_struct_conf_type.reference   ? 
# 
loop_
_struct_sheet.id 
_struct_sheet.type 
_struct_sheet.number_strands 
_struct_sheet.details 
B1 ? 4 ? 
B2 ? 4 ? 
B3 ? 4 ? 
# 
loop_
_struct_sheet_order.sheet_id 
_struct_sheet_order.range_id_1 
_struct_sheet_order.range_id_2 
_struct_sheet_order.offset 
_struct_sheet_order.sense 
B1 1 2 ? anti-parallel 
B1 2 3 ? anti-parallel 
B1 3 4 ? anti-parallel 
B2 1 2 ? anti-parallel 
B2 2 3 ? anti-parallel 
B2 3 4 ? anti-parallel 
B3 1 2 ? anti-parallel 
B3 2 3 ? anti-parallel 
B3 3 4 ? anti-parallel 
# 
loop_
_struct_sheet_range.sheet_id 
_struct_sheet_range.id 
_struct_sheet_range.beg_label_comp_id 
_struct_sheet_range.beg_label_asym_id 
_struct_sheet_range.beg_label_seq_id 
_struct_sheet_range.pdbx_beg_PDB_ins_code 
_struct_sheet_range.end_label_comp_id 
_struct_sheet_range.end_label_asym_id 
_struct_sheet_range.end_label_seq_id 
_struct_sheet_range.pdbx_end_PDB_ins_code 
_struct_sheet_range.beg_auth_comp_id 
_struct_sheet_range.beg_auth_asym_id 
_struct_sheet_range.beg_auth_seq_id 
_struct_sheet_range.end_auth_comp_id 
_struct_sheet_range.end_auth_asym_id 
_struct_sheet_range.end_auth_seq_id 
B1 1 PRO A 1  ? PHE A 3  ? PRO A 1  PHE A 3  
B1 2 SER B 96 ? LEU B 99 ? SER B 96 LEU B 99 
B1 3 SER A 96 ? LEU A 99 ? SER A 96 LEU A 99 
B1 4 PRO B 1  ? PHE B 3  ? PRO B 1  PHE B 3  
B2 1 GLN A 18 ? VAL A 20 ? GLN A 18 VAL A 20 
B2 2 ALA A 13 ? ILE A 15 ? ALA A 13 ILE A 15 
B2 3 GLU A 63 ? VAL A 66 ? GLU A 63 VAL A 66 
B2 4 LYS A 69 ? VAL A 71 ? LYS A 69 VAL A 71 
B3 1 GLN B 18 ? VAL B 20 ? GLN B 18 VAL B 20 
B3 2 ALA B 13 ? ILE B 15 ? ALA B 13 ILE B 15 
B3 3 GLU B 63 ? VAL B 66 ? GLU B 63 VAL B 66 
B3 4 LYS B 69 ? VAL B 71 ? LYS B 69 VAL B 71 
# 
loop_
_pdbx_struct_sheet_hbond.sheet_id 
_pdbx_struct_sheet_hbond.range_id_1 
_pdbx_struct_sheet_hbond.range_id_2 
_pdbx_struct_sheet_hbond.range_1_label_atom_id 
_pdbx_struct_sheet_hbond.range_1_label_comp_id 
_pdbx_struct_sheet_hbond.range_1_label_asym_id 
_pdbx_struct_sheet_hbond.range_1_label_seq_id 
_pdbx_struct_sheet_hbond.range_1_PDB_ins_code 
_pdbx_struct_sheet_hbond.range_1_auth_atom_id 
_pdbx_struct_sheet_hbond.range_1_auth_comp_id 
_pdbx_struct_sheet_hbond.range_1_auth_asym_id 
_pdbx_struct_sheet_hbond.range_1_auth_seq_id 
_pdbx_struct_sheet_hbond.range_2_label_atom_id 
_pdbx_struct_sheet_hbond.range_2_label_comp_id 
_pdbx_struct_sheet_hbond.range_2_label_asym_id 
_pdbx_struct_sheet_hbond.range_2_label_seq_id 
_pdbx_struct_sheet_hbond.range_2_PDB_ins_code 
_pdbx_struct_sheet_hbond.range_2_auth_atom_id 
_pdbx_struct_sheet_hbond.range_2_auth_comp_id 
_pdbx_struct_sheet_hbond.range_2_auth_asym_id 
_pdbx_struct_sheet_hbond.range_2_auth_seq_id 
B1 1 2 O PHE A 3  ? O PHE A 3  N LEU B 97 ? N LEU B 97 
B1 2 3 O ASN B 98 ? O ASN B 98 N SER A 96 ? N SER A 96 
B1 3 4 O LEU A 97 ? O LEU A 97 N PHE B 3  ? N PHE B 3  
B2 1 2 O VAL A 20 ? O VAL A 20 N ALA A 13 ? N ALA A 13 
B2 2 3 O TYR A 14 ? O TYR A 14 N GLU A 65 ? N GLU A 65 
B2 3 4 O ILE A 64 ? O ILE A 64 N VAL A 71 ? N VAL A 71 
B3 1 2 O VAL B 20 ? O VAL B 20 N ALA B 13 ? N ALA B 13 
B3 2 3 O TYR B 14 ? O TYR B 14 N GLU B 65 ? N GLU B 65 
B3 3 4 O ILE B 64 ? O ILE B 64 N VAL B 71 ? N VAL B 71 
# 
_pdbx_validate_close_contact.id               1 
_pdbx_validate_close_contact.PDB_model_num    1 
_pdbx_validate_close_contact.auth_atom_id_1   O 
_pdbx_validate_close_contact.auth_asym_id_1   B 
_pdbx_validate_close_contact.auth_comp_id_1   ASN 
_pdbx_validate_close_contact.auth_seq_id_1    61 
_pdbx_validate_close_contact.PDB_ins_code_1   ? 
_pdbx_validate_close_contact.label_alt_id_1   ? 
_pdbx_validate_close_contact.auth_atom_id_2   NH1 
_pdbx_validate_close_contact.auth_asym_id_2   B 
_pdbx_validate_close_contact.auth_comp_id_2   ARG 
_pdbx_validate_close_contact.auth_seq_id_2    72 
_pdbx_validate_close_contact.PDB_ins_code_2   ? 
_pdbx_validate_close_contact.label_alt_id_2   ? 
_pdbx_validate_close_contact.dist             2.18 
# 
_pdbx_validate_symm_contact.id                1 
_pdbx_validate_symm_contact.PDB_model_num     1 
_pdbx_validate_symm_contact.auth_atom_id_1    OE2 
_pdbx_validate_symm_contact.auth_asym_id_1    A 
_pdbx_validate_symm_contact.auth_comp_id_1    GLU 
_pdbx_validate_symm_contact.auth_seq_id_1     37 
_pdbx_validate_symm_contact.PDB_ins_code_1    ? 
_pdbx_validate_symm_contact.label_alt_id_1    ? 
_pdbx_validate_symm_contact.site_symmetry_1   1_555 
_pdbx_validate_symm_contact.auth_atom_id_2    NZ 
_pdbx_validate_symm_contact.auth_asym_id_2    B 
_pdbx_validate_symm_contact.auth_comp_id_2    LYS 
_pdbx_validate_symm_contact.auth_seq_id_2     7 
_pdbx_validate_symm_contact.PDB_ins_code_2    ? 
_pdbx_validate_symm_contact.label_alt_id_2    ? 
_pdbx_validate_symm_contact.site_symmetry_2   2_646 
_pdbx_validate_symm_contact.dist              2.02 
# 
_pdbx_validate_rmsd_bond.id                        1 
_pdbx_validate_rmsd_bond.PDB_model_num             1 
_pdbx_validate_rmsd_bond.auth_atom_id_1            CG 
_pdbx_validate_rmsd_bond.auth_asym_id_1            A 
_pdbx_validate_rmsd_bond.auth_comp_id_1            GLU 
_pdbx_validate_rmsd_bond.auth_seq_id_1             58 
_pdbx_validate_rmsd_bond.PDB_ins_code_1            ? 
_pdbx_validate_rmsd_bond.label_alt_id_1            ? 
_pdbx_validate_rmsd_bond.auth_atom_id_2            CD 
_pdbx_validate_rmsd_bond.auth_asym_id_2            A 
_pdbx_validate_rmsd_bond.auth_comp_id_2            GLU 
_pdbx_validate_rmsd_bond.auth_seq_id_2             58 
_pdbx_validate_rmsd_bond.PDB_ins_code_2            ? 
_pdbx_validate_rmsd_bond.label_alt_id_2            ? 
_pdbx_validate_rmsd_bond.bond_value                1.617 
_pdbx_validate_rmsd_bond.bond_target_value         1.515 
_pdbx_validate_rmsd_bond.bond_deviation            0.102 
_pdbx_validate_rmsd_bond.bond_standard_deviation   0.015 
_pdbx_validate_rmsd_bond.linker_flag               N 
# 
loop_
_pdbx_validate_rmsd_angle.id 
_pdbx_validate_rmsd_angle.PDB_model_num 
_pdbx_validate_rmsd_angle.auth_atom_id_1 
_pdbx_validate_rmsd_angle.auth_asym_id_1 
_pdbx_validate_rmsd_angle.auth_comp_id_1 
_pdbx_validate_rmsd_angle.auth_seq_id_1 
_pdbx_validate_rmsd_angle.PDB_ins_code_1 
_pdbx_validate_rmsd_angle.label_alt_id_1 
_pdbx_validate_rmsd_angle.auth_atom_id_2 
_pdbx_validate_rmsd_angle.auth_asym_id_2 
_pdbx_validate_rmsd_angle.auth_comp_id_2 
_pdbx_validate_rmsd_angle.auth_seq_id_2 
_pdbx_validate_rmsd_angle.PDB_ins_code_2 
_pdbx_validate_rmsd_angle.label_alt_id_2 
_pdbx_validate_rmsd_angle.auth_atom_id_3 
_pdbx_validate_rmsd_angle.auth_asym_id_3 
_pdbx_validate_rmsd_angle.auth_comp_id_3 
_pdbx_validate_rmsd_angle.auth_seq_id_3 
_pdbx_validate_rmsd_angle.PDB_ins_code_3 
_pdbx_validate_rmsd_angle.label_alt_id_3 
_pdbx_validate_rmsd_angle.angle_value 
_pdbx_validate_rmsd_angle.angle_target_value 
_pdbx_validate_rmsd_angle.angle_deviation 
_pdbx_validate_rmsd_angle.angle_standard_deviation 
_pdbx_validate_rmsd_angle.linker_flag 
1 1 CA A TYR 14 ? ? CB A TYR 14 ? ? CG  A TYR 14 ? ? 101.08 113.40 -12.32 1.90 N 
2 1 CB A ASP 30 ? ? CG A ASP 30 ? ? OD1 A ASP 30 ? ? 123.91 118.30 5.61   0.90 N 
3 1 N  A SER 43 ? ? CA A SER 43 ? ? CB  A SER 43 ? ? 97.96  110.50 -12.54 1.50 N 
4 1 CG A MET 76 ? ? SD A MET 76 ? ? CE  A MET 76 ? ? 114.93 100.20 14.73  1.60 N 
5 1 N  B SER 43 ? ? CA B SER 43 ? ? CB  B SER 43 ? ? 124.17 110.50 13.67  1.50 N 
6 1 CG B MET 95 ? ? SD B MET 95 ? ? CE  B MET 95 ? ? 110.01 100.20 9.81   1.60 N 
# 
loop_
_pdbx_validate_torsion.id 
_pdbx_validate_torsion.PDB_model_num 
_pdbx_validate_torsion.auth_comp_id 
_pdbx_validate_torsion.auth_asym_id 
_pdbx_validate_torsion.auth_seq_id 
_pdbx_validate_torsion.PDB_ins_code 
_pdbx_validate_torsion.label_alt_id 
_pdbx_validate_torsion.phi 
_pdbx_validate_torsion.psi 
1 1 LEU A 5  ? ? 82.46 -0.11 
2 1 LEU B 5  ? ? 81.06 12.86 
3 1 ASN B 61 ? ? 71.95 32.43 
4 1 UNK S 2  ? ? 70.53 63.51 
# 
loop_
_pdbx_validate_planes.id 
_pdbx_validate_planes.PDB_model_num 
_pdbx_validate_planes.auth_comp_id 
_pdbx_validate_planes.auth_asym_id 
_pdbx_validate_planes.auth_seq_id 
_pdbx_validate_planes.PDB_ins_code 
_pdbx_validate_planes.label_alt_id 
_pdbx_validate_planes.rmsd 
_pdbx_validate_planes.type 
1 1 TYR A 42 ? ? 0.095 'SIDE CHAIN' 
2 1 PHE B 3  ? ? 0.079 'SIDE CHAIN' 
3 1 TYR B 14 ? ? 0.101 'SIDE CHAIN' 
# 
loop_
_pdbx_validate_main_chain_plane.id 
_pdbx_validate_main_chain_plane.PDB_model_num 
_pdbx_validate_main_chain_plane.auth_comp_id 
_pdbx_validate_main_chain_plane.auth_asym_id 
_pdbx_validate_main_chain_plane.auth_seq_id 
_pdbx_validate_main_chain_plane.PDB_ins_code 
_pdbx_validate_main_chain_plane.label_alt_id 
_pdbx_validate_main_chain_plane.improper_torsion_angle 
1 1 ILE A 82 ? ? 10.08 
2 1 VAL B 10 ? ? 10.90 
3 1 THR B 74 ? ? 11.44 
# 
_pdbx_entry_details.entry_id                 2HPE 
_pdbx_entry_details.compound_details         ? 
_pdbx_entry_details.source_details           ? 
_pdbx_entry_details.nonpolymer_details       ? 
_pdbx_entry_details.sequence_details         
;THERE IS A PEPTIDE FRAGMENT IN THE SUBSTRATE BINDING
POCKET.  BECAUSE THE SIDE GROUPS ARE NOT KNOWN FOR CERTAIN,
THE RESIDUES HAVE ALL BEEN REPRESENTED AS "UNK".  THERE
ARE COORDINATES PRESENT FOR FOUR OR FIVE ATOMS OF EACH OF
THESE RESIDUES (EACH CORRESPONDING TO THE ATOMS OF A
GLYCINE OR ALANINE.)
;
_pdbx_entry_details.has_ligand_of_interest   ? 
# 
loop_
_chem_comp_atom.comp_id 
_chem_comp_atom.atom_id 
_chem_comp_atom.type_symbol 
_chem_comp_atom.pdbx_aromatic_flag 
_chem_comp_atom.pdbx_stereo_config 
_chem_comp_atom.pdbx_ordinal 
ALA N    N N N 1   
ALA CA   C N S 2   
ALA C    C N N 3   
ALA O    O N N 4   
ALA CB   C N N 5   
ALA OXT  O N N 6   
ALA H    H N N 7   
ALA H2   H N N 8   
ALA HA   H N N 9   
ALA HB1  H N N 10  
ALA HB2  H N N 11  
ALA HB3  H N N 12  
ALA HXT  H N N 13  
ARG N    N N N 14  
ARG CA   C N S 15  
ARG C    C N N 16  
ARG O    O N N 17  
ARG CB   C N N 18  
ARG CG   C N N 19  
ARG CD   C N N 20  
ARG NE   N N N 21  
ARG CZ   C N N 22  
ARG NH1  N N N 23  
ARG NH2  N N N 24  
ARG OXT  O N N 25  
ARG H    H N N 26  
ARG H2   H N N 27  
ARG HA   H N N 28  
ARG HB2  H N N 29  
ARG HB3  H N N 30  
ARG HG2  H N N 31  
ARG HG3  H N N 32  
ARG HD2  H N N 33  
ARG HD3  H N N 34  
ARG HE   H N N 35  
ARG HH11 H N N 36  
ARG HH12 H N N 37  
ARG HH21 H N N 38  
ARG HH22 H N N 39  
ARG HXT  H N N 40  
ASN N    N N N 41  
ASN CA   C N S 42  
ASN C    C N N 43  
ASN O    O N N 44  
ASN CB   C N N 45  
ASN CG   C N N 46  
ASN OD1  O N N 47  
ASN ND2  N N N 48  
ASN OXT  O N N 49  
ASN H    H N N 50  
ASN H2   H N N 51  
ASN HA   H N N 52  
ASN HB2  H N N 53  
ASN HB3  H N N 54  
ASN HD21 H N N 55  
ASN HD22 H N N 56  
ASN HXT  H N N 57  
ASP N    N N N 58  
ASP CA   C N S 59  
ASP C    C N N 60  
ASP O    O N N 61  
ASP CB   C N N 62  
ASP CG   C N N 63  
ASP OD1  O N N 64  
ASP OD2  O N N 65  
ASP OXT  O N N 66  
ASP H    H N N 67  
ASP H2   H N N 68  
ASP HA   H N N 69  
ASP HB2  H N N 70  
ASP HB3  H N N 71  
ASP HD2  H N N 72  
ASP HXT  H N N 73  
GLN N    N N N 74  
GLN CA   C N S 75  
GLN C    C N N 76  
GLN O    O N N 77  
GLN CB   C N N 78  
GLN CG   C N N 79  
GLN CD   C N N 80  
GLN OE1  O N N 81  
GLN NE2  N N N 82  
GLN OXT  O N N 83  
GLN H    H N N 84  
GLN H2   H N N 85  
GLN HA   H N N 86  
GLN HB2  H N N 87  
GLN HB3  H N N 88  
GLN HG2  H N N 89  
GLN HG3  H N N 90  
GLN HE21 H N N 91  
GLN HE22 H N N 92  
GLN HXT  H N N 93  
GLU N    N N N 94  
GLU CA   C N S 95  
GLU C    C N N 96  
GLU O    O N N 97  
GLU CB   C N N 98  
GLU CG   C N N 99  
GLU CD   C N N 100 
GLU OE1  O N N 101 
GLU OE2  O N N 102 
GLU OXT  O N N 103 
GLU H    H N N 104 
GLU H2   H N N 105 
GLU HA   H N N 106 
GLU HB2  H N N 107 
GLU HB3  H N N 108 
GLU HG2  H N N 109 
GLU HG3  H N N 110 
GLU HE2  H N N 111 
GLU HXT  H N N 112 
GLY N    N N N 113 
GLY CA   C N N 114 
GLY C    C N N 115 
GLY O    O N N 116 
GLY OXT  O N N 117 
GLY H    H N N 118 
GLY H2   H N N 119 
GLY HA2  H N N 120 
GLY HA3  H N N 121 
GLY HXT  H N N 122 
HOH O    O N N 123 
HOH H1   H N N 124 
HOH H2   H N N 125 
ILE N    N N N 126 
ILE CA   C N S 127 
ILE C    C N N 128 
ILE O    O N N 129 
ILE CB   C N S 130 
ILE CG1  C N N 131 
ILE CG2  C N N 132 
ILE CD1  C N N 133 
ILE OXT  O N N 134 
ILE H    H N N 135 
ILE H2   H N N 136 
ILE HA   H N N 137 
ILE HB   H N N 138 
ILE HG12 H N N 139 
ILE HG13 H N N 140 
ILE HG21 H N N 141 
ILE HG22 H N N 142 
ILE HG23 H N N 143 
ILE HD11 H N N 144 
ILE HD12 H N N 145 
ILE HD13 H N N 146 
ILE HXT  H N N 147 
LEU N    N N N 148 
LEU CA   C N S 149 
LEU C    C N N 150 
LEU O    O N N 151 
LEU CB   C N N 152 
LEU CG   C N N 153 
LEU CD1  C N N 154 
LEU CD2  C N N 155 
LEU OXT  O N N 156 
LEU H    H N N 157 
LEU H2   H N N 158 
LEU HA   H N N 159 
LEU HB2  H N N 160 
LEU HB3  H N N 161 
LEU HG   H N N 162 
LEU HD11 H N N 163 
LEU HD12 H N N 164 
LEU HD13 H N N 165 
LEU HD21 H N N 166 
LEU HD22 H N N 167 
LEU HD23 H N N 168 
LEU HXT  H N N 169 
LYS N    N N N 170 
LYS CA   C N S 171 
LYS C    C N N 172 
LYS O    O N N 173 
LYS CB   C N N 174 
LYS CG   C N N 175 
LYS CD   C N N 176 
LYS CE   C N N 177 
LYS NZ   N N N 178 
LYS OXT  O N N 179 
LYS H    H N N 180 
LYS H2   H N N 181 
LYS HA   H N N 182 
LYS HB2  H N N 183 
LYS HB3  H N N 184 
LYS HG2  H N N 185 
LYS HG3  H N N 186 
LYS HD2  H N N 187 
LYS HD3  H N N 188 
LYS HE2  H N N 189 
LYS HE3  H N N 190 
LYS HZ1  H N N 191 
LYS HZ2  H N N 192 
LYS HZ3  H N N 193 
LYS HXT  H N N 194 
MET N    N N N 195 
MET CA   C N S 196 
MET C    C N N 197 
MET O    O N N 198 
MET CB   C N N 199 
MET CG   C N N 200 
MET SD   S N N 201 
MET CE   C N N 202 
MET OXT  O N N 203 
MET H    H N N 204 
MET H2   H N N 205 
MET HA   H N N 206 
MET HB2  H N N 207 
MET HB3  H N N 208 
MET HG2  H N N 209 
MET HG3  H N N 210 
MET HE1  H N N 211 
MET HE2  H N N 212 
MET HE3  H N N 213 
MET HXT  H N N 214 
PHE N    N N N 215 
PHE CA   C N S 216 
PHE C    C N N 217 
PHE O    O N N 218 
PHE CB   C N N 219 
PHE CG   C Y N 220 
PHE CD1  C Y N 221 
PHE CD2  C Y N 222 
PHE CE1  C Y N 223 
PHE CE2  C Y N 224 
PHE CZ   C Y N 225 
PHE OXT  O N N 226 
PHE H    H N N 227 
PHE H2   H N N 228 
PHE HA   H N N 229 
PHE HB2  H N N 230 
PHE HB3  H N N 231 
PHE HD1  H N N 232 
PHE HD2  H N N 233 
PHE HE1  H N N 234 
PHE HE2  H N N 235 
PHE HZ   H N N 236 
PHE HXT  H N N 237 
PRO N    N N N 238 
PRO CA   C N S 239 
PRO C    C N N 240 
PRO O    O N N 241 
PRO CB   C N N 242 
PRO CG   C N N 243 
PRO CD   C N N 244 
PRO OXT  O N N 245 
PRO H    H N N 246 
PRO HA   H N N 247 
PRO HB2  H N N 248 
PRO HB3  H N N 249 
PRO HG2  H N N 250 
PRO HG3  H N N 251 
PRO HD2  H N N 252 
PRO HD3  H N N 253 
PRO HXT  H N N 254 
SER N    N N N 255 
SER CA   C N S 256 
SER C    C N N 257 
SER O    O N N 258 
SER CB   C N N 259 
SER OG   O N N 260 
SER OXT  O N N 261 
SER H    H N N 262 
SER H2   H N N 263 
SER HA   H N N 264 
SER HB2  H N N 265 
SER HB3  H N N 266 
SER HG   H N N 267 
SER HXT  H N N 268 
THR N    N N N 269 
THR CA   C N S 270 
THR C    C N N 271 
THR O    O N N 272 
THR CB   C N R 273 
THR OG1  O N N 274 
THR CG2  C N N 275 
THR OXT  O N N 276 
THR H    H N N 277 
THR H2   H N N 278 
THR HA   H N N 279 
THR HB   H N N 280 
THR HG1  H N N 281 
THR HG21 H N N 282 
THR HG22 H N N 283 
THR HG23 H N N 284 
THR HXT  H N N 285 
TRP N    N N N 286 
TRP CA   C N S 287 
TRP C    C N N 288 
TRP O    O N N 289 
TRP CB   C N N 290 
TRP CG   C Y N 291 
TRP CD1  C Y N 292 
TRP CD2  C Y N 293 
TRP NE1  N Y N 294 
TRP CE2  C Y N 295 
TRP CE3  C Y N 296 
TRP CZ2  C Y N 297 
TRP CZ3  C Y N 298 
TRP CH2  C Y N 299 
TRP OXT  O N N 300 
TRP H    H N N 301 
TRP H2   H N N 302 
TRP HA   H N N 303 
TRP HB2  H N N 304 
TRP HB3  H N N 305 
TRP HD1  H N N 306 
TRP HE1  H N N 307 
TRP HE3  H N N 308 
TRP HZ2  H N N 309 
TRP HZ3  H N N 310 
TRP HH2  H N N 311 
TRP HXT  H N N 312 
TYR N    N N N 313 
TYR CA   C N S 314 
TYR C    C N N 315 
TYR O    O N N 316 
TYR CB   C N N 317 
TYR CG   C Y N 318 
TYR CD1  C Y N 319 
TYR CD2  C Y N 320 
TYR CE1  C Y N 321 
TYR CE2  C Y N 322 
TYR CZ   C Y N 323 
TYR OH   O N N 324 
TYR OXT  O N N 325 
TYR H    H N N 326 
TYR H2   H N N 327 
TYR HA   H N N 328 
TYR HB2  H N N 329 
TYR HB3  H N N 330 
TYR HD1  H N N 331 
TYR HD2  H N N 332 
TYR HE1  H N N 333 
TYR HE2  H N N 334 
TYR HH   H N N 335 
TYR HXT  H N N 336 
VAL N    N N N 337 
VAL CA   C N S 338 
VAL C    C N N 339 
VAL O    O N N 340 
VAL CB   C N N 341 
VAL CG1  C N N 342 
VAL CG2  C N N 343 
VAL OXT  O N N 344 
VAL H    H N N 345 
VAL H2   H N N 346 
VAL HA   H N N 347 
VAL HB   H N N 348 
VAL HG11 H N N 349 
VAL HG12 H N N 350 
VAL HG13 H N N 351 
VAL HG21 H N N 352 
VAL HG22 H N N 353 
VAL HG23 H N N 354 
VAL HXT  H N N 355 
# 
loop_
_chem_comp_bond.comp_id 
_chem_comp_bond.atom_id_1 
_chem_comp_bond.atom_id_2 
_chem_comp_bond.value_order 
_chem_comp_bond.pdbx_aromatic_flag 
_chem_comp_bond.pdbx_stereo_config 
_chem_comp_bond.pdbx_ordinal 
ALA N   CA   sing N N 1   
ALA N   H    sing N N 2   
ALA N   H2   sing N N 3   
ALA CA  C    sing N N 4   
ALA CA  CB   sing N N 5   
ALA CA  HA   sing N N 6   
ALA C   O    doub N N 7   
ALA C   OXT  sing N N 8   
ALA CB  HB1  sing N N 9   
ALA CB  HB2  sing N N 10  
ALA CB  HB3  sing N N 11  
ALA OXT HXT  sing N N 12  
ARG N   CA   sing N N 13  
ARG N   H    sing N N 14  
ARG N   H2   sing N N 15  
ARG CA  C    sing N N 16  
ARG CA  CB   sing N N 17  
ARG CA  HA   sing N N 18  
ARG C   O    doub N N 19  
ARG C   OXT  sing N N 20  
ARG CB  CG   sing N N 21  
ARG CB  HB2  sing N N 22  
ARG CB  HB3  sing N N 23  
ARG CG  CD   sing N N 24  
ARG CG  HG2  sing N N 25  
ARG CG  HG3  sing N N 26  
ARG CD  NE   sing N N 27  
ARG CD  HD2  sing N N 28  
ARG CD  HD3  sing N N 29  
ARG NE  CZ   sing N N 30  
ARG NE  HE   sing N N 31  
ARG CZ  NH1  sing N N 32  
ARG CZ  NH2  doub N N 33  
ARG NH1 HH11 sing N N 34  
ARG NH1 HH12 sing N N 35  
ARG NH2 HH21 sing N N 36  
ARG NH2 HH22 sing N N 37  
ARG OXT HXT  sing N N 38  
ASN N   CA   sing N N 39  
ASN N   H    sing N N 40  
ASN N   H2   sing N N 41  
ASN CA  C    sing N N 42  
ASN CA  CB   sing N N 43  
ASN CA  HA   sing N N 44  
ASN C   O    doub N N 45  
ASN C   OXT  sing N N 46  
ASN CB  CG   sing N N 47  
ASN CB  HB2  sing N N 48  
ASN CB  HB3  sing N N 49  
ASN CG  OD1  doub N N 50  
ASN CG  ND2  sing N N 51  
ASN ND2 HD21 sing N N 52  
ASN ND2 HD22 sing N N 53  
ASN OXT HXT  sing N N 54  
ASP N   CA   sing N N 55  
ASP N   H    sing N N 56  
ASP N   H2   sing N N 57  
ASP CA  C    sing N N 58  
ASP CA  CB   sing N N 59  
ASP CA  HA   sing N N 60  
ASP C   O    doub N N 61  
ASP C   OXT  sing N N 62  
ASP CB  CG   sing N N 63  
ASP CB  HB2  sing N N 64  
ASP CB  HB3  sing N N 65  
ASP CG  OD1  doub N N 66  
ASP CG  OD2  sing N N 67  
ASP OD2 HD2  sing N N 68  
ASP OXT HXT  sing N N 69  
GLN N   CA   sing N N 70  
GLN N   H    sing N N 71  
GLN N   H2   sing N N 72  
GLN CA  C    sing N N 73  
GLN CA  CB   sing N N 74  
GLN CA  HA   sing N N 75  
GLN C   O    doub N N 76  
GLN C   OXT  sing N N 77  
GLN CB  CG   sing N N 78  
GLN CB  HB2  sing N N 79  
GLN CB  HB3  sing N N 80  
GLN CG  CD   sing N N 81  
GLN CG  HG2  sing N N 82  
GLN CG  HG3  sing N N 83  
GLN CD  OE1  doub N N 84  
GLN CD  NE2  sing N N 85  
GLN NE2 HE21 sing N N 86  
GLN NE2 HE22 sing N N 87  
GLN OXT HXT  sing N N 88  
GLU N   CA   sing N N 89  
GLU N   H    sing N N 90  
GLU N   H2   sing N N 91  
GLU CA  C    sing N N 92  
GLU CA  CB   sing N N 93  
GLU CA  HA   sing N N 94  
GLU C   O    doub N N 95  
GLU C   OXT  sing N N 96  
GLU CB  CG   sing N N 97  
GLU CB  HB2  sing N N 98  
GLU CB  HB3  sing N N 99  
GLU CG  CD   sing N N 100 
GLU CG  HG2  sing N N 101 
GLU CG  HG3  sing N N 102 
GLU CD  OE1  doub N N 103 
GLU CD  OE2  sing N N 104 
GLU OE2 HE2  sing N N 105 
GLU OXT HXT  sing N N 106 
GLY N   CA   sing N N 107 
GLY N   H    sing N N 108 
GLY N   H2   sing N N 109 
GLY CA  C    sing N N 110 
GLY CA  HA2  sing N N 111 
GLY CA  HA3  sing N N 112 
GLY C   O    doub N N 113 
GLY C   OXT  sing N N 114 
GLY OXT HXT  sing N N 115 
HOH O   H1   sing N N 116 
HOH O   H2   sing N N 117 
ILE N   CA   sing N N 118 
ILE N   H    sing N N 119 
ILE N   H2   sing N N 120 
ILE CA  C    sing N N 121 
ILE CA  CB   sing N N 122 
ILE CA  HA   sing N N 123 
ILE C   O    doub N N 124 
ILE C   OXT  sing N N 125 
ILE CB  CG1  sing N N 126 
ILE CB  CG2  sing N N 127 
ILE CB  HB   sing N N 128 
ILE CG1 CD1  sing N N 129 
ILE CG1 HG12 sing N N 130 
ILE CG1 HG13 sing N N 131 
ILE CG2 HG21 sing N N 132 
ILE CG2 HG22 sing N N 133 
ILE CG2 HG23 sing N N 134 
ILE CD1 HD11 sing N N 135 
ILE CD1 HD12 sing N N 136 
ILE CD1 HD13 sing N N 137 
ILE OXT HXT  sing N N 138 
LEU N   CA   sing N N 139 
LEU N   H    sing N N 140 
LEU N   H2   sing N N 141 
LEU CA  C    sing N N 142 
LEU CA  CB   sing N N 143 
LEU CA  HA   sing N N 144 
LEU C   O    doub N N 145 
LEU C   OXT  sing N N 146 
LEU CB  CG   sing N N 147 
LEU CB  HB2  sing N N 148 
LEU CB  HB3  sing N N 149 
LEU CG  CD1  sing N N 150 
LEU CG  CD2  sing N N 151 
LEU CG  HG   sing N N 152 
LEU CD1 HD11 sing N N 153 
LEU CD1 HD12 sing N N 154 
LEU CD1 HD13 sing N N 155 
LEU CD2 HD21 sing N N 156 
LEU CD2 HD22 sing N N 157 
LEU CD2 HD23 sing N N 158 
LEU OXT HXT  sing N N 159 
LYS N   CA   sing N N 160 
LYS N   H    sing N N 161 
LYS N   H2   sing N N 162 
LYS CA  C    sing N N 163 
LYS CA  CB   sing N N 164 
LYS CA  HA   sing N N 165 
LYS C   O    doub N N 166 
LYS C   OXT  sing N N 167 
LYS CB  CG   sing N N 168 
LYS CB  HB2  sing N N 169 
LYS CB  HB3  sing N N 170 
LYS CG  CD   sing N N 171 
LYS CG  HG2  sing N N 172 
LYS CG  HG3  sing N N 173 
LYS CD  CE   sing N N 174 
LYS CD  HD2  sing N N 175 
LYS CD  HD3  sing N N 176 
LYS CE  NZ   sing N N 177 
LYS CE  HE2  sing N N 178 
LYS CE  HE3  sing N N 179 
LYS NZ  HZ1  sing N N 180 
LYS NZ  HZ2  sing N N 181 
LYS NZ  HZ3  sing N N 182 
LYS OXT HXT  sing N N 183 
MET N   CA   sing N N 184 
MET N   H    sing N N 185 
MET N   H2   sing N N 186 
MET CA  C    sing N N 187 
MET CA  CB   sing N N 188 
MET CA  HA   sing N N 189 
MET C   O    doub N N 190 
MET C   OXT  sing N N 191 
MET CB  CG   sing N N 192 
MET CB  HB2  sing N N 193 
MET CB  HB3  sing N N 194 
MET CG  SD   sing N N 195 
MET CG  HG2  sing N N 196 
MET CG  HG3  sing N N 197 
MET SD  CE   sing N N 198 
MET CE  HE1  sing N N 199 
MET CE  HE2  sing N N 200 
MET CE  HE3  sing N N 201 
MET OXT HXT  sing N N 202 
PHE N   CA   sing N N 203 
PHE N   H    sing N N 204 
PHE N   H2   sing N N 205 
PHE CA  C    sing N N 206 
PHE CA  CB   sing N N 207 
PHE CA  HA   sing N N 208 
PHE C   O    doub N N 209 
PHE C   OXT  sing N N 210 
PHE CB  CG   sing N N 211 
PHE CB  HB2  sing N N 212 
PHE CB  HB3  sing N N 213 
PHE CG  CD1  doub Y N 214 
PHE CG  CD2  sing Y N 215 
PHE CD1 CE1  sing Y N 216 
PHE CD1 HD1  sing N N 217 
PHE CD2 CE2  doub Y N 218 
PHE CD2 HD2  sing N N 219 
PHE CE1 CZ   doub Y N 220 
PHE CE1 HE1  sing N N 221 
PHE CE2 CZ   sing Y N 222 
PHE CE2 HE2  sing N N 223 
PHE CZ  HZ   sing N N 224 
PHE OXT HXT  sing N N 225 
PRO N   CA   sing N N 226 
PRO N   CD   sing N N 227 
PRO N   H    sing N N 228 
PRO CA  C    sing N N 229 
PRO CA  CB   sing N N 230 
PRO CA  HA   sing N N 231 
PRO C   O    doub N N 232 
PRO C   OXT  sing N N 233 
PRO CB  CG   sing N N 234 
PRO CB  HB2  sing N N 235 
PRO CB  HB3  sing N N 236 
PRO CG  CD   sing N N 237 
PRO CG  HG2  sing N N 238 
PRO CG  HG3  sing N N 239 
PRO CD  HD2  sing N N 240 
PRO CD  HD3  sing N N 241 
PRO OXT HXT  sing N N 242 
SER N   CA   sing N N 243 
SER N   H    sing N N 244 
SER N   H2   sing N N 245 
SER CA  C    sing N N 246 
SER CA  CB   sing N N 247 
SER CA  HA   sing N N 248 
SER C   O    doub N N 249 
SER C   OXT  sing N N 250 
SER CB  OG   sing N N 251 
SER CB  HB2  sing N N 252 
SER CB  HB3  sing N N 253 
SER OG  HG   sing N N 254 
SER OXT HXT  sing N N 255 
THR N   CA   sing N N 256 
THR N   H    sing N N 257 
THR N   H2   sing N N 258 
THR CA  C    sing N N 259 
THR CA  CB   sing N N 260 
THR CA  HA   sing N N 261 
THR C   O    doub N N 262 
THR C   OXT  sing N N 263 
THR CB  OG1  sing N N 264 
THR CB  CG2  sing N N 265 
THR CB  HB   sing N N 266 
THR OG1 HG1  sing N N 267 
THR CG2 HG21 sing N N 268 
THR CG2 HG22 sing N N 269 
THR CG2 HG23 sing N N 270 
THR OXT HXT  sing N N 271 
TRP N   CA   sing N N 272 
TRP N   H    sing N N 273 
TRP N   H2   sing N N 274 
TRP CA  C    sing N N 275 
TRP CA  CB   sing N N 276 
TRP CA  HA   sing N N 277 
TRP C   O    doub N N 278 
TRP C   OXT  sing N N 279 
TRP CB  CG   sing N N 280 
TRP CB  HB2  sing N N 281 
TRP CB  HB3  sing N N 282 
TRP CG  CD1  doub Y N 283 
TRP CG  CD2  sing Y N 284 
TRP CD1 NE1  sing Y N 285 
TRP CD1 HD1  sing N N 286 
TRP CD2 CE2  doub Y N 287 
TRP CD2 CE3  sing Y N 288 
TRP NE1 CE2  sing Y N 289 
TRP NE1 HE1  sing N N 290 
TRP CE2 CZ2  sing Y N 291 
TRP CE3 CZ3  doub Y N 292 
TRP CE3 HE3  sing N N 293 
TRP CZ2 CH2  doub Y N 294 
TRP CZ2 HZ2  sing N N 295 
TRP CZ3 CH2  sing Y N 296 
TRP CZ3 HZ3  sing N N 297 
TRP CH2 HH2  sing N N 298 
TRP OXT HXT  sing N N 299 
TYR N   CA   sing N N 300 
TYR N   H    sing N N 301 
TYR N   H2   sing N N 302 
TYR CA  C    sing N N 303 
TYR CA  CB   sing N N 304 
TYR CA  HA   sing N N 305 
TYR C   O    doub N N 306 
TYR C   OXT  sing N N 307 
TYR CB  CG   sing N N 308 
TYR CB  HB2  sing N N 309 
TYR CB  HB3  sing N N 310 
TYR CG  CD1  doub Y N 311 
TYR CG  CD2  sing Y N 312 
TYR CD1 CE1  sing Y N 313 
TYR CD1 HD1  sing N N 314 
TYR CD2 CE2  doub Y N 315 
TYR CD2 HD2  sing N N 316 
TYR CE1 CZ   doub Y N 317 
TYR CE1 HE1  sing N N 318 
TYR CE2 CZ   sing Y N 319 
TYR CE2 HE2  sing N N 320 
TYR CZ  OH   sing N N 321 
TYR OH  HH   sing N N 322 
TYR OXT HXT  sing N N 323 
VAL N   CA   sing N N 324 
VAL N   H    sing N N 325 
VAL N   H2   sing N N 326 
VAL CA  C    sing N N 327 
VAL CA  CB   sing N N 328 
VAL CA  HA   sing N N 329 
VAL C   O    doub N N 330 
VAL C   OXT  sing N N 331 
VAL CB  CG1  sing N N 332 
VAL CB  CG2  sing N N 333 
VAL CB  HB   sing N N 334 
VAL CG1 HG11 sing N N 335 
VAL CG1 HG12 sing N N 336 
VAL CG1 HG13 sing N N 337 
VAL CG2 HG21 sing N N 338 
VAL CG2 HG22 sing N N 339 
VAL CG2 HG23 sing N N 340 
VAL OXT HXT  sing N N 341 
# 
_atom_sites.entry_id                    2HPE 
_atom_sites.fract_transf_matrix[1][1]   -0.01156206 
_atom_sites.fract_transf_matrix[1][2]   -0.00522575 
_atom_sites.fract_transf_matrix[1][3]   0.01259694 
_atom_sites.fract_transf_matrix[2][1]   -0.01667629 
_atom_sites.fract_transf_matrix[2][2]   -0.00062659 
_atom_sites.fract_transf_matrix[2][3]   -0.01556621 
_atom_sites.fract_transf_matrix[3][1]   0.00079965 
_atom_sites.fract_transf_matrix[3][2]   -0.02656012 
_atom_sites.fract_transf_matrix[3][3]   0.00021246 
_atom_sites.fract_transf_vector[1]      0.249919 
_atom_sites.fract_transf_vector[2]      -0.037993 
_atom_sites.fract_transf_vector[3]      0.267490 
# 
loop_
_atom_type.symbol 
C 
N 
O 
S 
# 
loop_
_atom_site.group_PDB 
_atom_site.id 
_atom_site.type_symbol 
_atom_site.label_atom_id 
_atom_site.label_alt_id 
_atom_site.label_comp_id 
_atom_site.label_asym_id 
_atom_site.label_entity_id 
_atom_site.label_seq_id 
_atom_site.pdbx_PDB_ins_code 
_atom_site.Cartn_x 
_atom_site.Cartn_y 
_atom_site.Cartn_z 
_atom_site.occupancy 
_atom_site.B_iso_or_equiv 
_atom_site.pdbx_formal_charge 
_atom_site.auth_seq_id 
_atom_site.auth_comp_id 
_atom_site.auth_asym_id 
_atom_site.auth_atom_id 
_atom_site.pdbx_PDB_model_num 
ATOM   1    N N   . PRO A 1 1  ? -11.229 15.844  -1.749  1.00 42.40 ? 1   PRO A N   1 
ATOM   2    C CA  . PRO A 1 1  ? -9.821  16.358  -1.667  1.00 43.90 ? 1   PRO A CA  1 
ATOM   3    C C   . PRO A 1 1  ? -8.809  15.644  -2.588  1.00 31.80 ? 1   PRO A C   1 
ATOM   4    O O   . PRO A 1 1  ? -9.056  14.695  -3.324  1.00 27.60 ? 1   PRO A O   1 
ATOM   5    C CB  . PRO A 1 1  ? -9.377  16.227  -0.207  1.00 50.00 ? 1   PRO A CB  1 
ATOM   6    C CG  . PRO A 1 1  ? -10.390 15.274  0.416   1.00 46.80 ? 1   PRO A CG  1 
ATOM   7    C CD  . PRO A 1 1  ? -11.666 15.532  -0.364  1.00 43.10 ? 1   PRO A CD  1 
ATOM   8    N N   . GLN A 1 2  ? -7.615  16.088  -2.527  1.00 27.10 ? 2   GLN A N   1 
ATOM   9    C CA  . GLN A 1 2  ? -6.614  15.434  -3.327  1.00 24.70 ? 2   GLN A CA  1 
ATOM   10   C C   . GLN A 1 2  ? -5.406  15.110  -2.454  1.00 25.50 ? 2   GLN A C   1 
ATOM   11   O O   . GLN A 1 2  ? -5.004  15.890  -1.603  1.00 30.70 ? 2   GLN A O   1 
ATOM   12   C CB  . GLN A 1 2  ? -6.279  16.310  -4.476  1.00 25.10 ? 2   GLN A CB  1 
ATOM   13   C CG  . GLN A 1 2  ? -4.999  15.778  -5.076  1.00 29.80 ? 2   GLN A CG  1 
ATOM   14   C CD  . GLN A 1 2  ? -4.763  16.371  -6.448  1.00 34.30 ? 2   GLN A CD  1 
ATOM   15   O OE1 . GLN A 1 2  ? -3.834  17.181  -6.661  1.00 36.00 ? 2   GLN A OE1 1 
ATOM   16   N NE2 . GLN A 1 2  ? -5.634  15.943  -7.340  1.00 34.50 ? 2   GLN A NE2 1 
ATOM   17   N N   . PHE A 1 3  ? -4.888  13.938  -2.574  1.00 21.20 ? 3   PHE A N   1 
ATOM   18   C CA  . PHE A 1 3  ? -3.633  13.575  -1.923  1.00 22.00 ? 3   PHE A CA  1 
ATOM   19   C C   . PHE A 1 3  ? -2.571  13.379  -3.078  1.00 22.50 ? 3   PHE A C   1 
ATOM   20   O O   . PHE A 1 3  ? -2.784  12.565  -3.991  1.00 23.10 ? 3   PHE A O   1 
ATOM   21   C CB  . PHE A 1 3  ? -3.832  12.241  -1.149  1.00 25.00 ? 3   PHE A CB  1 
ATOM   22   C CG  . PHE A 1 3  ? -4.952  12.249  -0.076  1.00 29.40 ? 3   PHE A CG  1 
ATOM   23   C CD1 . PHE A 1 3  ? -6.259  11.931  -0.423  1.00 29.80 ? 3   PHE A CD1 1 
ATOM   24   C CD2 . PHE A 1 3  ? -4.645  12.575  1.257   1.00 33.00 ? 3   PHE A CD2 1 
ATOM   25   C CE1 . PHE A 1 3  ? -7.270  12.057  0.542   1.00 30.40 ? 3   PHE A CE1 1 
ATOM   26   C CE2 . PHE A 1 3  ? -5.661  12.680  2.219   1.00 34.60 ? 3   PHE A CE2 1 
ATOM   27   C CZ  . PHE A 1 3  ? -6.985  12.432  1.849   1.00 32.70 ? 3   PHE A CZ  1 
ATOM   28   N N   . SER A 1 4  ? -1.441  14.101  -2.954  1.00 21.60 ? 4   SER A N   1 
ATOM   29   C CA  . SER A 1 4  ? -0.483  14.250  -4.038  1.00 22.50 ? 4   SER A CA  1 
ATOM   30   C C   . SER A 1 4  ? 0.743   13.312  -3.824  1.00 22.20 ? 4   SER A C   1 
ATOM   31   O O   . SER A 1 4  ? 1.658   13.214  -4.656  1.00 23.50 ? 4   SER A O   1 
ATOM   32   C CB  . SER A 1 4  ? -0.086  15.744  -4.216  1.00 28.30 ? 4   SER A CB  1 
ATOM   33   O OG  . SER A 1 4  ? -0.713  16.244  -5.427  1.00 36.30 ? 4   SER A OG  1 
ATOM   34   N N   . LEU A 1 5  ? 0.811   12.750  -2.629  1.00 17.90 ? 5   LEU A N   1 
ATOM   35   C CA  . LEU A 1 5  ? 1.759   11.635  -2.396  1.00 12.40 ? 5   LEU A CA  1 
ATOM   36   C C   . LEU A 1 5  ? 3.209   12.041  -2.095  1.00 11.40 ? 5   LEU A C   1 
ATOM   37   O O   . LEU A 1 5  ? 3.995   11.168  -1.887  1.00 12.00 ? 5   LEU A O   1 
ATOM   38   C CB  . LEU A 1 5  ? 1.701   10.621  -3.489  1.00 11.10 ? 5   LEU A CB  1 
ATOM   39   C CG  . LEU A 1 5  ? 0.302   10.091  -3.739  1.00 11.00 ? 5   LEU A CG  1 
ATOM   40   C CD1 . LEU A 1 5  ? 0.295   9.275   -4.991  1.00 10.30 ? 5   LEU A CD1 1 
ATOM   41   C CD2 . LEU A 1 5  ? -0.357  9.385   -2.490  1.00 11.70 ? 5   LEU A CD2 1 
ATOM   42   N N   . TRP A 1 6  ? 3.565   13.310  -2.053  1.00 11.60 ? 6   TRP A N   1 
ATOM   43   C CA  . TRP A 1 6  ? 4.944   13.744  -1.696  1.00 14.00 ? 6   TRP A CA  1 
ATOM   44   C C   . TRP A 1 6  ? 5.279   13.331  -0.305  1.00 17.30 ? 6   TRP A C   1 
ATOM   45   O O   . TRP A 1 6  ? 6.396   12.806  0.044   1.00 18.20 ? 6   TRP A O   1 
ATOM   46   C CB  . TRP A 1 6  ? 4.998   15.232  -1.830  1.00 15.60 ? 6   TRP A CB  1 
ATOM   47   C CG  . TRP A 1 6  ? 5.014   15.602  -3.330  1.00 18.50 ? 6   TRP A CG  1 
ATOM   48   C CD1 . TRP A 1 6  ? 4.046   16.187  -4.046  1.00 20.10 ? 6   TRP A CD1 1 
ATOM   49   C CD2 . TRP A 1 6  ? 6.093   15.272  -4.242  1.00 21.30 ? 6   TRP A CD2 1 
ATOM   50   N NE1 . TRP A 1 6  ? 4.411   16.079  -5.436  1.00 23.60 ? 6   TRP A NE1 1 
ATOM   51   C CE2 . TRP A 1 6  ? 5.658   15.652  -5.515  1.00 25.80 ? 6   TRP A CE2 1 
ATOM   52   C CE3 . TRP A 1 6  ? 7.373   14.677  -4.097  1.00 20.60 ? 6   TRP A CE3 1 
ATOM   53   C CZ2 . TRP A 1 6  ? 6.483   15.567  -6.664  1.00 27.00 ? 6   TRP A CZ2 1 
ATOM   54   C CZ3 . TRP A 1 6  ? 8.173   14.606  -5.253  1.00 22.20 ? 6   TRP A CZ3 1 
ATOM   55   C CH2 . TRP A 1 6  ? 7.761   15.050  -6.480  1.00 24.70 ? 6   TRP A CH2 1 
ATOM   56   N N   . LYS A 1 7  ? 4.191   13.440  0.438   1.00 20.20 ? 7   LYS A N   1 
ATOM   57   C CA  . LYS A 1 7  ? 4.110   12.863  1.821   1.00 21.80 ? 7   LYS A CA  1 
ATOM   58   C C   . LYS A 1 7  ? 3.121   11.717  1.935   1.00 15.30 ? 7   LYS A C   1 
ATOM   59   O O   . LYS A 1 7  ? 2.073   11.720  1.241   1.00 14.80 ? 7   LYS A O   1 
ATOM   60   C CB  . LYS A 1 7  ? 3.667   13.911  2.804   1.00 33.20 ? 7   LYS A CB  1 
ATOM   61   C CG  . LYS A 1 7  ? 4.535   15.153  2.726   1.00 52.50 ? 7   LYS A CG  1 
ATOM   62   C CD  . LYS A 1 7  ? 4.048   16.249  3.669   1.00 75.70 ? 7   LYS A CD  1 
ATOM   63   C CE  . LYS A 1 7  ? 4.824   17.551  3.451   1.00 79.00 ? 7   LYS A CE  1 
ATOM   64   N NZ  . LYS A 1 7  ? 4.464   18.590  4.430   1.00 79.00 ? 7   LYS A NZ  1 
ATOM   65   N N   . ARG A 1 8  ? 3.300   10.898  2.959   1.00 13.00 ? 8   ARG A N   1 
ATOM   66   C CA  . ARG A 1 8  ? 2.304   9.783   3.161   1.00 16.30 ? 8   ARG A CA  1 
ATOM   67   C C   . ARG A 1 8  ? 0.877   10.318  3.252   1.00 19.20 ? 8   ARG A C   1 
ATOM   68   O O   . ARG A 1 8  ? 0.631   11.306  3.974   1.00 18.80 ? 8   ARG A O   1 
ATOM   69   C CB  . ARG A 1 8  ? 2.437   8.871   4.375   1.00 20.50 ? 8   ARG A CB  1 
ATOM   70   C CG  . ARG A 1 8  ? 3.837   8.392   4.644   1.00 24.40 ? 8   ARG A CG  1 
ATOM   71   C CD  . ARG A 1 8  ? 3.979   7.421   5.820   1.00 26.00 ? 8   ARG A CD  1 
ATOM   72   N NE  . ARG A 1 8  ? 5.339   6.817   5.741   1.00 31.90 ? 8   ARG A NE  1 
ATOM   73   C CZ  . ARG A 1 8  ? 5.878   5.978   6.640   1.00 43.40 ? 8   ARG A CZ  1 
ATOM   74   N NH1 . ARG A 1 8  ? 5.190   5.662   7.737   1.00 47.50 ? 8   ARG A NH1 1 
ATOM   75   N NH2 . ARG A 1 8  ? 7.101   5.464   6.458   1.00 47.70 ? 8   ARG A NH2 1 
ATOM   76   N N   . PRO A 1 9  ? -0.095  9.534   2.679   1.00 20.30 ? 9   PRO A N   1 
ATOM   77   C CA  . PRO A 1 9  ? -1.535  9.909   2.721   1.00 18.10 ? 9   PRO A CA  1 
ATOM   78   C C   . PRO A 1 9  ? -2.158  9.417   4.102   1.00 17.10 ? 9   PRO A C   1 
ATOM   79   O O   . PRO A 1 9  ? -2.860  8.391   4.199   1.00 17.00 ? 9   PRO A O   1 
ATOM   80   C CB  . PRO A 1 9  ? -2.139  9.225   1.468   1.00 14.60 ? 9   PRO A CB  1 
ATOM   81   C CG  . PRO A 1 9  ? -1.173  8.112   1.091   1.00 14.00 ? 9   PRO A CG  1 
ATOM   82   C CD  . PRO A 1 9  ? 0.146   8.400   1.738   1.00 17.70 ? 9   PRO A CD  1 
ATOM   83   N N   . VAL A 1 10 ? -1.846  10.132  5.154   1.00 16.20 ? 10  VAL A N   1 
ATOM   84   C CA  . VAL A 1 10 ? -2.332  9.772   6.526   1.00 16.60 ? 10  VAL A CA  1 
ATOM   85   C C   . VAL A 1 10 ? -3.485  10.691  6.997   1.00 15.60 ? 10  VAL A C   1 
ATOM   86   O O   . VAL A 1 10 ? -3.410  11.902  6.947   1.00 17.40 ? 10  VAL A O   1 
ATOM   87   C CB  . VAL A 1 10 ? -1.160  9.900   7.465   1.00 20.20 ? 10  VAL A CB  1 
ATOM   88   C CG1 . VAL A 1 10 ? -1.653  10.062  8.887   1.00 27.30 ? 10  VAL A CG1 1 
ATOM   89   C CG2 . VAL A 1 10 ? -0.200  8.708   7.331   1.00 15.70 ? 10  VAL A CG2 1 
ATOM   90   N N   . VAL A 1 11 ? -4.563  10.122  7.438   1.00 13.60 ? 11  VAL A N   1 
ATOM   91   C CA  . VAL A 1 11 ? -5.731  10.893  8.005   1.00 12.50 ? 11  VAL A CA  1 
ATOM   92   C C   . VAL A 1 11 ? -6.152  10.338  9.369   1.00 14.30 ? 11  VAL A C   1 
ATOM   93   O O   . VAL A 1 11 ? -5.824  9.205   9.744   1.00 13.30 ? 11  VAL A O   1 
ATOM   94   C CB  . VAL A 1 11 ? -7.027  10.891  7.140   1.00 14.10 ? 11  VAL A CB  1 
ATOM   95   C CG1 . VAL A 1 11 ? -6.773  11.615  5.856   1.00 16.60 ? 11  VAL A CG1 1 
ATOM   96   C CG2 . VAL A 1 11 ? -7.587  9.472   6.790   1.00 14.00 ? 11  VAL A CG2 1 
ATOM   97   N N   . THR A 1 12 ? -6.935  11.132  10.075  1.00 21.40 ? 12  THR A N   1 
ATOM   98   C CA  . THR A 1 12 ? -7.690  10.549  11.191  1.00 29.50 ? 12  THR A CA  1 
ATOM   99   C C   . THR A 1 12 ? -9.138  10.140  10.829  1.00 22.50 ? 12  THR A C   1 
ATOM   100  O O   . THR A 1 12 ? -9.919  10.757  10.071  1.00 19.80 ? 12  THR A O   1 
ATOM   101  C CB  . THR A 1 12 ? -7.535  11.370  12.449  1.00 41.70 ? 12  THR A CB  1 
ATOM   102  O OG1 . THR A 1 12 ? -8.238  12.568  12.259  1.00 53.60 ? 12  THR A OG1 1 
ATOM   103  C CG2 . THR A 1 12 ? -6.039  11.659  12.663  1.00 36.50 ? 12  THR A CG2 1 
ATOM   104  N N   . ALA A 1 13 ? -9.403  8.972   11.321  1.00 19.70 ? 13  ALA A N   1 
ATOM   105  C CA  . ALA A 1 13 ? -10.731 8.343   11.229  1.00 16.40 ? 13  ALA A CA  1 
ATOM   106  C C   . ALA A 1 13 ? -11.242 8.100   12.695  1.00 15.40 ? 13  ALA A C   1 
ATOM   107  O O   . ALA A 1 13 ? -10.431 7.951   13.614  1.00 16.10 ? 13  ALA A O   1 
ATOM   108  C CB  . ALA A 1 13 ? -10.485 6.953   10.628  1.00 14.30 ? 13  ALA A CB  1 
ATOM   109  N N   . TYR A 1 14 ? -12.543 7.954   12.820  1.00 13.50 ? 14  TYR A N   1 
ATOM   110  C CA  . TYR A 1 14 ? -13.265 7.427   14.028  1.00 13.60 ? 14  TYR A CA  1 
ATOM   111  C C   . TYR A 1 14 ? -13.775 6.088   13.738  1.00 13.20 ? 14  TYR A C   1 
ATOM   112  O O   . TYR A 1 14 ? -14.628 5.933   12.859  1.00 15.80 ? 14  TYR A O   1 
ATOM   113  C CB  . TYR A 1 14 ? -14.440 8.330   14.379  1.00 17.00 ? 14  TYR A CB  1 
ATOM   114  C CG  . TYR A 1 14 ? -13.725 9.648   14.653  1.00 23.70 ? 14  TYR A CG  1 
ATOM   115  C CD1 . TYR A 1 14 ? -13.145 9.847   15.890  1.00 35.30 ? 14  TYR A CD1 1 
ATOM   116  C CD2 . TYR A 1 14 ? -13.639 10.645  13.659  1.00 28.10 ? 14  TYR A CD2 1 
ATOM   117  C CE1 . TYR A 1 14 ? -12.421 11.002  16.150  1.00 51.30 ? 14  TYR A CE1 1 
ATOM   118  C CE2 . TYR A 1 14 ? -12.918 11.812  13.920  1.00 42.30 ? 14  TYR A CE2 1 
ATOM   119  C CZ  . TYR A 1 14 ? -12.303 11.982  15.169  1.00 61.70 ? 14  TYR A CZ  1 
ATOM   120  O OH  . TYR A 1 14 ? -11.600 13.119  15.441  1.00 78.90 ? 14  TYR A OH  1 
ATOM   121  N N   . ILE A 1 15 ? -13.345 5.143   14.525  1.00 13.10 ? 15  ILE A N   1 
ATOM   122  C CA  . ILE A 1 15 ? -13.848 3.773   14.433  1.00 17.20 ? 15  ILE A CA  1 
ATOM   123  C C   . ILE A 1 15 ? -14.664 3.476   15.722  1.00 21.80 ? 15  ILE A C   1 
ATOM   124  O O   . ILE A 1 15 ? -14.062 3.366   16.818  1.00 24.10 ? 15  ILE A O   1 
ATOM   125  C CB  . ILE A 1 15 ? -12.639 2.833   14.392  1.00 17.30 ? 15  ILE A CB  1 
ATOM   126  C CG1 . ILE A 1 15 ? -11.729 3.256   13.201  1.00 22.40 ? 15  ILE A CG1 1 
ATOM   127  C CG2 . ILE A 1 15 ? -13.092 1.394   14.328  1.00 12.70 ? 15  ILE A CG2 1 
ATOM   128  C CD1 . ILE A 1 15 ? -10.439 2.483   13.094  1.00 24.70 ? 15  ILE A CD1 1 
ATOM   129  N N   . GLU A 1 16 ? -15.996 3.443   15.516  1.00 22.40 ? 16  GLU A N   1 
ATOM   130  C CA  . GLU A 1 16 ? -17.068 3.365   16.564  1.00 19.90 ? 16  GLU A CA  1 
ATOM   131  C C   . GLU A 1 16 ? -16.798 4.476   17.629  1.00 19.70 ? 16  GLU A C   1 
ATOM   132  O O   . GLU A 1 16 ? -16.469 4.164   18.758  1.00 17.80 ? 16  GLU A O   1 
ATOM   133  C CB  . GLU A 1 16 ? -17.115 1.929   17.219  1.00 18.80 ? 16  GLU A CB  1 
ATOM   134  C CG  . GLU A 1 16 ? -17.641 0.737   16.373  1.00 28.80 ? 16  GLU A CG  1 
ATOM   135  C CD  . GLU A 1 16 ? -19.155 0.649   15.936  1.00 48.10 ? 16  GLU A CD  1 
ATOM   136  O OE1 . GLU A 1 16 ? -19.957 1.572   16.193  1.00 63.60 ? 16  GLU A OE1 1 
ATOM   137  O OE2 . GLU A 1 16 ? -19.590 -0.362  15.317  1.00 45.90 ? 16  GLU A OE2 1 
ATOM   138  N N   . GLY A 1 17 ? -16.621 5.697   17.164  1.00 20.70 ? 17  GLY A N   1 
ATOM   139  C CA  . GLY A 1 17 ? -16.249 6.870   18.024  1.00 21.50 ? 17  GLY A CA  1 
ATOM   140  C C   . GLY A 1 17 ? -14.767 7.166   18.475  1.00 22.10 ? 17  GLY A C   1 
ATOM   141  O O   . GLY A 1 17 ? -14.555 8.262   19.020  1.00 24.90 ? 17  GLY A O   1 
ATOM   142  N N   . GLN A 1 18 ? -13.877 6.194   18.440  1.00 23.60 ? 18  GLN A N   1 
ATOM   143  C CA  . GLN A 1 18 ? -12.411 6.308   18.758  1.00 29.80 ? 18  GLN A CA  1 
ATOM   144  C C   . GLN A 1 18 ? -11.576 6.806   17.505  1.00 30.60 ? 18  GLN A C   1 
ATOM   145  O O   . GLN A 1 18 ? -11.615 6.218   16.391  1.00 27.60 ? 18  GLN A O   1 
ATOM   146  C CB  . GLN A 1 18 ? -11.870 4.899   19.177  1.00 33.00 ? 18  GLN A CB  1 
ATOM   147  C CG  . GLN A 1 18 ? -12.927 4.094   19.937  1.00 40.60 ? 18  GLN A CG  1 
ATOM   148  C CD  . GLN A 1 18 ? -12.520 2.661   20.308  1.00 49.70 ? 18  GLN A CD  1 
ATOM   149  O OE1 . GLN A 1 18 ? -11.611 2.483   21.138  1.00 54.30 ? 18  GLN A OE1 1 
ATOM   150  N NE2 . GLN A 1 18 ? -13.315 1.705   19.836  1.00 49.30 ? 18  GLN A NE2 1 
ATOM   151  N N   . PRO A 1 19 ? -10.737 7.846   17.808  1.00 26.90 ? 19  PRO A N   1 
ATOM   152  C CA  . PRO A 1 19 ? -9.818  8.502   16.888  1.00 22.60 ? 19  PRO A CA  1 
ATOM   153  C C   . PRO A 1 19 ? -8.501  7.729   16.739  1.00 23.40 ? 19  PRO A C   1 
ATOM   154  O O   . PRO A 1 19 ? -7.796  7.260   17.677  1.00 23.30 ? 19  PRO A O   1 
ATOM   155  C CB  . PRO A 1 19 ? -9.705  9.912   17.376  1.00 22.90 ? 19  PRO A CB  1 
ATOM   156  C CG  . PRO A 1 19 ? -10.185 9.919   18.823  1.00 24.90 ? 19  PRO A CG  1 
ATOM   157  C CD  . PRO A 1 19 ? -10.683 8.522   19.126  1.00 25.90 ? 19  PRO A CD  1 
ATOM   158  N N   . VAL A 1 20 ? -8.303  7.452   15.460  1.00 26.50 ? 20  VAL A N   1 
ATOM   159  C CA  . VAL A 1 20 ? -7.139  6.686   14.909  1.00 25.80 ? 20  VAL A CA  1 
ATOM   160  C C   . VAL A 1 20 ? -6.608  7.396   13.659  1.00 21.70 ? 20  VAL A C   1 
ATOM   161  O O   . VAL A 1 20 ? -7.358  8.013   12.872  1.00 22.00 ? 20  VAL A O   1 
ATOM   162  C CB  . VAL A 1 20 ? -7.650  5.281   14.580  1.00 34.90 ? 20  VAL A CB  1 
ATOM   163  C CG1 . VAL A 1 20 ? -6.997  4.664   13.359  1.00 39.40 ? 20  VAL A CG1 1 
ATOM   164  C CG2 . VAL A 1 20 ? -7.503  4.390   15.806  1.00 40.20 ? 20  VAL A CG2 1 
ATOM   165  N N   . GLU A 1 21 ? -5.290  7.455   13.595  1.00 19.90 ? 21  GLU A N   1 
ATOM   166  C CA  . GLU A 1 21 ? -4.491  7.946   12.416  1.00 19.30 ? 21  GLU A CA  1 
ATOM   167  C C   . GLU A 1 21 ? -4.237  6.734   11.466  1.00 14.40 ? 21  GLU A C   1 
ATOM   168  O O   . GLU A 1 21 ? -3.844  5.635   11.867  1.00 14.00 ? 21  GLU A O   1 
ATOM   169  C CB  . GLU A 1 21 ? -3.164  8.493   12.976  1.00 33.60 ? 21  GLU A CB  1 
ATOM   170  C CG  . GLU A 1 21 ? -2.234  9.013   11.907  1.00 61.20 ? 21  GLU A CG  1 
ATOM   171  C CD  . GLU A 1 21 ? -1.083  9.733   12.574  1.00 79.00 ? 21  GLU A CD  1 
ATOM   172  O OE1 . GLU A 1 21 ? -0.647  9.298   13.661  1.00 79.00 ? 21  GLU A OE1 1 
ATOM   173  O OE2 . GLU A 1 21 ? -0.589  10.753  12.041  1.00 79.00 ? 21  GLU A OE2 1 
ATOM   174  N N   . VAL A 1 22 ? -4.693  6.854   10.260  1.00 11.50 ? 22  VAL A N   1 
ATOM   175  C CA  . VAL A 1 22 ? -4.673  5.683   9.402   1.00 11.10 ? 22  VAL A CA  1 
ATOM   176  C C   . VAL A 1 22 ? -3.945  6.022   8.048   1.00 11.50 ? 22  VAL A C   1 
ATOM   177  O O   . VAL A 1 22 ? -3.876  7.190   7.643   1.00 13.00 ? 22  VAL A O   1 
ATOM   178  C CB  . VAL A 1 22 ? -6.120  5.096   9.224   1.00 11.50 ? 22  VAL A CB  1 
ATOM   179  C CG1 . VAL A 1 22 ? -6.716  4.533   10.507  1.00 9.90  ? 22  VAL A CG1 1 
ATOM   180  C CG2 . VAL A 1 22 ? -7.082  6.041   8.425   1.00 12.80 ? 22  VAL A CG2 1 
ATOM   181  N N   . LEU A 1 23 ? -3.447  5.035   7.363   1.00 12.00 ? 23  LEU A N   1 
ATOM   182  C CA  . LEU A 1 23 ? -2.696  5.345   6.113   1.00 12.40 ? 23  LEU A CA  1 
ATOM   183  C C   . LEU A 1 23 ? -3.658  4.917   4.996   1.00 9.30  ? 23  LEU A C   1 
ATOM   184  O O   . LEU A 1 23 ? -4.162  3.797   5.035   1.00 7.90  ? 23  LEU A O   1 
ATOM   185  C CB  . LEU A 1 23 ? -1.345  4.478   6.117   1.00 13.80 ? 23  LEU A CB  1 
ATOM   186  C CG  . LEU A 1 23 ? -0.457  4.527   4.816   1.00 13.50 ? 23  LEU A CG  1 
ATOM   187  C CD1 . LEU A 1 23 ? -0.088  5.928   4.532   1.00 12.10 ? 23  LEU A CD1 1 
ATOM   188  C CD2 . LEU A 1 23 ? 0.876   3.763   5.034   1.00 14.90 ? 23  LEU A CD2 1 
ATOM   189  N N   . LEU A 1 24 ? -3.940  5.787   4.025   1.00 8.10  ? 24  LEU A N   1 
ATOM   190  C CA  . LEU A 1 24 ? -4.779  5.355   2.879   1.00 8.90  ? 24  LEU A CA  1 
ATOM   191  C C   . LEU A 1 24 ? -3.931  4.473   1.897   1.00 10.30 ? 24  LEU A C   1 
ATOM   192  O O   . LEU A 1 24 ? -3.007  5.038   1.245   1.00 12.00 ? 24  LEU A O   1 
ATOM   193  C CB  . LEU A 1 24 ? -5.434  6.530   2.178   1.00 10.70 ? 24  LEU A CB  1 
ATOM   194  C CG  . LEU A 1 24 ? -6.081  7.441   3.210   1.00 15.30 ? 24  LEU A CG  1 
ATOM   195  C CD1 . LEU A 1 24 ? -6.610  8.648   2.514   1.00 17.10 ? 24  LEU A CD1 1 
ATOM   196  C CD2 . LEU A 1 24 ? -7.322  6.723   3.790   1.00 16.50 ? 24  LEU A CD2 1 
ATOM   197  N N   . ASP A 1 25 ? -4.261  3.153   1.763   1.00 9.50  ? 25  ASP A N   1 
ATOM   198  C CA  . ASP A 1 25 ? -3.346  2.226   1.137   1.00 11.00 ? 25  ASP A CA  1 
ATOM   199  C C   . ASP A 1 25 ? -3.961  1.403   -0.093  1.00 12.20 ? 25  ASP A C   1 
ATOM   200  O O   . ASP A 1 25 ? -4.634  0.405   0.170   1.00 11.40 ? 25  ASP A O   1 
ATOM   201  C CB  . ASP A 1 25 ? -2.811  1.327   2.238   1.00 12.20 ? 25  ASP A CB  1 
ATOM   202  C CG  . ASP A 1 25 ? -1.720  0.369   1.723   1.00 14.20 ? 25  ASP A CG  1 
ATOM   203  O OD1 . ASP A 1 25 ? -1.390  0.364   0.548   1.00 14.10 ? 25  ASP A OD1 1 
ATOM   204  O OD2 . ASP A 1 25 ? -1.135  -0.441  2.452   1.00 15.70 ? 25  ASP A OD2 1 
ATOM   205  N N   . THR A 1 26 ? -3.664  1.824   -1.390  1.00 11.50 ? 26  THR A N   1 
ATOM   206  C CA  . THR A 1 26 ? -4.208  1.176   -2.629  1.00 9.10  ? 26  THR A CA  1 
ATOM   207  C C   . THR A 1 26 ? -3.638  -0.179  -2.823  1.00 8.30  ? 26  THR A C   1 
ATOM   208  O O   . THR A 1 26 ? -4.311  -1.029  -3.373  1.00 8.90  ? 26  THR A O   1 
ATOM   209  C CB  . THR A 1 26 ? -4.053  2.096   -3.796  1.00 8.90  ? 26  THR A CB  1 
ATOM   210  O OG1 . THR A 1 26 ? -2.643  2.286   -4.062  1.00 9.30  ? 26  THR A OG1 1 
ATOM   211  C CG2 . THR A 1 26 ? -4.834  3.483   -3.591  1.00 8.20  ? 26  THR A CG2 1 
ATOM   212  N N   . GLY A 1 27 ? -2.550  -0.473  -2.103  1.00 8.80  ? 27  GLY A N   1 
ATOM   213  C CA  . GLY A 1 27 ? -1.839  -1.804  -2.114  1.00 10.30 ? 27  GLY A CA  1 
ATOM   214  C C   . GLY A 1 27 ? -2.302  -2.812  -1.015  1.00 11.50 ? 27  GLY A C   1 
ATOM   215  O O   . GLY A 1 27 ? -1.757  -3.904  -1.028  1.00 13.30 ? 27  GLY A O   1 
ATOM   216  N N   . ALA A 1 28 ? -3.412  -2.519  -0.294  1.00 9.20  ? 28  ALA A N   1 
ATOM   217  C CA  . ALA A 1 28 ? -3.939  -3.387  0.781   1.00 6.80  ? 28  ALA A CA  1 
ATOM   218  C C   . ALA A 1 28 ? -5.357  -3.883  0.338   1.00 6.40  ? 28  ALA A C   1 
ATOM   219  O O   . ALA A 1 28 ? -6.133  -3.109  -0.196  1.00 7.90  ? 28  ALA A O   1 
ATOM   220  C CB  . ALA A 1 28 ? -4.090  -2.486  2.087   1.00 6.40  ? 28  ALA A CB  1 
ATOM   221  N N   . ASP A 1 29 ? -5.619  -5.117  0.287   1.00 6.10  ? 29  ASP A N   1 
ATOM   222  C CA  . ASP A 1 29 ? -6.983  -5.504  0.025   1.00 9.70  ? 29  ASP A CA  1 
ATOM   223  C C   . ASP A 1 29 ? -7.924  -5.124  1.225   1.00 12.00 ? 29  ASP A C   1 
ATOM   224  O O   . ASP A 1 29 ? -9.093  -4.721  0.966   1.00 14.20 ? 29  ASP A O   1 
ATOM   225  C CB  . ASP A 1 29 ? -7.127  -6.981  -0.221  1.00 13.30 ? 29  ASP A CB  1 
ATOM   226  C CG  . ASP A 1 29 ? -6.266  -7.572  -1.370  1.00 17.00 ? 29  ASP A CG  1 
ATOM   227  O OD1 . ASP A 1 29 ? -5.979  -6.888  -2.374  1.00 16.90 ? 29  ASP A OD1 1 
ATOM   228  O OD2 . ASP A 1 29 ? -5.870  -8.758  -1.259  1.00 18.90 ? 29  ASP A OD2 1 
ATOM   229  N N   . ASP A 1 30 ? -7.396  -5.118  2.449   1.00 12.70 ? 30  ASP A N   1 
ATOM   230  C CA  . ASP A 1 30 ? -8.199  -5.048  3.668   1.00 16.70 ? 30  ASP A CA  1 
ATOM   231  C C   . ASP A 1 30 ? -7.648  -3.954  4.475   1.00 18.10 ? 30  ASP A C   1 
ATOM   232  O O   . ASP A 1 30 ? -6.643  -3.366  4.040   1.00 19.40 ? 30  ASP A O   1 
ATOM   233  C CB  . ASP A 1 30 ? -8.249  -6.298  4.546   1.00 20.40 ? 30  ASP A CB  1 
ATOM   234  C CG  . ASP A 1 30 ? -8.351  -7.607  3.716   1.00 26.70 ? 30  ASP A CG  1 
ATOM   235  O OD1 . ASP A 1 30 ? -9.409  -7.989  3.118   1.00 31.20 ? 30  ASP A OD1 1 
ATOM   236  O OD2 . ASP A 1 30 ? -7.324  -8.311  3.638   1.00 27.20 ? 30  ASP A OD2 1 
ATOM   237  N N   . SER A 1 31 ? -8.447  -3.655  5.527   1.00 14.20 ? 31  SER A N   1 
ATOM   238  C CA  . SER A 1 31 ? -8.195  -2.582  6.481   1.00 9.80  ? 31  SER A CA  1 
ATOM   239  C C   . SER A 1 31 ? -7.821  -3.193  7.887   1.00 10.80 ? 31  SER A C   1 
ATOM   240  O O   . SER A 1 31 ? -8.528  -4.108  8.310   1.00 11.80 ? 31  SER A O   1 
ATOM   241  C CB  . SER A 1 31 ? -9.476  -1.822  6.469   1.00 7.60  ? 31  SER A CB  1 
ATOM   242  O OG  . SER A 1 31 ? -9.532  -1.224  5.177   1.00 8.50  ? 31  SER A OG  1 
ATOM   243  N N   . ILE A 1 32 ? -6.671  -2.746  8.508   1.00 11.10 ? 32  ILE A N   1 
ATOM   244  C CA  . ILE A 1 32 ? -6.093  -3.326  9.733   1.00 13.10 ? 32  ILE A CA  1 
ATOM   245  C C   . ILE A 1 32 ? -5.648  -2.279  10.650  1.00 15.80 ? 32  ILE A C   1 
ATOM   246  O O   . ILE A 1 32 ? -4.938  -1.342  10.230  1.00 16.70 ? 32  ILE A O   1 
ATOM   247  C CB  . ILE A 1 32 ? -4.869  -4.154  9.557   1.00 13.20 ? 32  ILE A CB  1 
ATOM   248  C CG1 . ILE A 1 32 ? -5.112  -4.919  8.307   1.00 19.70 ? 32  ILE A CG1 1 
ATOM   249  C CG2 . ILE A 1 32 ? -4.666  -5.065  10.853  1.00 10.20 ? 32  ILE A CG2 1 
ATOM   250  C CD1 . ILE A 1 32 ? -4.612  -6.330  8.338   1.00 25.00 ? 32  ILE A CD1 1 
ATOM   251  N N   . VAL A 1 33 ? -6.058  -2.483  11.918  1.00 14.20 ? 33  VAL A N   1 
ATOM   252  C CA  . VAL A 1 33 ? -6.019  -1.437  12.911  1.00 11.90 ? 33  VAL A CA  1 
ATOM   253  C C   . VAL A 1 33 ? -5.489  -2.011  14.195  1.00 9.40  ? 33  VAL A C   1 
ATOM   254  O O   . VAL A 1 33 ? -5.861  -3.110  14.488  1.00 8.30  ? 33  VAL A O   1 
ATOM   255  C CB  . VAL A 1 33 ? -7.381  -0.876  13.033  1.00 17.00 ? 33  VAL A CB  1 
ATOM   256  C CG1 . VAL A 1 33 ? -7.543  -0.101  14.370  1.00 22.40 ? 33  VAL A CG1 1 
ATOM   257  C CG2 . VAL A 1 33 ? -7.520  0.038   11.865  1.00 16.20 ? 33  VAL A CG2 1 
ATOM   258  N N   . ALA A 1 34 ? -4.452  -1.414  14.764  1.00 12.30 ? 34  ALA A N   1 
ATOM   259  C CA  . ALA A 1 34 ? -3.823  -1.922  15.991  1.00 15.30 ? 34  ALA A CA  1 
ATOM   260  C C   . ALA A 1 34 ? -4.370  -1.055  17.149  1.00 21.80 ? 34  ALA A C   1 
ATOM   261  O O   . ALA A 1 34 ? -4.794  0.098   16.948  1.00 22.30 ? 34  ALA A O   1 
ATOM   262  C CB  . ALA A 1 34 ? -2.297  -1.672  15.876  1.00 13.40 ? 34  ALA A CB  1 
ATOM   263  N N   . GLY A 1 35 ? -4.451  -1.644  18.336  1.00 28.40 ? 35  GLY A N   1 
ATOM   264  C CA  . GLY A 1 35 ? -4.894  -1.014  19.641  1.00 36.90 ? 35  GLY A CA  1 
ATOM   265  C C   . GLY A 1 35 ? -6.325  -0.376  19.743  1.00 47.20 ? 35  GLY A C   1 
ATOM   266  O O   . GLY A 1 35 ? -6.470  0.796   20.144  1.00 60.10 ? 35  GLY A O   1 
ATOM   267  N N   . ILE A 1 36 ? -7.358  -1.155  19.432  1.00 39.60 ? 36  ILE A N   1 
ATOM   268  C CA  . ILE A 1 36 ? -8.791  -0.775  19.658  1.00 35.30 ? 36  ILE A CA  1 
ATOM   269  C C   . ILE A 1 36 ? -9.501  -2.087  19.871  1.00 33.00 ? 36  ILE A C   1 
ATOM   270  O O   . ILE A 1 36 ? -8.974  -3.098  19.390  1.00 32.60 ? 36  ILE A O   1 
ATOM   271  C CB  . ILE A 1 36 ? -9.475  0.001   18.499  1.00 37.60 ? 36  ILE A CB  1 
ATOM   272  C CG1 . ILE A 1 36 ? -9.607  -0.900  17.249  1.00 52.70 ? 36  ILE A CG1 1 
ATOM   273  C CG2 . ILE A 1 36 ? -8.815  1.378   18.234  1.00 28.60 ? 36  ILE A CG2 1 
ATOM   274  C CD1 . ILE A 1 36 ? -10.272 -0.217  16.052  1.00 59.80 ? 36  ILE A CD1 1 
ATOM   275  N N   . GLU A 1 37 ? -10.538 -2.107  20.711  1.00 30.40 ? 37  GLU A N   1 
ATOM   276  C CA  . GLU A 1 37 ? -11.209 -3.389  21.003  1.00 28.50 ? 37  GLU A CA  1 
ATOM   277  C C   . GLU A 1 37 ? -12.624 -3.289  20.551  1.00 23.90 ? 37  GLU A C   1 
ATOM   278  O O   . GLU A 1 37 ? -13.355 -2.345  20.859  1.00 26.30 ? 37  GLU A O   1 
ATOM   279  C CB  . GLU A 1 37 ? -11.144 -3.766  22.475  1.00 33.40 ? 37  GLU A CB  1 
ATOM   280  C CG  . GLU A 1 37 ? -12.135 -4.918  22.808  1.00 35.80 ? 37  GLU A CG  1 
ATOM   281  C CD  . GLU A 1 37 ? -11.669 -6.366  22.575  1.00 41.70 ? 37  GLU A CD  1 
ATOM   282  O OE1 . GLU A 1 37 ? -10.592 -6.785  23.059  1.00 46.80 ? 37  GLU A OE1 1 
ATOM   283  O OE2 . GLU A 1 37 ? -12.388 -7.133  21.892  1.00 43.40 ? 37  GLU A OE2 1 
ATOM   284  N N   . LEU A 1 38 ? -12.925 -4.166  19.648  1.00 20.30 ? 38  LEU A N   1 
ATOM   285  C CA  . LEU A 1 38 ? -14.161 -4.076  18.908  1.00 19.50 ? 38  LEU A CA  1 
ATOM   286  C C   . LEU A 1 38 ? -15.211 -5.116  19.406  1.00 27.00 ? 38  LEU A C   1 
ATOM   287  O O   . LEU A 1 38 ? -16.323 -5.240  18.827  1.00 29.20 ? 38  LEU A O   1 
ATOM   288  C CB  . LEU A 1 38 ? -13.816 -4.262  17.451  1.00 14.80 ? 38  LEU A CB  1 
ATOM   289  C CG  . LEU A 1 38 ? -13.363 -2.957  16.821  1.00 16.50 ? 38  LEU A CG  1 
ATOM   290  C CD1 . LEU A 1 38 ? -13.066 -3.198  15.311  1.00 21.50 ? 38  LEU A CD1 1 
ATOM   291  C CD2 . LEU A 1 38 ? -14.252 -1.693  17.108  1.00 13.80 ? 38  LEU A CD2 1 
ATOM   292  N N   . GLY A 1 39 ? -14.728 -5.943  20.361  1.00 27.70 ? 39  GLY A N   1 
ATOM   293  C CA  . GLY A 1 39 ? -15.532 -6.869  21.174  1.00 26.20 ? 39  GLY A CA  1 
ATOM   294  C C   . GLY A 1 39 ? -15.330 -8.295  20.716  1.00 28.10 ? 39  GLY A C   1 
ATOM   295  O O   . GLY A 1 39 ? -14.312 -8.636  20.063  1.00 30.10 ? 39  GLY A O   1 
ATOM   296  N N   . ASN A 1 40 ? -16.441 -9.015  20.810  1.00 30.40 ? 40  ASN A N   1 
ATOM   297  C CA  . ASN A 1 40 ? -16.439 -10.507 20.812  1.00 37.80 ? 40  ASN A CA  1 
ATOM   298  C C   . ASN A 1 40 ? -17.046 -11.211 19.566  1.00 29.80 ? 40  ASN A C   1 
ATOM   299  O O   . ASN A 1 40 ? -17.182 -12.453 19.524  1.00 25.60 ? 40  ASN A O   1 
ATOM   300  C CB  . ASN A 1 40 ? -17.154 -11.031 22.085  1.00 57.70 ? 40  ASN A CB  1 
ATOM   301  C CG  . ASN A 1 40 ? -16.405 -10.712 23.388  1.00 70.00 ? 40  ASN A CG  1 
ATOM   302  O OD1 . ASN A 1 40 ? -15.320 -11.248 23.590  1.00 78.10 ? 40  ASN A OD1 1 
ATOM   303  N ND2 . ASN A 1 40 ? -17.006 -9.889  24.243  1.00 65.10 ? 40  ASN A ND2 1 
ATOM   304  N N   . ASN A 1 41 ? -17.520 -10.418 18.609  1.00 30.30 ? 41  ASN A N   1 
ATOM   305  C CA  . ASN A 1 41 ? -18.152 -11.017 17.418  1.00 28.00 ? 41  ASN A CA  1 
ATOM   306  C C   . ASN A 1 41 ? -17.136 -10.850 16.270  1.00 27.00 ? 41  ASN A C   1 
ATOM   307  O O   . ASN A 1 41 ? -17.182 -9.840  15.547  1.00 30.10 ? 41  ASN A O   1 
ATOM   308  C CB  . ASN A 1 41 ? -19.582 -10.393 17.106  1.00 27.40 ? 41  ASN A CB  1 
ATOM   309  C CG  . ASN A 1 41 ? -20.705 -10.510 18.198  1.00 28.20 ? 41  ASN A CG  1 
ATOM   310  O OD1 . ASN A 1 41 ? -20.720 -11.525 18.935  1.00 29.10 ? 41  ASN A OD1 1 
ATOM   311  N ND2 . ASN A 1 41 ? -21.620 -9.522  18.294  1.00 29.10 ? 41  ASN A ND2 1 
ATOM   312  N N   . TYR A 1 42 ? -16.208 -11.795 16.238  1.00 24.90 ? 42  TYR A N   1 
ATOM   313  C CA  . TYR A 1 42 ? -15.029 -11.859 15.348  1.00 24.00 ? 42  TYR A CA  1 
ATOM   314  C C   . TYR A 1 42 ? -14.885 -13.307 14.814  1.00 19.60 ? 42  TYR A C   1 
ATOM   315  O O   . TYR A 1 42 ? -15.412 -14.329 15.295  1.00 19.10 ? 42  TYR A O   1 
ATOM   316  C CB  . TYR A 1 42 ? -13.660 -11.377 15.980  1.00 23.90 ? 42  TYR A CB  1 
ATOM   317  C CG  . TYR A 1 42 ? -13.214 -12.355 17.064  1.00 19.40 ? 42  TYR A CG  1 
ATOM   318  C CD1 . TYR A 1 42 ? -12.489 -13.503 16.778  1.00 18.90 ? 42  TYR A CD1 1 
ATOM   319  C CD2 . TYR A 1 42 ? -13.554 -12.087 18.359  1.00 17.20 ? 42  TYR A CD2 1 
ATOM   320  C CE1 . TYR A 1 42 ? -12.277 -14.467 17.759  1.00 20.40 ? 42  TYR A CE1 1 
ATOM   321  C CE2 . TYR A 1 42 ? -13.313 -13.007 19.347  1.00 19.80 ? 42  TYR A CE2 1 
ATOM   322  C CZ  . TYR A 1 42 ? -12.725 -14.217 19.055  1.00 23.10 ? 42  TYR A CZ  1 
ATOM   323  O OH  . TYR A 1 42 ? -12.654 -15.171 20.060  1.00 26.80 ? 42  TYR A OH  1 
ATOM   324  N N   . SER A 1 43 ? -14.232 -13.307 13.702  1.00 18.00 ? 43  SER A N   1 
ATOM   325  C CA  . SER A 1 43 ? -13.746 -14.499 13.050  1.00 21.00 ? 43  SER A CA  1 
ATOM   326  C C   . SER A 1 43 ? -12.196 -14.308 12.833  1.00 18.90 ? 43  SER A C   1 
ATOM   327  O O   . SER A 1 43 ? -11.808 -13.250 12.374  1.00 20.30 ? 43  SER A O   1 
ATOM   328  C CB  . SER A 1 43 ? -14.547 -14.363 11.730  1.00 27.90 ? 43  SER A CB  1 
ATOM   329  O OG  . SER A 1 43 ? -14.573 -15.588 11.025  1.00 32.40 ? 43  SER A OG  1 
ATOM   330  N N   . PRO A 1 44 ? -11.321 -15.169 13.366  1.00 15.30 ? 44  PRO A N   1 
ATOM   331  C CA  . PRO A 1 44 ? -9.855  -15.132 13.107  1.00 15.20 ? 44  PRO A CA  1 
ATOM   332  C C   . PRO A 1 44 ? -9.519  -15.375 11.610  1.00 20.30 ? 44  PRO A C   1 
ATOM   333  O O   . PRO A 1 44 ? -10.130 -16.249 10.906  1.00 22.40 ? 44  PRO A O   1 
ATOM   334  C CB  . PRO A 1 44 ? -9.294  -16.337 13.841  1.00 12.00 ? 44  PRO A CB  1 
ATOM   335  C CG  . PRO A 1 44 ? -10.438 -17.284 14.047  1.00 12.70 ? 44  PRO A CG  1 
ATOM   336  C CD  . PRO A 1 44 ? -11.662 -16.399 14.163  1.00 14.10 ? 44  PRO A CD  1 
ATOM   337  N N   . LYS A 1 45 ? -8.480  -14.626 11.175  1.00 20.70 ? 45  LYS A N   1 
ATOM   338  C CA  . LYS A 1 45 ? -8.090  -14.520 9.733   1.00 19.50 ? 45  LYS A CA  1 
ATOM   339  C C   . LYS A 1 45 ? -6.554  -14.522 9.608   1.00 18.50 ? 45  LYS A C   1 
ATOM   340  O O   . LYS A 1 45 ? -5.886  -14.169 10.586  1.00 16.90 ? 45  LYS A O   1 
ATOM   341  C CB  . LYS A 1 45 ? -8.552  -13.173 9.157   1.00 18.80 ? 45  LYS A CB  1 
ATOM   342  C CG  . LYS A 1 45 ? -9.985  -13.217 8.839   1.00 19.80 ? 45  LYS A CG  1 
ATOM   343  C CD  . LYS A 1 45 ? -10.187 -14.299 7.793   1.00 26.50 ? 45  LYS A CD  1 
ATOM   344  C CE  . LYS A 1 45 ? -11.646 -14.775 7.587   1.00 32.30 ? 45  LYS A CE  1 
ATOM   345  N NZ  . LYS A 1 45 ? -11.816 -15.641 6.393   1.00 33.80 ? 45  LYS A NZ  1 
ATOM   346  N N   . ILE A 1 46 ? -6.030  -14.837 8.402   1.00 21.00 ? 46  ILE A N   1 
ATOM   347  C CA  . ILE A 1 46 ? -4.609  -14.549 8.145   1.00 23.70 ? 46  ILE A CA  1 
ATOM   348  C C   . ILE A 1 46 ? -4.345  -13.650 6.957   1.00 19.80 ? 46  ILE A C   1 
ATOM   349  O O   . ILE A 1 46 ? -4.887  -13.906 5.875   1.00 18.60 ? 46  ILE A O   1 
ATOM   350  C CB  . ILE A 1 46 ? -3.806  -15.808 8.089   1.00 32.50 ? 46  ILE A CB  1 
ATOM   351  C CG1 . ILE A 1 46 ? -4.309  -16.735 9.169   1.00 45.00 ? 46  ILE A CG1 1 
ATOM   352  C CG2 . ILE A 1 46 ? -2.338  -15.435 8.368   1.00 37.20 ? 46  ILE A CG2 1 
ATOM   353  C CD1 . ILE A 1 46 ? -3.467  -18.004 9.251   1.00 61.60 ? 46  ILE A CD1 1 
ATOM   354  N N   . VAL A 1 47 ? -3.576  -12.600 7.148   1.00 17.70 ? 47  VAL A N   1 
ATOM   355  C CA  . VAL A 1 47 ? -3.322  -11.702 5.985   1.00 16.80 ? 47  VAL A CA  1 
ATOM   356  C C   . VAL A 1 47 ? -1.814  -11.693 5.708   1.00 16.00 ? 47  VAL A C   1 
ATOM   357  O O   . VAL A 1 47 ? -1.133  -11.940 6.666   1.00 15.30 ? 47  VAL A O   1 
ATOM   358  C CB  . VAL A 1 47 ? -3.815  -10.348 6.358   1.00 17.10 ? 47  VAL A CB  1 
ATOM   359  C CG1 . VAL A 1 47 ? -5.176  -10.536 6.940   1.00 15.60 ? 47  VAL A CG1 1 
ATOM   360  C CG2 . VAL A 1 47 ? -2.918  -9.722  7.368   1.00 18.60 ? 47  VAL A CG2 1 
ATOM   361  N N   . GLY A 1 48 ? -1.306  -11.506 4.504   1.00 15.40 ? 48  GLY A N   1 
ATOM   362  C CA  . GLY A 1 48 ? 0.157   -11.427 4.259   1.00 16.50 ? 48  GLY A CA  1 
ATOM   363  C C   . GLY A 1 48 ? 0.566   -9.990  3.894   1.00 19.20 ? 48  GLY A C   1 
ATOM   364  O O   . GLY A 1 48 ? -0.213  -9.087  3.557   1.00 18.80 ? 48  GLY A O   1 
ATOM   365  N N   . GLY A 1 49 ? 1.842   -9.759  4.000   1.00 21.60 ? 49  GLY A N   1 
ATOM   366  C CA  . GLY A 1 49 ? 2.426   -8.573  3.377   1.00 21.50 ? 49  GLY A CA  1 
ATOM   367  C C   . GLY A 1 49 ? 3.837   -8.873  3.134   1.00 22.10 ? 49  GLY A C   1 
ATOM   368  O O   . GLY A 1 49 ? 4.195   -10.032 3.131   1.00 24.20 ? 49  GLY A O   1 
ATOM   369  N N   . ILE A 1 50 ? 4.625   -7.849  2.906   1.00 20.40 ? 50  ILE A N   1 
ATOM   370  C CA  . ILE A 1 50 ? 6.120   -7.917  2.991   1.00 19.20 ? 50  ILE A CA  1 
ATOM   371  C C   . ILE A 1 50 ? 6.604   -8.317  4.429   1.00 19.90 ? 50  ILE A C   1 
ATOM   372  O O   . ILE A 1 50 ? 6.345   -7.546  5.379   1.00 22.40 ? 50  ILE A O   1 
ATOM   373  C CB  . ILE A 1 50 ? 6.680   -6.514  2.724   1.00 23.20 ? 50  ILE A CB  1 
ATOM   374  C CG1 . ILE A 1 50 ? 6.520   -6.068  1.309   1.00 30.30 ? 50  ILE A CG1 1 
ATOM   375  C CG2 . ILE A 1 50 ? 8.143   -6.266  3.206   1.00 25.30 ? 50  ILE A CG2 1 
ATOM   376  C CD1 . ILE A 1 50 ? 7.190   -4.696  1.177   1.00 36.30 ? 50  ILE A CD1 1 
ATOM   377  N N   . GLY A 1 51 ? 7.274   -9.477  4.581   1.00 17.80 ? 51  GLY A N   1 
ATOM   378  C CA  . GLY A 1 51 ? 7.903   -9.859  5.875   1.00 19.40 ? 51  GLY A CA  1 
ATOM   379  C C   . GLY A 1 51 ? 7.211   -11.046 6.530   1.00 29.60 ? 51  GLY A C   1 
ATOM   380  O O   . GLY A 1 51 ? 7.642   -11.536 7.607   1.00 37.30 ? 51  GLY A O   1 
ATOM   381  N N   . GLY A 1 52 ? 6.155   -11.505 5.878   1.00 31.10 ? 52  GLY A N   1 
ATOM   382  C CA  . GLY A 1 52 ? 5.381   -12.677 6.383   1.00 29.30 ? 52  GLY A CA  1 
ATOM   383  C C   . GLY A 1 52 ? 3.886   -12.346 6.548   1.00 26.50 ? 52  GLY A C   1 
ATOM   384  O O   . GLY A 1 52 ? 3.402   -11.335 6.037   1.00 22.10 ? 52  GLY A O   1 
ATOM   385  N N   . PHE A 1 53 ? 3.342   -13.005 7.550   1.00 29.00 ? 53  PHE A N   1 
ATOM   386  C CA  . PHE A 1 53 ? 1.887   -13.186 7.827   1.00 27.10 ? 53  PHE A CA  1 
ATOM   387  C C   . PHE A 1 53 ? 1.448   -12.660 9.198   1.00 25.00 ? 53  PHE A C   1 
ATOM   388  O O   . PHE A 1 53 ? 2.234   -12.540 10.141  1.00 26.80 ? 53  PHE A O   1 
ATOM   389  C CB  . PHE A 1 53 ? 1.590   -14.702 7.744   1.00 26.70 ? 53  PHE A CB  1 
ATOM   390  C CG  . PHE A 1 53 ? 1.477   -15.167 6.297   1.00 29.70 ? 53  PHE A CG  1 
ATOM   391  C CD1 . PHE A 1 53 ? 0.588   -14.535 5.438   1.00 33.40 ? 53  PHE A CD1 1 
ATOM   392  C CD2 . PHE A 1 53 ? 2.258   -16.229 5.828   1.00 32.20 ? 53  PHE A CD2 1 
ATOM   393  C CE1 . PHE A 1 53 ? 0.480   -14.951 4.113   1.00 36.80 ? 53  PHE A CE1 1 
ATOM   394  C CE2 . PHE A 1 53 ? 2.200   -16.607 4.497   1.00 34.30 ? 53  PHE A CE2 1 
ATOM   395  C CZ  . PHE A 1 53 ? 1.301   -15.970 3.641   1.00 36.10 ? 53  PHE A CZ  1 
ATOM   396  N N   . ILE A 1 54 ? 0.234   -12.206 9.270   1.00 23.80 ? 54  ILE A N   1 
ATOM   397  C CA  . ILE A 1 54 ? -0.358  -11.943 10.566  1.00 24.30 ? 54  ILE A CA  1 
ATOM   398  C C   . ILE A 1 54 ? -1.727  -12.604 10.705  1.00 21.00 ? 54  ILE A C   1 
ATOM   399  O O   . ILE A 1 54 ? -2.468  -12.765 9.720   1.00 20.70 ? 54  ILE A O   1 
ATOM   400  C CB  . ILE A 1 54 ? -0.364  -10.471 11.037  1.00 25.20 ? 54  ILE A CB  1 
ATOM   401  C CG1 . ILE A 1 54 ? -1.145  -9.525  10.165  1.00 23.30 ? 54  ILE A CG1 1 
ATOM   402  C CG2 . ILE A 1 54 ? 1.053   -9.977  11.315  1.00 27.70 ? 54  ILE A CG2 1 
ATOM   403  C CD1 . ILE A 1 54 ? -1.345  -8.154  10.832  1.00 25.10 ? 54  ILE A CD1 1 
ATOM   404  N N   . ASN A 1 55 ? -1.964  -12.981 11.969  1.00 16.60 ? 55  ASN A N   1 
ATOM   405  C CA  . ASN A 1 55 ? -3.258  -13.395 12.482  1.00 16.00 ? 55  ASN A CA  1 
ATOM   406  C C   . ASN A 1 55 ? -4.012  -12.128 12.891  1.00 18.80 ? 55  ASN A C   1 
ATOM   407  O O   . ASN A 1 55 ? -3.533  -11.224 13.638  1.00 23.70 ? 55  ASN A O   1 
ATOM   408  C CB  . ASN A 1 55 ? -2.997  -14.412 13.617  1.00 20.00 ? 55  ASN A CB  1 
ATOM   409  C CG  . ASN A 1 55 ? -2.676  -15.786 13.061  1.00 30.10 ? 55  ASN A CG  1 
ATOM   410  O OD1 . ASN A 1 55 ? -1.810  -16.440 13.560  1.00 30.30 ? 55  ASN A OD1 1 
ATOM   411  N ND2 . ASN A 1 55 ? -3.522  -16.290 12.182  1.00 38.00 ? 55  ASN A ND2 1 
ATOM   412  N N   . THR A 1 56 ? -5.157  -11.978 12.289  1.00 16.20 ? 56  THR A N   1 
ATOM   413  C CA  . THR A 1 56 ? -6.014  -10.836 12.652  1.00 14.80 ? 56  THR A CA  1 
ATOM   414  C C   . THR A 1 56 ? -7.370  -11.455 13.187  1.00 18.10 ? 56  THR A C   1 
ATOM   415  O O   . THR A 1 56 ? -7.600  -12.691 13.113  1.00 19.70 ? 56  THR A O   1 
ATOM   416  C CB  . THR A 1 56 ? -6.205  -9.907  11.410  1.00 11.50 ? 56  THR A CB  1 
ATOM   417  O OG1 . THR A 1 56 ? -6.980  -10.585 10.447  1.00 12.70 ? 56  THR A OG1 1 
ATOM   418  C CG2 . THR A 1 56 ? -4.912  -9.445  10.787  1.00 9.00  ? 56  THR A CG2 1 
ATOM   419  N N   . LEU A 1 57 ? -8.276  -10.547 13.659  1.00 19.20 ? 57  LEU A N   1 
ATOM   420  C CA  . LEU A 1 57 ? -9.658  -10.854 14.099  1.00 17.90 ? 57  LEU A CA  1 
ATOM   421  C C   . LEU A 1 57 ? -10.510 -9.926  13.280  1.00 18.30 ? 57  LEU A C   1 
ATOM   422  O O   . LEU A 1 57 ? -10.315 -8.696  13.371  1.00 18.70 ? 57  LEU A O   1 
ATOM   423  C CB  . LEU A 1 57 ? -9.882  -10.499 15.575  1.00 14.10 ? 57  LEU A CB  1 
ATOM   424  C CG  . LEU A 1 57 ? -9.087  -11.432 16.467  1.00 12.10 ? 57  LEU A CG  1 
ATOM   425  C CD1 . LEU A 1 57 ? -9.297  -11.294 17.964  1.00 12.40 ? 57  LEU A CD1 1 
ATOM   426  C CD2 . LEU A 1 57 ? -9.302  -12.839 16.086  1.00 11.60 ? 57  LEU A CD2 1 
ATOM   427  N N   . GLU A 1 58 ? -11.415 -10.533 12.557  1.00 17.50 ? 58  GLU A N   1 
ATOM   428  C CA  . GLU A 1 58 ? -12.291 -9.837  11.607  1.00 17.20 ? 58  GLU A CA  1 
ATOM   429  C C   . GLU A 1 58 ? -13.646 -9.506  12.267  1.00 17.70 ? 58  GLU A C   1 
ATOM   430  O O   . GLU A 1 58 ? -14.483 -10.348 12.653  1.00 17.30 ? 58  GLU A O   1 
ATOM   431  C CB  . GLU A 1 58 ? -12.460 -10.696 10.327  1.00 18.10 ? 58  GLU A CB  1 
ATOM   432  C CG  . GLU A 1 58 ? -13.510 -10.243 9.291   1.00 24.10 ? 58  GLU A CG  1 
ATOM   433  C CD  . GLU A 1 58 ? -13.421 -11.091 7.917   1.00 32.20 ? 58  GLU A CD  1 
ATOM   434  O OE1 . GLU A 1 58 ? -14.068 -12.166 7.746   1.00 30.90 ? 58  GLU A OE1 1 
ATOM   435  O OE2 . GLU A 1 58 ? -12.684 -10.684 6.975   1.00 37.70 ? 58  GLU A OE2 1 
ATOM   436  N N   . TYR A 1 59 ? -13.870 -8.229  12.208  1.00 17.70 ? 59  TYR A N   1 
ATOM   437  C CA  . TYR A 1 59 ? -15.121 -7.624  12.563  1.00 18.90 ? 59  TYR A CA  1 
ATOM   438  C C   . TYR A 1 59 ? -15.865 -7.050  11.297  1.00 18.70 ? 59  TYR A C   1 
ATOM   439  O O   . TYR A 1 59 ? -15.423 -6.101  10.620  1.00 18.60 ? 59  TYR A O   1 
ATOM   440  C CB  . TYR A 1 59 ? -14.814 -6.502  13.539  1.00 19.20 ? 59  TYR A CB  1 
ATOM   441  C CG  . TYR A 1 59 ? -14.204 -6.973  14.876  1.00 18.90 ? 59  TYR A CG  1 
ATOM   442  C CD1 . TYR A 1 59 ? -12.849 -7.207  14.986  1.00 20.50 ? 59  TYR A CD1 1 
ATOM   443  C CD2 . TYR A 1 59 ? -15.017 -7.157  15.971  1.00 17.70 ? 59  TYR A CD2 1 
ATOM   444  C CE1 . TYR A 1 59 ? -12.331 -7.770  16.145  1.00 21.60 ? 59  TYR A CE1 1 
ATOM   445  C CE2 . TYR A 1 59 ? -14.490 -7.724  17.128  1.00 18.30 ? 59  TYR A CE2 1 
ATOM   446  C CZ  . TYR A 1 59 ? -13.168 -8.026  17.220  1.00 20.30 ? 59  TYR A CZ  1 
ATOM   447  O OH  . TYR A 1 59 ? -12.653 -8.362  18.424  1.00 19.80 ? 59  TYR A OH  1 
ATOM   448  N N   . LYS A 1 60 ? -17.116 -7.488  11.162  1.00 17.80 ? 60  LYS A N   1 
ATOM   449  C CA  . LYS A 1 60 ? -18.026 -6.966  10.135  1.00 17.30 ? 60  LYS A CA  1 
ATOM   450  C C   . LYS A 1 60 ? -18.963 -5.798  10.549  1.00 19.00 ? 60  LYS A C   1 
ATOM   451  O O   . LYS A 1 60 ? -19.373 -5.655  11.688  1.00 19.70 ? 60  LYS A O   1 
ATOM   452  C CB  . LYS A 1 60 ? -18.748 -8.129  9.489   1.00 17.50 ? 60  LYS A CB  1 
ATOM   453  C CG  . LYS A 1 60 ? -17.793 -8.958  8.703   1.00 22.50 ? 60  LYS A CG  1 
ATOM   454  C CD  . LYS A 1 60 ? -18.638 -10.018 8.052   1.00 31.90 ? 60  LYS A CD  1 
ATOM   455  C CE  . LYS A 1 60 ? -17.868 -10.825 7.016   1.00 39.40 ? 60  LYS A CE  1 
ATOM   456  N NZ  . LYS A 1 60 ? -18.764 -11.569 6.092   1.00 42.20 ? 60  LYS A NZ  1 
ATOM   457  N N   . ASN A 1 61 ? -19.181 -4.896  9.611   1.00 21.30 ? 61  ASN A N   1 
ATOM   458  C CA  . ASN A 1 61 ? -20.170 -3.856  9.702   1.00 26.10 ? 61  ASN A CA  1 
ATOM   459  C C   . ASN A 1 61 ? -19.835 -2.873  10.811  1.00 22.70 ? 61  ASN A C   1 
ATOM   460  O O   . ASN A 1 61 ? -20.728 -2.519  11.605  1.00 24.30 ? 61  ASN A O   1 
ATOM   461  C CB  . ASN A 1 61 ? -21.559 -4.454  10.020  1.00 35.40 ? 61  ASN A CB  1 
ATOM   462  C CG  . ASN A 1 61 ? -22.683 -3.395  9.822   1.00 46.30 ? 61  ASN A CG  1 
ATOM   463  O OD1 . ASN A 1 61 ? -23.612 -3.290  10.606  1.00 43.90 ? 61  ASN A OD1 1 
ATOM   464  N ND2 . ASN A 1 61 ? -22.610 -2.644  8.740   1.00 56.20 ? 61  ASN A ND2 1 
ATOM   465  N N   . VAL A 1 62 ? -18.610 -2.429  10.823  1.00 17.60 ? 62  VAL A N   1 
ATOM   466  C CA  . VAL A 1 62 ? -18.162 -1.517  11.870  1.00 15.30 ? 62  VAL A CA  1 
ATOM   467  C C   . VAL A 1 62 ? -18.364 -0.111  11.382  1.00 17.50 ? 62  VAL A C   1 
ATOM   468  O O   . VAL A 1 62 ? -18.320 0.179   10.188  1.00 16.70 ? 62  VAL A O   1 
ATOM   469  C CB  . VAL A 1 62 ? -16.660 -1.799  12.243  1.00 14.50 ? 62  VAL A CB  1 
ATOM   470  C CG1 . VAL A 1 62 ? -16.157 -0.867  13.325  1.00 14.50 ? 62  VAL A CG1 1 
ATOM   471  C CG2 . VAL A 1 62 ? -16.462 -3.267  12.654  1.00 14.20 ? 62  VAL A CG2 1 
ATOM   472  N N   . GLU A 1 63 ? -18.657 0.769   12.283  1.00 22.60 ? 63  GLU A N   1 
ATOM   473  C CA  . GLU A 1 63 ? -19.005 2.139   11.880  1.00 27.60 ? 63  GLU A CA  1 
ATOM   474  C C   . GLU A 1 63 ? -17.801 3.135   11.909  1.00 25.50 ? 63  GLU A C   1 
ATOM   475  O O   . GLU A 1 63 ? -17.116 3.280   12.926  1.00 21.70 ? 63  GLU A O   1 
ATOM   476  C CB  . GLU A 1 63 ? -20.147 2.671   12.698  1.00 36.30 ? 63  GLU A CB  1 
ATOM   477  C CG  . GLU A 1 63 ? -20.498 4.043   12.153  1.00 58.10 ? 63  GLU A CG  1 
ATOM   478  C CD  . GLU A 1 63 ? -21.282 4.881   13.156  1.00 79.00 ? 63  GLU A CD  1 
ATOM   479  O OE1 . GLU A 1 63 ? -21.087 4.767   14.390  1.00 79.00 ? 63  GLU A OE1 1 
ATOM   480  O OE2 . GLU A 1 63 ? -22.125 5.692   12.730  1.00 79.00 ? 63  GLU A OE2 1 
ATOM   481  N N   . ILE A 1 64 ? -17.596 3.816   10.777  1.00 26.10 ? 64  ILE A N   1 
ATOM   482  C CA  . ILE A 1 64 ? -16.425 4.674   10.567  1.00 25.30 ? 64  ILE A CA  1 
ATOM   483  C C   . ILE A 1 64 ? -16.917 6.000   10.009  1.00 21.30 ? 64  ILE A C   1 
ATOM   484  O O   . ILE A 1 64 ? -17.665 5.997   9.036   1.00 21.30 ? 64  ILE A O   1 
ATOM   485  C CB  . ILE A 1 64 ? -15.543 3.923   9.483   1.00 25.20 ? 64  ILE A CB  1 
ATOM   486  C CG1 . ILE A 1 64 ? -15.076 2.567   10.020  1.00 20.20 ? 64  ILE A CG1 1 
ATOM   487  C CG2 . ILE A 1 64 ? -14.369 4.764   8.925   1.00 25.80 ? 64  ILE A CG2 1 
ATOM   488  C CD1 . ILE A 1 64 ? -14.825 1.616   8.924   1.00 15.70 ? 64  ILE A CD1 1 
ATOM   489  N N   . GLU A 1 65 ? -16.261 7.048   10.433  1.00 20.10 ? 65  GLU A N   1 
ATOM   490  C CA  . GLU A 1 65 ? -16.432 8.366   9.861   1.00 25.60 ? 65  GLU A CA  1 
ATOM   491  C C   . GLU A 1 65 ? -15.039 8.863   9.524   1.00 22.90 ? 65  GLU A C   1 
ATOM   492  O O   . GLU A 1 65 ? -14.131 8.856   10.383  1.00 22.30 ? 65  GLU A O   1 
ATOM   493  C CB  . GLU A 1 65 ? -16.940 9.259   10.950  1.00 46.70 ? 65  GLU A CB  1 
ATOM   494  C CG  . GLU A 1 65 ? -16.480 10.671  10.644  1.00 79.00 ? 65  GLU A CG  1 
ATOM   495  C CD  . GLU A 1 65 ? -17.005 11.664  11.660  1.00 79.00 ? 65  GLU A CD  1 
ATOM   496  O OE1 . GLU A 1 65 ? -17.179 11.306  12.851  1.00 79.00 ? 65  GLU A OE1 1 
ATOM   497  O OE2 . GLU A 1 65 ? -17.261 12.835  11.293  1.00 79.00 ? 65  GLU A OE2 1 
ATOM   498  N N   . VAL A 1 66 ? -14.839 9.203   8.257   1.00 19.80 ? 66  VAL A N   1 
ATOM   499  C CA  . VAL A 1 66 ? -13.509 9.674   7.822   1.00 19.90 ? 66  VAL A CA  1 
ATOM   500  C C   . VAL A 1 66 ? -13.818 10.539  6.665   1.00 27.80 ? 66  VAL A C   1 
ATOM   501  O O   . VAL A 1 66 ? -14.850 10.292  6.014   1.00 29.60 ? 66  VAL A O   1 
ATOM   502  C CB  . VAL A 1 66 ? -12.542 8.557   7.405   1.00 18.40 ? 66  VAL A CB  1 
ATOM   503  C CG1 . VAL A 1 66 ? -13.039 7.545   6.363   1.00 17.10 ? 66  VAL A CG1 1 
ATOM   504  C CG2 . VAL A 1 66 ? -11.020 8.942   7.263   1.00 21.00 ? 66  VAL A CG2 1 
ATOM   505  N N   . LEU A 1 67 ? -12.998 11.581  6.514   1.00 33.10 ? 67  LEU A N   1 
ATOM   506  C CA  . LEU A 1 67 ? -13.139 12.590  5.432   1.00 34.80 ? 67  LEU A CA  1 
ATOM   507  C C   . LEU A 1 67 ? -14.540 13.160  5.389   1.00 36.90 ? 67  LEU A C   1 
ATOM   508  O O   . LEU A 1 67 ? -15.023 13.599  4.320   1.00 38.00 ? 67  LEU A O   1 
ATOM   509  C CB  . LEU A 1 67 ? -12.753 11.961  4.123   1.00 33.40 ? 67  LEU A CB  1 
ATOM   510  C CG  . LEU A 1 67 ? -11.226 11.754  4.144   1.00 34.80 ? 67  LEU A CG  1 
ATOM   511  C CD1 . LEU A 1 67 ? -10.723 10.646  3.185   1.00 35.90 ? 67  LEU A CD1 1 
ATOM   512  C CD2 . LEU A 1 67 ? -10.542 13.092  3.841   1.00 35.20 ? 67  LEU A CD2 1 
ATOM   513  N N   . ASN A 1 68 ? -15.090 13.237  6.610   1.00 36.10 ? 68  ASN A N   1 
ATOM   514  C CA  . ASN A 1 68 ? -16.446 13.706  6.839   1.00 39.80 ? 68  ASN A CA  1 
ATOM   515  C C   . ASN A 1 68 ? -17.468 12.825  6.075   1.00 34.90 ? 68  ASN A C   1 
ATOM   516  O O   . ASN A 1 68 ? -18.488 13.319  5.610   1.00 41.20 ? 68  ASN A O   1 
ATOM   517  C CB  . ASN A 1 68 ? -16.489 15.130  6.291   1.00 68.70 ? 68  ASN A CB  1 
ATOM   518  C CG  . ASN A 1 68 ? -17.870 15.745  6.429   1.00 79.00 ? 68  ASN A CG  1 
ATOM   519  O OD1 . ASN A 1 68 ? -18.637 15.319  7.299   1.00 79.00 ? 68  ASN A OD1 1 
ATOM   520  N ND2 . ASN A 1 68 ? -18.148 16.730  5.588   1.00 79.00 ? 68  ASN A ND2 1 
ATOM   521  N N   . LYS A 1 69 ? -17.164 11.563  5.859   1.00 23.60 ? 69  LYS A N   1 
ATOM   522  C CA  . LYS A 1 69 ? -18.128 10.660  5.287   1.00 17.20 ? 69  LYS A CA  1 
ATOM   523  C C   . LYS A 1 69 ? -18.278 9.642   6.319   1.00 16.20 ? 69  LYS A C   1 
ATOM   524  O O   . LYS A 1 69 ? -17.318 9.397   7.067   1.00 16.10 ? 69  LYS A O   1 
ATOM   525  C CB  . LYS A 1 69 ? -17.637 9.936   4.025   1.00 22.90 ? 69  LYS A CB  1 
ATOM   526  C CG  . LYS A 1 69 ? -17.708 10.758  2.707   1.00 29.00 ? 69  LYS A CG  1 
ATOM   527  C CD  . LYS A 1 69 ? -17.749 9.855   1.465   1.00 34.70 ? 69  LYS A CD  1 
ATOM   528  C CE  . LYS A 1 69 ? -17.688 10.610  0.132   1.00 42.20 ? 69  LYS A CE  1 
ATOM   529  N NZ  . LYS A 1 69 ? -18.060 9.726   -0.997  1.00 46.90 ? 69  LYS A NZ  1 
ATOM   530  N N   . LYS A 1 70 ? -19.445 9.002   6.266   1.00 20.50 ? 70  LYS A N   1 
ATOM   531  C CA  . LYS A 1 70 ? -19.795 7.886   7.156   1.00 23.20 ? 70  LYS A CA  1 
ATOM   532  C C   . LYS A 1 70 ? -20.039 6.607   6.342   1.00 18.70 ? 70  LYS A C   1 
ATOM   533  O O   . LYS A 1 70 ? -20.961 6.637   5.507   1.00 19.00 ? 70  LYS A O   1 
ATOM   534  C CB  . LYS A 1 70 ? -21.062 8.330   7.927   1.00 37.40 ? 70  LYS A CB  1 
ATOM   535  C CG  . LYS A 1 70 ? -21.346 7.411   9.110   1.00 60.10 ? 70  LYS A CG  1 
ATOM   536  C CD  . LYS A 1 70 ? -22.647 7.761   9.830   1.00 79.00 ? 70  LYS A CD  1 
ATOM   537  C CE  . LYS A 1 70 ? -23.005 6.675   10.848  1.00 79.00 ? 70  LYS A CE  1 
ATOM   538  N NZ  . LYS A 1 70 ? -24.247 6.971   11.583  1.00 79.00 ? 70  LYS A NZ  1 
ATOM   539  N N   . VAL A 1 71 ? -19.348 5.486   6.718   1.00 19.70 ? 71  VAL A N   1 
ATOM   540  C CA  . VAL A 1 71 ? -19.532 4.105   6.137   1.00 24.00 ? 71  VAL A CA  1 
ATOM   541  C C   . VAL A 1 71 ? -19.600 3.027   7.291   1.00 17.60 ? 71  VAL A C   1 
ATOM   542  O O   . VAL A 1 71 ? -19.028 3.257   8.341   1.00 17.50 ? 71  VAL A O   1 
ATOM   543  C CB  . VAL A 1 71 ? -18.263 3.826   5.264   1.00 37.60 ? 71  VAL A CB  1 
ATOM   544  C CG1 . VAL A 1 71 ? -16.937 3.757   6.059   1.00 41.20 ? 71  VAL A CG1 1 
ATOM   545  C CG2 . VAL A 1 71 ? -18.432 2.638   4.308   1.00 43.10 ? 71  VAL A CG2 1 
ATOM   546  N N   . ARG A 1 72 ? -20.243 1.896   7.048   1.00 15.90 ? 72  ARG A N   1 
ATOM   547  C CA  . ARG A 1 72 ? -20.117 0.629   7.820   1.00 17.90 ? 72  ARG A CA  1 
ATOM   548  C C   . ARG A 1 72 ? -19.255 -0.295  6.894   1.00 19.60 ? 72  ARG A C   1 
ATOM   549  O O   . ARG A 1 72 ? -19.593 -0.300  5.719   1.00 23.50 ? 72  ARG A O   1 
ATOM   550  C CB  . ARG A 1 72 ? -21.539 0.022   7.864   1.00 21.80 ? 72  ARG A CB  1 
ATOM   551  C CG  . ARG A 1 72 ? -22.486 0.862   8.711   1.00 32.00 ? 72  ARG A CG  1 
ATOM   552  C CD  . ARG A 1 72 ? -23.146 0.060   9.865   1.00 42.10 ? 72  ARG A CD  1 
ATOM   553  N NE  . ARG A 1 72 ? -23.709 0.983   10.870  1.00 43.60 ? 72  ARG A NE  1 
ATOM   554  C CZ  . ARG A 1 72 ? -23.432 0.961   12.179  1.00 43.10 ? 72  ARG A CZ  1 
ATOM   555  N NH1 . ARG A 1 72 ? -22.825 -0.084  12.735  1.00 37.20 ? 72  ARG A NH1 1 
ATOM   556  N NH2 . ARG A 1 72 ? -23.747 2.016   12.936  1.00 50.50 ? 72  ARG A NH2 1 
ATOM   557  N N   . ALA A 1 73 ? -18.122 -0.864  7.354   1.00 16.20 ? 73  ALA A N   1 
ATOM   558  C CA  . ALA A 1 73 ? -17.052 -1.529  6.550   1.00 14.30 ? 73  ALA A CA  1 
ATOM   559  C C   . ALA A 1 73 ? -16.442 -2.579  7.475   1.00 15.50 ? 73  ALA A C   1 
ATOM   560  O O   . ALA A 1 73 ? -16.784 -2.556  8.672   1.00 18.30 ? 73  ALA A O   1 
ATOM   561  C CB  . ALA A 1 73 ? -15.958 -0.565  6.088   1.00 13.10 ? 73  ALA A CB  1 
ATOM   562  N N   . THR A 1 74 ? -15.816 -3.619  6.905   1.00 13.70 ? 74  THR A N   1 
ATOM   563  C CA  . THR A 1 74 ? -15.033 -4.646  7.613   1.00 14.30 ? 74  THR A CA  1 
ATOM   564  C C   . THR A 1 74 ? -13.638 -4.089  8.041   1.00 15.40 ? 74  THR A C   1 
ATOM   565  O O   . THR A 1 74 ? -12.970 -3.305  7.299   1.00 17.70 ? 74  THR A O   1 
ATOM   566  C CB  . THR A 1 74 ? -14.918 -5.883  6.737   1.00 14.70 ? 74  THR A CB  1 
ATOM   567  O OG1 . THR A 1 74 ? -16.210 -6.406  6.457   1.00 16.10 ? 74  THR A OG1 1 
ATOM   568  C CG2 . THR A 1 74 ? -13.999 -6.966  7.257   1.00 13.60 ? 74  THR A CG2 1 
ATOM   569  N N   . ILE A 1 75 ? -13.364 -4.322  9.341   1.00 13.10 ? 75  ILE A N   1 
ATOM   570  C CA  . ILE A 1 75 ? -12.152 -3.887  9.953   1.00 12.80 ? 75  ILE A CA  1 
ATOM   571  C C   . ILE A 1 75 ? -11.496 -5.090  10.555  1.00 15.20 ? 75  ILE A C   1 
ATOM   572  O O   . ILE A 1 75 ? -12.197 -5.945  11.106  1.00 16.40 ? 75  ILE A O   1 
ATOM   573  C CB  . ILE A 1 75 ? -12.426 -2.831  10.977  1.00 14.70 ? 75  ILE A CB  1 
ATOM   574  C CG1 . ILE A 1 75 ? -12.863 -1.470  10.387  1.00 16.80 ? 75  ILE A CG1 1 
ATOM   575  C CG2 . ILE A 1 75 ? -11.121 -2.636  11.711  1.00 16.60 ? 75  ILE A CG2 1 
ATOM   576  C CD1 . ILE A 1 75 ? -11.700 -0.809  9.572   1.00 18.20 ? 75  ILE A CD1 1 
ATOM   577  N N   . MET A 1 76 ? -10.200 -5.258  10.332  1.00 17.60 ? 76  MET A N   1 
ATOM   578  C CA  . MET A 1 76 ? -9.405  -6.295  11.083  1.00 19.30 ? 76  MET A CA  1 
ATOM   579  C C   . MET A 1 76 ? -8.495  -5.616  12.132  1.00 15.90 ? 76  MET A C   1 
ATOM   580  O O   . MET A 1 76 ? -7.992  -4.539  11.873  1.00 14.90 ? 76  MET A O   1 
ATOM   581  C CB  . MET A 1 76 ? -8.650  -7.251  10.183  1.00 22.70 ? 76  MET A CB  1 
ATOM   582  C CG  . MET A 1 76 ? -9.604  -8.112  9.394   1.00 26.50 ? 76  MET A CG  1 
ATOM   583  S SD  . MET A 1 76 ? -8.713  -8.684  8.007   1.00 31.20 ? 76  MET A SD  1 
ATOM   584  C CE  . MET A 1 76 ? -9.676  -9.665  6.837   1.00 40.50 ? 76  MET A CE  1 
ATOM   585  N N   . THR A 1 77 ? -8.376  -6.220  13.294  1.00 14.80 ? 77  THR A N   1 
ATOM   586  C CA  . THR A 1 77 ? -7.500  -5.682  14.326  1.00 16.70 ? 77  THR A CA  1 
ATOM   587  C C   . THR A 1 77 ? -6.335  -6.645  14.416  1.00 14.40 ? 77  THR A C   1 
ATOM   588  O O   . THR A 1 77 ? -6.558  -7.826  14.359  1.00 15.00 ? 77  THR A O   1 
ATOM   589  C CB  . THR A 1 77 ? -8.293  -5.539  15.694  1.00 19.70 ? 77  THR A CB  1 
ATOM   590  O OG1 . THR A 1 77 ? -8.671  -6.839  16.126  1.00 20.90 ? 77  THR A OG1 1 
ATOM   591  C CG2 . THR A 1 77 ? -9.584  -4.743  15.465  1.00 18.90 ? 77  THR A CG2 1 
ATOM   592  N N   . GLY A 1 78 ? -5.089  -6.245  14.544  1.00 11.70 ? 78  GLY A N   1 
ATOM   593  C CA  . GLY A 1 78 ? -4.042  -7.183  14.775  1.00 15.60 ? 78  GLY A CA  1 
ATOM   594  C C   . GLY A 1 78 ? -2.805  -6.315  14.987  1.00 26.30 ? 78  GLY A C   1 
ATOM   595  O O   . GLY A 1 78 ? -2.839  -5.053  15.023  1.00 28.50 ? 78  GLY A O   1 
ATOM   596  N N   . ASP A 1 79 ? -1.717  -7.018  15.161  1.00 38.60 ? 79  ASP A N   1 
ATOM   597  C CA  . ASP A 1 79 ? -0.465  -6.361  15.541  1.00 53.40 ? 79  ASP A CA  1 
ATOM   598  C C   . ASP A 1 79 ? 0.204   -5.824  14.286  1.00 34.50 ? 79  ASP A C   1 
ATOM   599  O O   . ASP A 1 79 ? 1.010   -6.487  13.677  1.00 30.10 ? 79  ASP A O   1 
ATOM   600  C CB  . ASP A 1 79 ? 0.403   -7.389  16.289  1.00 79.00 ? 79  ASP A CB  1 
ATOM   601  C CG  . ASP A 1 79 ? 1.826   -6.943  16.658  1.00 79.00 ? 79  ASP A CG  1 
ATOM   602  O OD1 . ASP A 1 79 ? 2.103   -5.735  16.846  1.00 79.00 ? 79  ASP A OD1 1 
ATOM   603  O OD2 . ASP A 1 79 ? 2.714   -7.819  16.772  1.00 73.50 ? 79  ASP A OD2 1 
ATOM   604  N N   . THR A 1 80 ? -0.246  -4.695  13.836  1.00 26.40 ? 80  THR A N   1 
ATOM   605  C CA  . THR A 1 80 ? 0.330   -4.035  12.670  1.00 23.20 ? 80  THR A CA  1 
ATOM   606  C C   . THR A 1 80 ? 1.068   -2.751  13.129  1.00 19.70 ? 80  THR A C   1 
ATOM   607  O O   . THR A 1 80 ? 0.685   -2.019  14.081  1.00 20.30 ? 80  THR A O   1 
ATOM   608  C CB  . THR A 1 80 ? -0.801  -3.748  11.619  1.00 22.90 ? 80  THR A CB  1 
ATOM   609  O OG1 . THR A 1 80 ? -0.253  -3.016  10.521  1.00 24.70 ? 80  THR A OG1 1 
ATOM   610  C CG2 . THR A 1 80 ? -2.105  -3.129  12.223  1.00 19.70 ? 80  THR A CG2 1 
ATOM   611  N N   . PRO A 1 81 ? 2.149   -2.472  12.411  1.00 21.20 ? 81  PRO A N   1 
ATOM   612  C CA  . PRO A 1 81 ? 3.068   -1.344  12.702  1.00 24.10 ? 81  PRO A CA  1 
ATOM   613  C C   . PRO A 1 81 ? 2.439   0.030   12.255  1.00 27.80 ? 81  PRO A C   1 
ATOM   614  O O   . PRO A 1 81 ? 2.773   1.142   12.740  1.00 30.00 ? 81  PRO A O   1 
ATOM   615  C CB  . PRO A 1 81 ? 4.285   -1.686  11.841  1.00 26.80 ? 81  PRO A CB  1 
ATOM   616  C CG  . PRO A 1 81 ? 3.744   -2.491  10.636  1.00 29.50 ? 81  PRO A CG  1 
ATOM   617  C CD  . PRO A 1 81 ? 2.500   -3.210  11.189  1.00 26.30 ? 81  PRO A CD  1 
ATOM   618  N N   . ILE A 1 82 ? 1.480   -0.092  11.358  1.00 25.80 ? 82  ILE A N   1 
ATOM   619  C CA  . ILE A 1 82 ? 0.767   1.089   10.860  1.00 22.80 ? 82  ILE A CA  1 
ATOM   620  C C   . ILE A 1 82 ? -0.693  0.597   10.492  1.00 19.20 ? 82  ILE A C   1 
ATOM   621  O O   . ILE A 1 82 ? -0.812  -0.621  10.159  1.00 22.70 ? 82  ILE A O   1 
ATOM   622  C CB  . ILE A 1 82 ? 1.689   1.603   9.706   1.00 26.40 ? 82  ILE A CB  1 
ATOM   623  C CG1 . ILE A 1 82 ? 1.136   2.714   8.906   1.00 19.60 ? 82  ILE A CG1 1 
ATOM   624  C CG2 . ILE A 1 82 ? 2.291   0.528   8.802   1.00 36.50 ? 82  ILE A CG2 1 
ATOM   625  C CD1 . ILE A 1 82 ? 1.771   4.032   9.258   1.00 18.90 ? 82  ILE A CD1 1 
ATOM   626  N N   . ASN A 1 83 ? -1.713  1.386   10.926  1.00 14.00 ? 83  ASN A N   1 
ATOM   627  C CA  . ASN A 1 83 ? -3.132  1.189   10.618  1.00 12.30 ? 83  ASN A CA  1 
ATOM   628  C C   . ASN A 1 83 ? -3.324  1.664   9.168   1.00 12.50 ? 83  ASN A C   1 
ATOM   629  O O   . ASN A 1 83 ? -2.748  2.675   8.662   1.00 11.50 ? 83  ASN A O   1 
ATOM   630  C CB  . ASN A 1 83 ? -3.866  2.138   11.574  1.00 13.40 ? 83  ASN A CB  1 
ATOM   631  C CG  . ASN A 1 83 ? -3.556  1.870   13.125  1.00 13.90 ? 83  ASN A CG  1 
ATOM   632  O OD1 . ASN A 1 83 ? -3.407  0.703   13.623  1.00 16.10 ? 83  ASN A OD1 1 
ATOM   633  N ND2 . ASN A 1 83 ? -3.686  2.948   13.869  1.00 11.70 ? 83  ASN A ND2 1 
ATOM   634  N N   . ILE A 1 84 ? -3.964  0.812   8.454   1.00 15.10 ? 84  ILE A N   1 
ATOM   635  C CA  . ILE A 1 84 ? -4.120  0.978   6.990   1.00 16.50 ? 84  ILE A CA  1 
ATOM   636  C C   . ILE A 1 84 ? -5.615  0.826   6.643   1.00 17.80 ? 84  ILE A C   1 
ATOM   637  O O   . ILE A 1 84 ? -6.240  -0.131  7.037   1.00 19.50 ? 84  ILE A O   1 
ATOM   638  C CB  . ILE A 1 84 ? -3.140  0.023   6.189   1.00 10.90 ? 84  ILE A CB  1 
ATOM   639  C CG1 . ILE A 1 84 ? -3.334  -1.428  6.509   0.50 11.50 ? 84  ILE A CG1 1 
ATOM   640  C CG2 . ILE A 1 84 ? -1.658  0.345   6.482   0.50 5.40  ? 84  ILE A CG2 1 
ATOM   641  C CD1 . ILE A 1 84 ? -2.242  -2.232  5.814   0.50 10.40 ? 84  ILE A CD1 1 
ATOM   642  N N   . PHE A 1 85 ? -6.190  1.775   5.948   1.00 14.50 ? 85  PHE A N   1 
ATOM   643  C CA  . PHE A 1 85 ? -7.414  1.532   5.297   1.00 13.30 ? 85  PHE A CA  1 
ATOM   644  C C   . PHE A 1 85 ? -7.043  1.102   3.861   1.00 14.00 ? 85  PHE A C   1 
ATOM   645  O O   . PHE A 1 85 ? -6.621  1.961   3.036   1.00 15.00 ? 85  PHE A O   1 
ATOM   646  C CB  . PHE A 1 85 ? -8.259  2.847   5.305   1.00 12.30 ? 85  PHE A CB  1 
ATOM   647  C CG  . PHE A 1 85 ? -9.068  3.145   6.621   1.00 13.50 ? 85  PHE A CG  1 
ATOM   648  C CD1 . PHE A 1 85 ? -8.940  2.299   7.706   1.00 15.80 ? 85  PHE A CD1 1 
ATOM   649  C CD2 . PHE A 1 85 ? -9.936  4.255   6.739   1.00 14.00 ? 85  PHE A CD2 1 
ATOM   650  C CE1 . PHE A 1 85 ? -9.668  2.502   8.896   1.00 17.00 ? 85  PHE A CE1 1 
ATOM   651  C CE2 . PHE A 1 85 ? -10.661 4.492   7.931   1.00 15.80 ? 85  PHE A CE2 1 
ATOM   652  C CZ  . PHE A 1 85 ? -10.523 3.594   9.003   1.00 16.60 ? 85  PHE A CZ  1 
ATOM   653  N N   . GLY A 1 86 ? -7.520  -0.092  3.521   1.00 12.50 ? 86  GLY A N   1 
ATOM   654  C CA  . GLY A 1 86 ? -7.308  -0.666  2.193   1.00 11.70 ? 86  GLY A CA  1 
ATOM   655  C C   . GLY A 1 86 ? -8.572  -0.525  1.338   1.00 12.90 ? 86  GLY A C   1 
ATOM   656  O O   . GLY A 1 86 ? -9.483  0.272   1.619   1.00 13.10 ? 86  GLY A O   1 
ATOM   657  N N   . ARG A 1 87 ? -8.479  -1.168  0.188   1.00 13.30 ? 87  ARG A N   1 
ATOM   658  C CA  . ARG A 1 87 ? -9.379  -0.895  -0.953  1.00 13.00 ? 87  ARG A CA  1 
ATOM   659  C C   . ARG A 1 87 ? -10.903 -1.107  -0.580  1.00 13.80 ? 87  ARG A C   1 
ATOM   660  O O   . ARG A 1 87 ? -11.760 -0.472  -1.197  1.00 12.40 ? 87  ARG A O   1 
ATOM   661  C CB  . ARG A 1 87 ? -8.954  -1.790  -2.156  1.00 12.70 ? 87  ARG A CB  1 
ATOM   662  C CG  . ARG A 1 87 ? -7.565  -1.443  -2.844  1.00 11.10 ? 87  ARG A CG  1 
ATOM   663  C CD  . ARG A 1 87 ? -7.517  -2.220  -4.175  1.00 9.70  ? 87  ARG A CD  1 
ATOM   664  N NE  . ARG A 1 87 ? -7.445  -3.634  -3.898  1.00 12.90 ? 87  ARG A NE  1 
ATOM   665  C CZ  . ARG A 1 87 ? -8.457  -4.567  -4.050  1.00 15.80 ? 87  ARG A CZ  1 
ATOM   666  N NH1 . ARG A 1 87 ? -9.674  -4.203  -4.516  1.00 14.60 ? 87  ARG A NH1 1 
ATOM   667  N NH2 . ARG A 1 87 ? -8.215  -5.873  -3.709  1.00 16.80 ? 87  ARG A NH2 1 
ATOM   668  N N   . ASN A 1 88 ? -11.196 -1.978  0.416   1.00 17.10 ? 88  ASN A N   1 
ATOM   669  C CA  . ASN A 1 88 ? -12.548 -2.227  1.002   1.00 18.10 ? 88  ASN A CA  1 
ATOM   670  C C   . ASN A 1 88 ? -13.265 -0.934  1.508   1.00 14.70 ? 88  ASN A C   1 
ATOM   671  O O   . ASN A 1 88 ? -14.458 -0.719  1.173   1.00 14.60 ? 88  ASN A O   1 
ATOM   672  C CB  . ASN A 1 88 ? -12.573 -3.418  2.032   1.00 18.90 ? 88  ASN A CB  1 
ATOM   673  C CG  . ASN A 1 88 ? -11.943 -3.071  3.349   1.00 19.30 ? 88  ASN A CG  1 
ATOM   674  O OD1 . ASN A 1 88 ? -10.843 -2.532  3.345   1.00 19.60 ? 88  ASN A OD1 1 
ATOM   675  N ND2 . ASN A 1 88 ? -12.688 -3.206  4.427   1.00 19.40 ? 88  ASN A ND2 1 
ATOM   676  N N   . ILE A 1 89 ? -12.445 0.016   1.981   1.00 10.20 ? 89  ILE A N   1 
ATOM   677  C CA  . ILE A 1 89 ? -12.852 1.295   2.419   1.00 8.50  ? 89  ILE A CA  1 
ATOM   678  C C   . ILE A 1 89 ? -12.690 2.359   1.376   1.00 9.30  ? 89  ILE A C   1 
ATOM   679  O O   . ILE A 1 89 ? -13.714 3.072   1.125   1.00 9.90  ? 89  ILE A O   1 
ATOM   680  C CB  . ILE A 1 89 ? -12.227 1.616   3.808   1.00 8.90  ? 89  ILE A CB  1 
ATOM   681  C CG1 . ILE A 1 89 ? -12.930 0.725   4.858   1.00 10.70 ? 89  ILE A CG1 1 
ATOM   682  C CG2 . ILE A 1 89 ? -12.372 3.055   4.177   1.00 7.80  ? 89  ILE A CG2 1 
ATOM   683  C CD1 . ILE A 1 89 ? -12.257 0.670   6.204   1.00 10.30 ? 89  ILE A CD1 1 
ATOM   684  N N   . LEU A 1 90 ? -11.515 2.363   0.650   1.00 9.30  ? 90  LEU A N   1 
ATOM   685  C CA  . LEU A 1 90 ? -11.307 3.382   -0.475  1.00 7.90  ? 90  LEU A CA  1 
ATOM   686  C C   . LEU A 1 90 ? -12.440 3.382   -1.462  1.00 9.60  ? 90  LEU A C   1 
ATOM   687  O O   . LEU A 1 90 ? -12.964 4.457   -1.789  1.00 11.30 ? 90  LEU A O   1 
ATOM   688  C CB  . LEU A 1 90 ? -9.956  3.415   -1.166  1.00 7.20  ? 90  LEU A CB  1 
ATOM   689  C CG  . LEU A 1 90 ? -8.808  3.310   -0.136  1.00 8.70  ? 90  LEU A CG  1 
ATOM   690  C CD1 . LEU A 1 90 ? -7.442  3.239   -0.774  1.00 9.40  ? 90  LEU A CD1 1 
ATOM   691  C CD2 . LEU A 1 90 ? -8.687  4.519   0.688   1.00 10.00 ? 90  LEU A CD2 1 
ATOM   692  N N   . THR A 1 91 ? -12.870 2.229   -1.858  1.00 12.60 ? 91  THR A N   1 
ATOM   693  C CA  . THR A 1 91 ? -14.005 2.107   -2.761  1.00 20.50 ? 91  THR A CA  1 
ATOM   694  C C   . THR A 1 91 ? -15.320 2.630   -2.197  1.00 23.10 ? 91  THR A C   1 
ATOM   695  O O   . THR A 1 91 ? -16.041 3.276   -2.946  1.00 27.00 ? 91  THR A O   1 
ATOM   696  C CB  . THR A 1 91 ? -14.269 0.667   -3.166  1.00 24.60 ? 91  THR A CB  1 
ATOM   697  O OG1 . THR A 1 91 ? -14.440 -0.228  -2.049  1.00 22.90 ? 91  THR A OG1 1 
ATOM   698  C CG2 . THR A 1 91 ? -13.328 0.248   -4.314  1.00 27.60 ? 91  THR A CG2 1 
ATOM   699  N N   . ALA A 1 92 ? -15.682 2.215   -0.998  1.00 20.30 ? 92  ALA A N   1 
ATOM   700  C CA  . ALA A 1 92 ? -16.804 2.787   -0.286  1.00 20.20 ? 92  ALA A CA  1 
ATOM   701  C C   . ALA A 1 92 ? -16.720 4.296   -0.076  1.00 14.40 ? 92  ALA A C   1 
ATOM   702  O O   . ALA A 1 92 ? -17.758 4.855   0.196   1.00 13.30 ? 92  ALA A O   1 
ATOM   703  C CB  . ALA A 1 92 ? -16.890 2.142   1.107   1.00 25.80 ? 92  ALA A CB  1 
ATOM   704  N N   . LEU A 1 93 ? -15.520 4.929   0.044   1.00 11.30 ? 93  LEU A N   1 
ATOM   705  C CA  . LEU A 1 93 ? -15.426 6.429   0.025   1.00 10.30 ? 93  LEU A CA  1 
ATOM   706  C C   . LEU A 1 93 ? -15.603 6.962   -1.480  1.00 14.50 ? 93  LEU A C   1 
ATOM   707  O O   . LEU A 1 93 ? -15.798 8.144   -1.748  1.00 15.70 ? 93  LEU A O   1 
ATOM   708  C CB  . LEU A 1 93 ? -14.229 7.080   0.827   1.00 10.90 ? 93  LEU A CB  1 
ATOM   709  C CG  . LEU A 1 93 ? -14.105 6.459   2.223   1.00 15.90 ? 93  LEU A CG  1 
ATOM   710  C CD1 . LEU A 1 93 ? -12.736 6.591   2.814   1.00 17.40 ? 93  LEU A CD1 1 
ATOM   711  C CD2 . LEU A 1 93 ? -15.209 6.985   3.183   1.00 18.40 ? 93  LEU A CD2 1 
ATOM   712  N N   . GLY A 1 94 ? -15.504 6.076   -2.469  1.00 16.80 ? 94  GLY A N   1 
ATOM   713  C CA  . GLY A 1 94 ? -15.575 6.489   -3.866  1.00 16.50 ? 94  GLY A CA  1 
ATOM   714  C C   . GLY A 1 94 ? -14.241 7.075   -4.195  1.00 18.20 ? 94  GLY A C   1 
ATOM   715  O O   . GLY A 1 94 ? -14.205 7.921   -5.073  1.00 20.80 ? 94  GLY A O   1 
ATOM   716  N N   . MET A 1 95 ? -13.162 6.598   -3.595  1.00 19.40 ? 95  MET A N   1 
ATOM   717  C CA  . MET A 1 95 ? -11.810 7.181   -3.960  1.00 19.70 ? 95  MET A CA  1 
ATOM   718  C C   . MET A 1 95 ? -11.188 6.432   -5.234  1.00 19.10 ? 95  MET A C   1 
ATOM   719  O O   . MET A 1 95 ? -11.476 5.269   -5.481  1.00 20.30 ? 95  MET A O   1 
ATOM   720  C CB  . MET A 1 95 ? -10.796 7.154   -2.758  1.00 16.70 ? 95  MET A CB  1 
ATOM   721  C CG  . MET A 1 95 ? -11.085 7.884   -1.487  1.00 16.50 ? 95  MET A CG  1 
ATOM   722  S SD  . MET A 1 95 ? -9.543  8.258   -0.788  1.00 22.90 ? 95  MET A SD  1 
ATOM   723  C CE  . MET A 1 95 ? -9.576  7.863   0.938   1.00 28.10 ? 95  MET A CE  1 
ATOM   724  N N   . SER A 1 96 ? -10.415 7.140   -6.044  1.00 15.40 ? 96  SER A N   1 
ATOM   725  C CA  . SER A 1 96 ? -9.694  6.599   -7.268  1.00 15.00 ? 96  SER A CA  1 
ATOM   726  C C   . SER A 1 96 ? -8.219  7.147   -7.338  1.00 14.90 ? 96  SER A C   1 
ATOM   727  O O   . SER A 1 96 ? -7.910  8.245   -6.814  1.00 14.10 ? 96  SER A O   1 
ATOM   728  C CB  . SER A 1 96 ? -10.482 7.083   -8.558  1.00 14.70 ? 96  SER A CB  1 
ATOM   729  O OG  . SER A 1 96 ? -10.443 8.519   -8.667  1.00 13.80 ? 96  SER A OG  1 
ATOM   730  N N   . LEU A 1 97 ? -7.361  6.409   -8.004  1.00 14.70 ? 97  LEU A N   1 
ATOM   731  C CA  . LEU A 1 97 ? -5.984  6.918   -8.403  1.00 12.70 ? 97  LEU A CA  1 
ATOM   732  C C   . LEU A 1 97 ? -6.091  7.416   -9.819  1.00 11.80 ? 97  LEU A C   1 
ATOM   733  O O   . LEU A 1 97 ? -6.476  6.673   -10.744 1.00 12.10 ? 97  LEU A O   1 
ATOM   734  C CB  . LEU A 1 97 ? -5.082  5.736   -8.614  1.00 15.10 ? 97  LEU A CB  1 
ATOM   735  C CG  . LEU A 1 97 ? -4.046  5.363   -7.516  1.00 17.10 ? 97  LEU A CG  1 
ATOM   736  C CD1 . LEU A 1 97 ? -3.337  3.998   -7.834  1.00 16.70 ? 97  LEU A CD1 1 
ATOM   737  C CD2 . LEU A 1 97 ? -3.087  6.507   -7.007  1.00 17.70 ? 97  LEU A CD2 1 
ATOM   738  N N   . ASN A 1 98 ? -5.666  8.616   -9.990  1.00 12.00 ? 98  ASN A N   1 
ATOM   739  C CA  . ASN A 1 98 ? -5.711  9.325   -11.269 1.00 11.10 ? 98  ASN A CA  1 
ATOM   740  C C   . ASN A 1 98 ? -4.322  9.845   -11.706 1.00 13.20 ? 98  ASN A C   1 
ATOM   741  O O   . ASN A 1 98 ? -3.564  10.291  -10.854 1.00 15.40 ? 98  ASN A O   1 
ATOM   742  C CB  . ASN A 1 98 ? -6.572  10.523  -11.075 1.00 9.10  ? 98  ASN A CB  1 
ATOM   743  C CG  . ASN A 1 98 ? -8.021  10.113  -10.983 1.00 11.70 ? 98  ASN A CG  1 
ATOM   744  O OD1 . ASN A 1 98 ? -8.742  10.074  -11.984 1.00 12.90 ? 98  ASN A OD1 1 
ATOM   745  N ND2 . ASN A 1 98 ? -8.397  9.769   -9.762  1.00 13.50 ? 98  ASN A ND2 1 
ATOM   746  N N   . LEU A 1 99 ? -4.123  9.877   -13.010 1.00 12.90 ? 99  LEU A N   1 
ATOM   747  C CA  . LEU A 1 99 ? -2.997  10.406  -13.797 1.00 15.00 ? 99  LEU A CA  1 
ATOM   748  C C   . LEU A 1 99 ? -3.657  11.236  -14.899 1.00 14.90 ? 99  LEU A C   1 
ATOM   749  O O   . LEU A 1 99 ? -4.513  10.715  -15.642 1.00 17.00 ? 99  LEU A O   1 
ATOM   750  C CB  . LEU A 1 99 ? -2.100  9.204   -14.460 1.00 16.70 ? 99  LEU A CB  1 
ATOM   751  C CG  . LEU A 1 99 ? -0.745  9.603   -15.221 1.00 17.00 ? 99  LEU A CG  1 
ATOM   752  C CD1 . LEU A 1 99 ? 0.079   10.610  -14.519 1.00 16.30 ? 99  LEU A CD1 1 
ATOM   753  C CD2 . LEU A 1 99 ? 0.219   8.477   -15.578 1.00 18.10 ? 99  LEU A CD2 1 
ATOM   754  O OXT . LEU A 1 99 ? -3.325  12.415  -15.003 1.00 13.10 ? 99  LEU A OXT 1 
ATOM   755  N N   . PRO B 1 1  ? -5.335  8.682   -17.235 1.00 31.00 ? 1   PRO B N   1 
ATOM   756  C CA  . PRO B 1 1  ? -6.077  7.425   -16.857 1.00 32.20 ? 1   PRO B CA  1 
ATOM   757  C C   . PRO B 1 1  ? -6.564  7.382   -15.345 1.00 34.30 ? 1   PRO B C   1 
ATOM   758  O O   . PRO B 1 1  ? -6.128  8.155   -14.468 1.00 35.50 ? 1   PRO B O   1 
ATOM   759  C CB  . PRO B 1 1  ? -5.190  6.241   -17.252 1.00 31.40 ? 1   PRO B CB  1 
ATOM   760  C CG  . PRO B 1 1  ? -3.855  6.837   -17.612 1.00 31.90 ? 1   PRO B CG  1 
ATOM   761  C CD  . PRO B 1 1  ? -4.165  8.271   -18.040 1.00 30.90 ? 1   PRO B CD  1 
ATOM   762  N N   . GLN B 1 2  ? -7.594  6.578   -15.096 1.00 32.10 ? 2   GLN B N   1 
ATOM   763  C CA  . GLN B 1 2  ? -8.170  6.502   -13.748 1.00 26.40 ? 2   GLN B CA  1 
ATOM   764  C C   . GLN B 1 2  ? -8.362  5.041   -13.266 1.00 23.70 ? 2   GLN B C   1 
ATOM   765  O O   . GLN B 1 2  ? -8.723  4.168   -14.068 1.00 23.40 ? 2   GLN B O   1 
ATOM   766  C CB  . GLN B 1 2  ? -9.402  7.317   -13.744 1.00 25.30 ? 2   GLN B CB  1 
ATOM   767  C CG  . GLN B 1 2  ? -10.078 7.275   -12.415 1.00 32.60 ? 2   GLN B CG  1 
ATOM   768  C CD  . GLN B 1 2  ? -11.342 8.098   -12.548 1.00 41.10 ? 2   GLN B CD  1 
ATOM   769  O OE1 . GLN B 1 2  ? -12.362 7.556   -13.014 1.00 47.00 ? 2   GLN B OE1 1 
ATOM   770  N NE2 . GLN B 1 2  ? -11.191 9.395   -12.366 1.00 38.90 ? 2   GLN B NE2 1 
ATOM   771  N N   . PHE B 1 3  ? -7.823  4.784   -12.076 1.00 19.00 ? 3   PHE B N   1 
ATOM   772  C CA  . PHE B 1 3  ? -7.940  3.470   -11.376 1.00 16.40 ? 3   PHE B CA  1 
ATOM   773  C C   . PHE B 1 3  ? -9.099  3.462   -10.314 1.00 13.50 ? 3   PHE B C   1 
ATOM   774  O O   . PHE B 1 3  ? -8.980  4.165   -9.315  1.00 12.80 ? 3   PHE B O   1 
ATOM   775  C CB  . PHE B 1 3  ? -6.590  3.052   -10.716 1.00 24.20 ? 3   PHE B CB  1 
ATOM   776  C CG  . PHE B 1 3  ? -5.518  2.972   -11.813 1.00 33.20 ? 3   PHE B CG  1 
ATOM   777  C CD1 . PHE B 1 3  ? -4.781  4.099   -12.134 1.00 28.70 ? 3   PHE B CD1 1 
ATOM   778  C CD2 . PHE B 1 3  ? -5.287  1.765   -12.491 1.00 41.70 ? 3   PHE B CD2 1 
ATOM   779  C CE1 . PHE B 1 3  ? -4.047  4.110   -13.299 1.00 29.20 ? 3   PHE B CE1 1 
ATOM   780  C CE2 . PHE B 1 3  ? -4.461  1.743   -13.610 1.00 41.60 ? 3   PHE B CE2 1 
ATOM   781  C CZ  . PHE B 1 3  ? -3.871  2.932   -14.021 1.00 36.00 ? 3   PHE B CZ  1 
ATOM   782  N N   . SER B 1 4  ? -10.065 2.567   -10.441 1.00 18.70 ? 4   SER B N   1 
ATOM   783  C CA  . SER B 1 4  ? -11.254 2.532   -9.561  1.00 27.50 ? 4   SER B CA  1 
ATOM   784  C C   . SER B 1 4  ? -11.112 1.783   -8.190  1.00 24.50 ? 4   SER B C   1 
ATOM   785  O O   . SER B 1 4  ? -11.876 2.086   -7.219  1.00 22.60 ? 4   SER B O   1 
ATOM   786  C CB  . SER B 1 4  ? -12.471 2.067   -10.348 1.00 34.40 ? 4   SER B CB  1 
ATOM   787  O OG  . SER B 1 4  ? -13.183 3.263   -10.625 1.00 36.40 ? 4   SER B OG  1 
ATOM   788  N N   . LEU B 1 5  ? -10.190 0.809   -8.194  1.00 21.30 ? 5   LEU B N   1 
ATOM   789  C CA  . LEU B 1 5  ? -9.841  0.115   -6.946  1.00 18.20 ? 5   LEU B CA  1 
ATOM   790  C C   . LEU B 1 5  ? -10.846 -0.992  -6.576  1.00 15.00 ? 5   LEU B C   1 
ATOM   791  O O   . LEU B 1 5  ? -10.664 -1.647  -5.570  1.00 13.50 ? 5   LEU B O   1 
ATOM   792  C CB  . LEU B 1 5  ? -9.620  1.086   -5.788  1.00 16.80 ? 5   LEU B CB  1 
ATOM   793  C CG  . LEU B 1 5  ? -8.550  2.196   -6.133  1.00 13.30 ? 5   LEU B CG  1 
ATOM   794  C CD1 . LEU B 1 5  ? -8.615  3.292   -5.004  1.00 12.40 ? 5   LEU B CD1 1 
ATOM   795  C CD2 . LEU B 1 5  ? -7.128  1.518   -6.369  1.00 11.50 ? 5   LEU B CD2 1 
ATOM   796  N N   . TRP B 1 6  ? -11.695 -1.352  -7.493  1.00 13.80 ? 6   TRP B N   1 
ATOM   797  C CA  . TRP B 1 6  ? -12.607 -2.483  -7.305  1.00 15.50 ? 6   TRP B CA  1 
ATOM   798  C C   . TRP B 1 6  ? -11.810 -3.753  -7.469  1.00 19.60 ? 6   TRP B C   1 
ATOM   799  O O   . TRP B 1 6  ? -12.076 -4.793  -6.807  1.00 21.80 ? 6   TRP B O   1 
ATOM   800  C CB  . TRP B 1 6  ? -13.780 -2.468  -8.241  1.00 14.90 ? 6   TRP B CB  1 
ATOM   801  C CG  . TRP B 1 6  ? -14.737 -1.294  -7.898  1.00 18.60 ? 6   TRP B CG  1 
ATOM   802  C CD1 . TRP B 1 6  ? -14.957 -0.166  -8.615  1.00 22.70 ? 6   TRP B CD1 1 
ATOM   803  C CD2 . TRP B 1 6  ? -15.558 -1.208  -6.752  1.00 19.50 ? 6   TRP B CD2 1 
ATOM   804  N NE1 . TRP B 1 6  ? -15.919 0.638   -7.923  1.00 22.90 ? 6   TRP B NE1 1 
ATOM   805  C CE2 . TRP B 1 6  ? -16.332 -0.043  -6.876  1.00 23.90 ? 6   TRP B CE2 1 
ATOM   806  C CE3 . TRP B 1 6  ? -15.730 -2.018  -5.613  1.00 21.50 ? 6   TRP B CE3 1 
ATOM   807  C CZ2 . TRP B 1 6  ? -17.364 0.284   -5.954  1.00 30.10 ? 6   TRP B CZ2 1 
ATOM   808  C CZ3 . TRP B 1 6  ? -16.792 -1.701  -4.720  1.00 26.30 ? 6   TRP B CZ3 1 
ATOM   809  C CH2 . TRP B 1 6  ? -17.572 -0.601  -4.886  1.00 29.90 ? 6   TRP B CH2 1 
ATOM   810  N N   . LYS B 1 7  ? -10.741 -3.611  -8.271  1.00 17.10 ? 7   LYS B N   1 
ATOM   811  C CA  . LYS B 1 7  ? -9.710  -4.684  -8.352  1.00 12.70 ? 7   LYS B CA  1 
ATOM   812  C C   . LYS B 1 7  ? -8.352  -4.012  -8.074  1.00 10.00 ? 7   LYS B C   1 
ATOM   813  O O   . LYS B 1 7  ? -8.328  -2.766  -8.091  1.00 10.50 ? 7   LYS B O   1 
ATOM   814  C CB  . LYS B 1 7  ? -9.727  -5.270  -9.721  1.00 12.90 ? 7   LYS B CB  1 
ATOM   815  C CG  . LYS B 1 7  ? -11.103 -5.812  -10.157 1.00 14.00 ? 7   LYS B CG  1 
ATOM   816  C CD  . LYS B 1 7  ? -11.476 -7.190  -9.675  1.00 17.50 ? 7   LYS B CD  1 
ATOM   817  C CE  . LYS B 1 7  ? -12.070 -8.016  -10.826 1.00 26.60 ? 7   LYS B CE  1 
ATOM   818  N NZ  . LYS B 1 7  ? -12.195 -9.467  -10.498 1.00 34.80 ? 7   LYS B NZ  1 
ATOM   819  N N   . ARG B 1 8  ? -7.355  -4.759  -7.597  1.00 11.00 ? 8   ARG B N   1 
ATOM   820  C CA  . ARG B 1 8  ? -6.039  -4.169  -7.331  1.00 16.30 ? 8   ARG B CA  1 
ATOM   821  C C   . ARG B 1 8  ? -5.525  -3.347  -8.575  1.00 15.00 ? 8   ARG B C   1 
ATOM   822  O O   . ARG B 1 8  ? -5.698  -3.767  -9.728  1.00 14.40 ? 8   ARG B O   1 
ATOM   823  C CB  . ARG B 1 8  ? -5.054  -5.304  -7.075  1.00 20.20 ? 8   ARG B CB  1 
ATOM   824  C CG  . ARG B 1 8  ? -5.321  -6.136  -5.813  1.00 19.50 ? 8   ARG B CG  1 
ATOM   825  C CD  . ARG B 1 8  ? -4.548  -7.467  -5.881  1.00 17.70 ? 8   ARG B CD  1 
ATOM   826  N NE  . ARG B 1 8  ? -4.167  -8.060  -4.631  1.00 19.00 ? 8   ARG B NE  1 
ATOM   827  C CZ  . ARG B 1 8  ? -4.399  -9.314  -4.299  1.00 26.50 ? 8   ARG B CZ  1 
ATOM   828  N NH1 . ARG B 1 8  ? -5.248  -10.003 -5.037  1.00 37.20 ? 8   ARG B NH1 1 
ATOM   829  N NH2 . ARG B 1 8  ? -3.790  -9.888  -3.259  1.00 23.30 ? 8   ARG B NH2 1 
ATOM   830  N N   . PRO B 1 9  ? -4.933  -2.163  -8.351  1.00 12.40 ? 9   PRO B N   1 
ATOM   831  C CA  . PRO B 1 9  ? -4.403  -1.346  -9.469  1.00 12.60 ? 9   PRO B CA  1 
ATOM   832  C C   . PRO B 1 9  ? -3.036  -1.915  -10.030 1.00 11.90 ? 9   PRO B C   1 
ATOM   833  O O   . PRO B 1 9  ? -1.966  -1.525  -9.578  1.00 11.10 ? 9   PRO B O   1 
ATOM   834  C CB  . PRO B 1 9  ? -4.185  0.069   -8.788  1.00 13.20 ? 9   PRO B CB  1 
ATOM   835  C CG  . PRO B 1 9  ? -4.049  -0.232  -7.310  1.00 11.60 ? 9   PRO B CG  1 
ATOM   836  C CD  . PRO B 1 9  ? -4.798  -1.543  -7.050  1.00 10.70 ? 9   PRO B CD  1 
ATOM   837  N N   . VAL B 1 10 ? -3.114  -2.837  -10.964 1.00 13.50 ? 10  VAL B N   1 
ATOM   838  C CA  . VAL B 1 10 ? -1.967  -3.629  -11.500 1.00 16.10 ? 10  VAL B CA  1 
ATOM   839  C C   . VAL B 1 10 ? -1.703  -3.315  -12.993 1.00 19.30 ? 10  VAL B C   1 
ATOM   840  O O   . VAL B 1 10 ? -2.636  -3.165  -13.794 1.00 19.30 ? 10  VAL B O   1 
ATOM   841  C CB  . VAL B 1 10 ? -2.082  -5.113  -11.150 1.00 15.20 ? 10  VAL B CB  1 
ATOM   842  C CG1 . VAL B 1 10 ? -1.183  -5.876  -12.020 1.00 15.40 ? 10  VAL B CG1 1 
ATOM   843  C CG2 . VAL B 1 10 ? -1.735  -5.393  -9.632  1.00 15.20 ? 10  VAL B CG2 1 
ATOM   844  N N   . VAL B 1 11 ? -0.507  -2.809  -13.217 1.00 20.00 ? 11  VAL B N   1 
ATOM   845  C CA  . VAL B 1 11 ? -0.073  -2.416  -14.602 1.00 18.40 ? 11  VAL B CA  1 
ATOM   846  C C   . VAL B 1 11 ? 1.233   -3.184  -15.032 1.00 16.10 ? 11  VAL B C   1 
ATOM   847  O O   . VAL B 1 11 ? 1.918   -3.795  -14.168 1.00 14.20 ? 11  VAL B O   1 
ATOM   848  C CB  . VAL B 1 11 ? 0.211   -0.876  -14.688 1.00 17.30 ? 11  VAL B CB  1 
ATOM   849  C CG1 . VAL B 1 11 ? -1.018  -0.120  -14.245 1.00 18.40 ? 11  VAL B CG1 1 
ATOM   850  C CG2 . VAL B 1 11 ? 1.480   -0.455  -13.880 1.00 14.10 ? 11  VAL B CG2 1 
ATOM   851  N N   . THR B 1 12 ? 1.522   -3.146  -16.376 1.00 16.80 ? 12  THR B N   1 
ATOM   852  C CA  . THR B 1 12 ? 2.844   -3.537  -16.936 1.00 18.30 ? 12  THR B CA  1 
ATOM   853  C C   . THR B 1 12 ? 3.759   -2.346  -17.115 1.00 17.00 ? 12  THR B C   1 
ATOM   854  O O   . THR B 1 12 ? 3.402   -1.321  -17.683 1.00 15.40 ? 12  THR B O   1 
ATOM   855  C CB  . THR B 1 12 ? 2.694   -4.355  -18.233 1.00 20.00 ? 12  THR B CB  1 
ATOM   856  O OG1 . THR B 1 12 ? 1.603   -5.274  -17.998 1.00 22.00 ? 12  THR B OG1 1 
ATOM   857  C CG2 . THR B 1 12 ? 4.084   -5.051  -18.562 1.00 17.70 ? 12  THR B CG2 1 
ATOM   858  N N   . ALA B 1 13 ? 4.894   -2.462  -16.471 1.00 18.90 ? 13  ALA B N   1 
ATOM   859  C CA  . ALA B 1 13 ? 5.955   -1.454  -16.428 1.00 19.10 ? 13  ALA B CA  1 
ATOM   860  C C   . ALA B 1 13 ? 7.118   -2.153  -17.182 1.00 19.10 ? 13  ALA B C   1 
ATOM   861  O O   . ALA B 1 13 ? 7.204   -3.355  -17.069 1.00 15.80 ? 13  ALA B O   1 
ATOM   862  C CB  . ALA B 1 13 ? 6.408   -1.366  -14.920 1.00 17.20 ? 13  ALA B CB  1 
ATOM   863  N N   . TYR B 1 14 ? 8.072   -1.437  -17.780 1.00 19.70 ? 14  TYR B N   1 
ATOM   864  C CA  . TYR B 1 14 ? 9.348   -2.025  -18.205 1.00 16.40 ? 14  TYR B CA  1 
ATOM   865  C C   . TYR B 1 14 ? 10.456  -1.396  -17.407 1.00 13.30 ? 14  TYR B C   1 
ATOM   866  O O   . TYR B 1 14 ? 10.566  -0.192  -17.372 1.00 13.00 ? 14  TYR B O   1 
ATOM   867  C CB  . TYR B 1 14 ? 9.585   -1.834  -19.700 1.00 17.70 ? 14  TYR B CB  1 
ATOM   868  C CG  . TYR B 1 14 ? 8.519   -2.409  -20.549 1.00 21.60 ? 14  TYR B CG  1 
ATOM   869  C CD1 . TYR B 1 14 ? 7.304   -1.725  -20.687 1.00 27.40 ? 14  TYR B CD1 1 
ATOM   870  C CD2 . TYR B 1 14 ? 8.732   -3.622  -21.185 1.00 20.20 ? 14  TYR B CD2 1 
ATOM   871  C CE1 . TYR B 1 14 ? 6.303   -2.248  -21.512 1.00 30.90 ? 14  TYR B CE1 1 
ATOM   872  C CE2 . TYR B 1 14 ? 7.729   -4.148  -22.010 1.00 23.70 ? 14  TYR B CE2 1 
ATOM   873  C CZ  . TYR B 1 14 ? 6.544   -3.430  -22.212 1.00 31.40 ? 14  TYR B CZ  1 
ATOM   874  O OH  . TYR B 1 14 ? 5.711   -3.747  -23.254 1.00 37.10 ? 14  TYR B OH  1 
ATOM   875  N N   . ILE B 1 15 ? 11.345  -2.185  -16.865 1.00 13.30 ? 15  ILE B N   1 
ATOM   876  C CA  . ILE B 1 15 ? 12.417  -1.645  -16.048 1.00 16.30 ? 15  ILE B CA  1 
ATOM   877  C C   . ILE B 1 15 ? 13.724  -2.046  -16.734 1.00 22.90 ? 15  ILE B C   1 
ATOM   878  O O   . ILE B 1 15 ? 14.055  -3.238  -16.780 1.00 20.70 ? 15  ILE B O   1 
ATOM   879  C CB  . ILE B 1 15 ? 12.255  -2.303  -14.760 1.00 12.70 ? 15  ILE B CB  1 
ATOM   880  C CG1 . ILE B 1 15 ? 10.769  -2.053  -14.246 1.00 15.90 ? 15  ILE B CG1 1 
ATOM   881  C CG2 . ILE B 1 15 ? 13.414  -1.958  -13.938 1.00 8.80  ? 15  ILE B CG2 1 
ATOM   882  C CD1 . ILE B 1 15 ? 10.412  -2.466  -12.813 1.00 17.80 ? 15  ILE B CD1 1 
ATOM   883  N N   . GLU B 1 16 ? 14.223  -1.089  -17.539 1.00 28.30 ? 16  GLU B N   1 
ATOM   884  C CA  . GLU B 1 16 ? 15.433  -1.282  -18.379 1.00 26.90 ? 16  GLU B CA  1 
ATOM   885  C C   . GLU B 1 16 ? 15.206  -2.357  -19.500 1.00 23.60 ? 16  GLU B C   1 
ATOM   886  O O   . GLU B 1 16 ? 15.991  -3.327  -19.594 1.00 21.10 ? 16  GLU B O   1 
ATOM   887  C CB  . GLU B 1 16 ? 16.618  -1.729  -17.499 1.00 29.10 ? 16  GLU B CB  1 
ATOM   888  C CG  . GLU B 1 16 ? 17.117  -0.670  -16.477 1.00 35.70 ? 16  GLU B CG  1 
ATOM   889  C CD  . GLU B 1 16 ? 17.599  0.687   -17.062 1.00 43.80 ? 16  GLU B CD  1 
ATOM   890  O OE1 . GLU B 1 16 ? 17.488  0.965   -18.274 1.00 53.00 ? 16  GLU B OE1 1 
ATOM   891  O OE2 . GLU B 1 16 ? 18.108  1.536   -16.314 1.00 39.50 ? 16  GLU B OE2 1 
ATOM   892  N N   . GLY B 1 17 ? 14.068  -2.236  -20.188 1.00 23.30 ? 17  GLY B N   1 
ATOM   893  C CA  . GLY B 1 17 ? 13.658  -3.105  -21.307 1.00 25.20 ? 17  GLY B CA  1 
ATOM   894  C C   . GLY B 1 17 ? 12.798  -4.347  -20.935 1.00 28.30 ? 17  GLY B C   1 
ATOM   895  O O   . GLY B 1 17 ? 12.145  -4.905  -21.848 1.00 33.30 ? 17  GLY B O   1 
ATOM   896  N N   . GLN B 1 18 ? 12.697  -4.646  -19.634 1.00 24.70 ? 18  GLN B N   1 
ATOM   897  C CA  . GLN B 1 18 ? 12.082  -5.888  -19.085 1.00 24.60 ? 18  GLN B CA  1 
ATOM   898  C C   . GLN B 1 18 ? 10.669  -5.632  -18.525 1.00 28.10 ? 18  GLN B C   1 
ATOM   899  O O   . GLN B 1 18 ? 10.517  -4.925  -17.546 1.00 24.40 ? 18  GLN B O   1 
ATOM   900  C CB  . GLN B 1 18 ? 12.902  -6.326  -17.902 1.00 28.80 ? 18  GLN B CB  1 
ATOM   901  C CG  . GLN B 1 18 ? 14.366  -6.475  -18.272 1.00 44.00 ? 18  GLN B CG  1 
ATOM   902  C CD  . GLN B 1 18 ? 15.310  -6.662  -17.067 1.00 59.10 ? 18  GLN B CD  1 
ATOM   903  O OE1 . GLN B 1 18 ? 15.397  -7.752  -16.492 1.00 53.80 ? 18  GLN B OE1 1 
ATOM   904  N NE2 . GLN B 1 18 ? 16.071  -5.613  -16.796 1.00 71.30 ? 18  GLN B NE2 1 
ATOM   905  N N   . PRO B 1 19 ? 9.679   -6.367  -19.061 1.00 30.00 ? 19  PRO B N   1 
ATOM   906  C CA  . PRO B 1 19 ? 8.272   -6.323  -18.637 1.00 24.00 ? 19  PRO B CA  1 
ATOM   907  C C   . PRO B 1 19 ? 8.063   -7.070  -17.302 1.00 22.00 ? 19  PRO B C   1 
ATOM   908  O O   . PRO B 1 19 ? 8.587   -8.177  -16.988 1.00 20.40 ? 19  PRO B O   1 
ATOM   909  C CB  . PRO B 1 19 ? 7.513   -6.998  -19.750 1.00 20.60 ? 19  PRO B CB  1 
ATOM   910  C CG  . PRO B 1 19 ? 8.511   -7.987  -20.441 1.00 22.40 ? 19  PRO B CG  1 
ATOM   911  C CD  . PRO B 1 19 ? 9.894   -7.431  -20.103 1.00 28.20 ? 19  PRO B CD  1 
ATOM   912  N N   . VAL B 1 20 ? 7.349   -6.318  -16.468 1.00 23.60 ? 20  VAL B N   1 
ATOM   913  C CA  . VAL B 1 20 ? 6.814   -6.785  -15.136 1.00 22.30 ? 20  VAL B CA  1 
ATOM   914  C C   . VAL B 1 20 ? 5.383   -6.191  -14.906 1.00 16.90 ? 20  VAL B C   1 
ATOM   915  O O   . VAL B 1 20 ? 5.081   -5.042  -15.291 1.00 15.20 ? 20  VAL B O   1 
ATOM   916  C CB  . VAL B 1 20 ? 7.786   -6.411  -13.977 1.00 27.10 ? 20  VAL B CB  1 
ATOM   917  C CG1 . VAL B 1 20 ? 9.198   -7.043  -14.117 1.00 34.50 ? 20  VAL B CG1 1 
ATOM   918  C CG2 . VAL B 1 20 ? 7.855   -4.919  -13.750 1.00 23.50 ? 20  VAL B CG2 1 
ATOM   919  N N   . GLU B 1 21 ? 4.588   -6.946  -14.152 1.00 17.50 ? 21  GLU B N   1 
ATOM   920  C CA  . GLU B 1 21 ? 3.270   -6.453  -13.543 1.00 19.20 ? 21  GLU B CA  1 
ATOM   921  C C   . GLU B 1 21 ? 3.520   -5.897  -12.101 1.00 16.40 ? 21  GLU B C   1 
ATOM   922  O O   . GLU B 1 21 ? 4.184   -6.576  -11.325 1.00 13.70 ? 21  GLU B O   1 
ATOM   923  C CB  . GLU B 1 21 ? 2.226   -7.563  -13.482 1.00 28.60 ? 21  GLU B CB  1 
ATOM   924  C CG  . GLU B 1 21 ? 2.150   -8.264  -14.842 1.00 51.10 ? 21  GLU B CG  1 
ATOM   925  C CD  . GLU B 1 21 ? 0.821   -8.026  -15.579 1.00 72.20 ? 21  GLU B CD  1 
ATOM   926  O OE1 . GLU B 1 21 ? -0.209  -7.744  -14.925 1.00 72.00 ? 21  GLU B OE1 1 
ATOM   927  O OE2 . GLU B 1 21 ? 0.777   -8.126  -16.831 1.00 79.00 ? 21  GLU B OE2 1 
ATOM   928  N N   . VAL B 1 22 ? 3.104   -4.654  -11.820 1.00 14.30 ? 22  VAL B N   1 
ATOM   929  C CA  . VAL B 1 22 ? 3.384   -4.014  -10.512 1.00 9.90  ? 22  VAL B CA  1 
ATOM   930  C C   . VAL B 1 22 ? 2.037   -3.519  -9.953  1.00 8.10  ? 22  VAL B C   1 
ATOM   931  O O   . VAL B 1 22 ? 1.252   -3.144  -10.773 1.00 9.00  ? 22  VAL B O   1 
ATOM   932  C CB  . VAL B 1 22 ? 4.331   -2.836  -10.670 1.00 5.80  ? 22  VAL B CB  1 
ATOM   933  C CG1 . VAL B 1 22 ? 5.552   -3.324  -11.213 1.00 3.90  ? 22  VAL B CG1 1 
ATOM   934  C CG2 . VAL B 1 22 ? 3.771   -1.858  -11.584 1.00 5.00  ? 22  VAL B CG2 1 
ATOM   935  N N   . LEU B 1 23 ? 1.825   -3.576  -8.652  1.00 6.20  ? 23  LEU B N   1 
ATOM   936  C CA  . LEU B 1 23 ? 0.759   -2.976  -7.966  1.00 7.80  ? 23  LEU B CA  1 
ATOM   937  C C   . LEU B 1 23 ? 1.166   -1.586  -7.714  1.00 7.90  ? 23  LEU B C   1 
ATOM   938  O O   . LEU B 1 23 ? 2.176   -1.396  -7.042  1.00 9.70  ? 23  LEU B O   1 
ATOM   939  C CB  . LEU B 1 23 ? 0.837   -3.599  -6.569  1.00 11.70 ? 23  LEU B CB  1 
ATOM   940  C CG  . LEU B 1 23 ? -0.428  -3.336  -5.660  1.00 12.20 ? 23  LEU B CG  1 
ATOM   941  C CD1 . LEU B 1 23 ? -1.681  -3.645  -6.406  1.00 9.60  ? 23  LEU B CD1 1 
ATOM   942  C CD2 . LEU B 1 23 ? -0.353  -4.341  -4.474  1.00 13.40 ? 23  LEU B CD2 1 
ATOM   943  N N   . LEU B 1 24 ? 0.362   -0.615  -8.055  1.00 8.00  ? 24  LEU B N   1 
ATOM   944  C CA  . LEU B 1 24 ? 0.524   0.825   -7.681  1.00 10.00 ? 24  LEU B CA  1 
ATOM   945  C C   . LEU B 1 24 ? 0.039   1.054   -6.208  1.00 12.10 ? 24  LEU B C   1 
ATOM   946  O O   . LEU B 1 24 ? -1.143  0.762   -5.884  1.00 12.90 ? 24  LEU B O   1 
ATOM   947  C CB  . LEU B 1 24 ? -0.328  1.662   -8.633  1.00 8.40  ? 24  LEU B CB  1 
ATOM   948  C CG  . LEU B 1 24 ? 0.000   1.358   -10.101 1.00 7.70  ? 24  LEU B CG  1 
ATOM   949  C CD1 . LEU B 1 24 ? -0.964  2.190   -10.940 1.00 6.60  ? 24  LEU B CD1 1 
ATOM   950  C CD2 . LEU B 1 24 ? 1.455   1.737   -10.416 1.00 9.30  ? 24  LEU B CD2 1 
ATOM   951  N N   . ASP B 1 25 ? 0.997   1.392   -5.370  1.00 11.10 ? 25  ASP B N   1 
ATOM   952  C CA  . ASP B 1 25 ? 0.918   1.164   -3.891  1.00 11.10 ? 25  ASP B CA  1 
ATOM   953  C C   . ASP B 1 25 ? 1.102   2.486   -3.128  1.00 13.10 ? 25  ASP B C   1 
ATOM   954  O O   . ASP B 1 25 ? 2.204   2.923   -2.867  1.00 15.80 ? 25  ASP B O   1 
ATOM   955  C CB  . ASP B 1 25 ? 1.873   0.066   -3.398  1.00 12.60 ? 25  ASP B CB  1 
ATOM   956  C CG  . ASP B 1 25 ? 1.627   -0.283  -1.981  1.00 16.00 ? 25  ASP B CG  1 
ATOM   957  O OD1 . ASP B 1 25 ? 1.021   0.503   -1.272  1.00 15.20 ? 25  ASP B OD1 1 
ATOM   958  O OD2 . ASP B 1 25 ? 2.021   -1.361  -1.512  1.00 19.40 ? 25  ASP B OD2 1 
ATOM   959  N N   . THR B 1 26 ? 0.037   3.183   -2.786  1.00 12.60 ? 26  THR B N   1 
ATOM   960  C CA  . THR B 1 26 ? 0.150   4.528   -2.016  1.00 10.70 ? 26  THR B CA  1 
ATOM   961  C C   . THR B 1 26 ? 0.601   4.382   -0.558  1.00 9.60  ? 26  THR B C   1 
ATOM   962  O O   . THR B 1 26 ? 0.912   5.396   0.078   1.00 9.00  ? 26  THR B O   1 
ATOM   963  C CB  . THR B 1 26 ? -1.180  5.380   -1.939  1.00 7.80  ? 26  THR B CB  1 
ATOM   964  O OG1 . THR B 1 26 ? -2.132  4.587   -1.284  1.00 6.90  ? 26  THR B OG1 1 
ATOM   965  C CG2 . THR B 1 26 ? -1.716  5.890   -3.315  1.00 6.10  ? 26  THR B CG2 1 
ATOM   966  N N   . GLY B 1 27 ? 0.776   3.176   -0.085  1.00 9.80  ? 27  GLY B N   1 
ATOM   967  C CA  . GLY B 1 27 ? 1.080   3.089   1.322   1.00 13.30 ? 27  GLY B CA  1 
ATOM   968  C C   . GLY B 1 27 ? 2.504   2.600   1.430   1.00 17.70 ? 27  GLY B C   1 
ATOM   969  O O   . GLY B 1 27 ? 2.875   2.123   2.506   1.00 21.80 ? 27  GLY B O   1 
ATOM   970  N N   . ALA B 1 28 ? 3.244   2.620   0.293   1.00 14.70 ? 28  ALA B N   1 
ATOM   971  C CA  . ALA B 1 28 ? 4.645   2.144   0.212   1.00 10.40 ? 28  ALA B CA  1 
ATOM   972  C C   . ALA B 1 28 ? 5.490   3.368   0.009   1.00 11.60 ? 28  ALA B C   1 
ATOM   973  O O   . ALA B 1 28 ? 5.195   4.155   -0.884  1.00 13.10 ? 28  ALA B O   1 
ATOM   974  C CB  . ALA B 1 28 ? 4.885   1.236   -0.988  1.00 7.50  ? 28  ALA B CB  1 
ATOM   975  N N   . ASP B 1 29 ? 6.425   3.590   0.891   1.00 12.10 ? 29  ASP B N   1 
ATOM   976  C CA  . ASP B 1 29 ? 7.334   4.652   0.648   1.00 13.30 ? 29  ASP B CA  1 
ATOM   977  C C   . ASP B 1 29 ? 8.166   4.417   -0.637  1.00 13.40 ? 29  ASP B C   1 
ATOM   978  O O   . ASP B 1 29 ? 8.580   5.372   -1.291  1.00 13.50 ? 29  ASP B O   1 
ATOM   979  C CB  . ASP B 1 29 ? 8.301   4.636   1.766   1.00 15.70 ? 29  ASP B CB  1 
ATOM   980  C CG  . ASP B 1 29 ? 7.819   5.279   3.028   1.00 19.00 ? 29  ASP B CG  1 
ATOM   981  O OD1 . ASP B 1 29 ? 6.860   6.085   3.027   1.00 17.50 ? 29  ASP B OD1 1 
ATOM   982  O OD2 . ASP B 1 29 ? 8.445   4.968   4.069   1.00 23.10 ? 29  ASP B OD2 1 
ATOM   983  N N   . ASP B 1 30 ? 8.641   3.217   -0.811  1.00 14.20 ? 30  ASP B N   1 
ATOM   984  C CA  . ASP B 1 30 ? 9.628   2.782   -1.869  1.00 14.90 ? 30  ASP B CA  1 
ATOM   985  C C   . ASP B 1 30 ? 8.974   1.802   -2.890  1.00 13.60 ? 30  ASP B C   1 
ATOM   986  O O   . ASP B 1 30 ? 7.768   1.497   -2.848  1.00 13.70 ? 30  ASP B O   1 
ATOM   987  C CB  . ASP B 1 30 ? 10.729  1.968   -1.099  1.00 17.00 ? 30  ASP B CB  1 
ATOM   988  C CG  . ASP B 1 30 ? 11.324  2.887   -0.084  1.00 20.20 ? 30  ASP B CG  1 
ATOM   989  O OD1 . ASP B 1 30 ? 11.624  4.027   -0.518  1.00 20.60 ? 30  ASP B OD1 1 
ATOM   990  O OD2 . ASP B 1 30 ? 11.503  2.555   1.127   1.00 22.40 ? 30  ASP B OD2 1 
ATOM   991  N N   . SER B 1 31 ? 9.773   1.395   -3.880  1.00 12.50 ? 31  SER B N   1 
ATOM   992  C CA  . SER B 1 31 ? 9.359   0.429   -4.984  1.00 11.20 ? 31  SER B CA  1 
ATOM   993  C C   . SER B 1 31 ? 10.302  -0.759  -4.901  1.00 13.30 ? 31  SER B C   1 
ATOM   994  O O   . SER B 1 31 ? 11.508  -0.560  -4.579  1.00 13.30 ? 31  SER B O   1 
ATOM   995  C CB  . SER B 1 31 ? 9.327   1.118   -6.378  1.00 7.70  ? 31  SER B CB  1 
ATOM   996  O OG  . SER B 1 31 ? 8.701   2.429   -6.239  1.00 6.10  ? 31  SER B OG  1 
ATOM   997  N N   . ILE B 1 32 ? 9.658   -1.935  -4.838  1.00 14.70 ? 32  ILE B N   1 
ATOM   998  C CA  . ILE B 1 32 ? 10.309  -3.324  -4.688  1.00 14.20 ? 32  ILE B CA  1 
ATOM   999  C C   . ILE B 1 32 ? 9.765   -4.238  -5.762  1.00 13.20 ? 32  ILE B C   1 
ATOM   1000 O O   . ILE B 1 32 ? 8.540   -4.466  -5.875  1.00 11.50 ? 32  ILE B O   1 
ATOM   1001 C CB  . ILE B 1 32 ? 10.099  -3.986  -3.217  1.00 14.50 ? 32  ILE B CB  1 
ATOM   1002 C CG1 . ILE B 1 32 ? 10.177  -2.846  -2.248  1.00 22.40 ? 32  ILE B CG1 1 
ATOM   1003 C CG2 . ILE B 1 32 ? 11.037  -5.153  -2.712  1.00 10.00 ? 32  ILE B CG2 1 
ATOM   1004 C CD1 . ILE B 1 32 ? 9.728   -3.270  -0.865  1.00 28.30 ? 32  ILE B CD1 1 
ATOM   1005 N N   . VAL B 1 33 ? 10.736  -4.874  -6.437  1.00 13.50 ? 33  VAL B N   1 
ATOM   1006 C CA  . VAL B 1 33 ? 10.487  -5.880  -7.554  1.00 13.00 ? 33  VAL B CA  1 
ATOM   1007 C C   . VAL B 1 33 ? 11.333  -7.133  -7.309  1.00 16.80 ? 33  VAL B C   1 
ATOM   1008 O O   . VAL B 1 33 ? 12.512  -7.035  -6.929  1.00 19.40 ? 33  VAL B O   1 
ATOM   1009 C CB  . VAL B 1 33 ? 10.668  -5.248  -9.002  1.00 11.60 ? 33  VAL B CB  1 
ATOM   1010 C CG1 . VAL B 1 33 ? 10.186  -3.838  -9.052  1.00 11.00 ? 33  VAL B CG1 1 
ATOM   1011 C CG2 . VAL B 1 33 ? 12.073  -5.121  -9.402  1.00 13.50 ? 33  VAL B CG2 1 
ATOM   1012 N N   . ALA B 1 34 ? 10.710  -8.302  -7.457  1.00 18.50 ? 34  ALA B N   1 
ATOM   1013 C CA  . ALA B 1 34 ? 11.399  -9.628  -7.356  1.00 18.70 ? 34  ALA B CA  1 
ATOM   1014 C C   . ALA B 1 34 ? 11.814  -10.058 -8.819  1.00 22.30 ? 34  ALA B C   1 
ATOM   1015 O O   . ALA B 1 34 ? 11.182  -9.667  -9.807  1.00 23.00 ? 34  ALA B O   1 
ATOM   1016 C CB  . ALA B 1 34 ? 10.441  -10.699 -6.726  1.00 16.20 ? 34  ALA B CB  1 
ATOM   1017 N N   . GLY B 1 35 ? 12.797  -10.899 -8.975  1.00 31.80 ? 35  GLY B N   1 
ATOM   1018 C CA  . GLY B 1 35 ? 13.149  -11.395 -10.339 1.00 47.90 ? 35  GLY B CA  1 
ATOM   1019 C C   . GLY B 1 35 ? 13.562  -10.343 -11.432 1.00 53.60 ? 35  GLY B C   1 
ATOM   1020 O O   . GLY B 1 35 ? 13.345  -10.539 -12.643 1.00 48.10 ? 35  GLY B O   1 
ATOM   1021 N N   . ILE B 1 36 ? 14.216  -9.286  -10.999 1.00 51.70 ? 36  ILE B N   1 
ATOM   1022 C CA  . ILE B 1 36 ? 15.057  -8.471  -11.880 1.00 37.40 ? 36  ILE B CA  1 
ATOM   1023 C C   . ILE B 1 36 ? 16.516  -8.669  -11.398 1.00 33.10 ? 36  ILE B C   1 
ATOM   1024 O O   . ILE B 1 36 ? 16.814  -9.054  -10.241 1.00 30.00 ? 36  ILE B O   1 
ATOM   1025 C CB  . ILE B 1 36 ? 14.618  -6.997  -11.810 1.00 32.50 ? 36  ILE B CB  1 
ATOM   1026 C CG1 . ILE B 1 36 ? 13.180  -6.852  -12.258 1.00 32.90 ? 36  ILE B CG1 1 
ATOM   1027 C CG2 . ILE B 1 36 ? 15.454  -6.175  -12.760 1.00 30.90 ? 36  ILE B CG2 1 
ATOM   1028 C CD1 . ILE B 1 36 ? 13.010  -6.768  -13.790 1.00 31.50 ? 36  ILE B CD1 1 
ATOM   1029 N N   . GLU B 1 37 ? 17.418  -8.471  -12.317 1.00 40.20 ? 37  GLU B N   1 
ATOM   1030 C CA  . GLU B 1 37 ? 18.840  -8.285  -11.950 1.00 50.50 ? 37  GLU B CA  1 
ATOM   1031 C C   . GLU B 1 37 ? 19.301  -7.013  -12.598 1.00 38.00 ? 37  GLU B C   1 
ATOM   1032 O O   . GLU B 1 37 ? 18.909  -6.720  -13.753 1.00 37.20 ? 37  GLU B O   1 
ATOM   1033 C CB  . GLU B 1 37 ? 19.787  -9.466  -12.234 1.00 73.40 ? 37  GLU B CB  1 
ATOM   1034 C CG  . GLU B 1 37 ? 19.481  -10.698 -11.365 1.00 79.00 ? 37  GLU B CG  1 
ATOM   1035 C CD  . GLU B 1 37 ? 20.704  -11.633 -11.191 1.00 79.00 ? 37  GLU B CD  1 
ATOM   1036 O OE1 . GLU B 1 37 ? 21.658  -11.588 -12.006 1.00 79.00 ? 37  GLU B OE1 1 
ATOM   1037 O OE2 . GLU B 1 37 ? 20.746  -12.442 -10.233 1.00 79.00 ? 37  GLU B OE2 1 
ATOM   1038 N N   . LEU B 1 38 ? 19.868  -6.174  -11.747 1.00 28.90 ? 38  LEU B N   1 
ATOM   1039 C CA  . LEU B 1 38 ? 20.157  -4.782  -12.154 1.00 26.30 ? 38  LEU B CA  1 
ATOM   1040 C C   . LEU B 1 38 ? 21.669  -4.495  -12.038 1.00 30.30 ? 38  LEU B C   1 
ATOM   1041 O O   . LEU B 1 38 ? 22.160  -3.402  -12.398 1.00 32.00 ? 38  LEU B O   1 
ATOM   1042 C CB  . LEU B 1 38 ? 19.280  -3.666  -11.484 1.00 24.90 ? 38  LEU B CB  1 
ATOM   1043 C CG  . LEU B 1 38 ? 17.787  -3.698  -11.811 1.00 23.80 ? 38  LEU B CG  1 
ATOM   1044 C CD1 . LEU B 1 38 ? 17.021  -2.684  -10.949 1.00 22.00 ? 38  LEU B CD1 1 
ATOM   1045 C CD2 . LEU B 1 38 ? 17.452  -3.544  -13.321 1.00 24.30 ? 38  LEU B CD2 1 
ATOM   1046 N N   . GLY B 1 39 ? 22.366  -5.430  -11.404 1.00 33.20 ? 39  GLY B N   1 
ATOM   1047 C CA  . GLY B 1 39 ? 23.812  -5.355  -11.420 1.00 35.70 ? 39  GLY B CA  1 
ATOM   1048 C C   . GLY B 1 39 ? 24.386  -5.147  -10.053 1.00 37.20 ? 39  GLY B C   1 
ATOM   1049 O O   . GLY B 1 39 ? 23.837  -5.649  -9.050  1.00 37.70 ? 39  GLY B O   1 
ATOM   1050 N N   . ASN B 1 40 ? 25.465  -4.367  -10.088 1.00 40.90 ? 40  ASN B N   1 
ATOM   1051 C CA  . ASN B 1 40 ? 26.451  -4.305  -8.998  1.00 52.20 ? 40  ASN B CA  1 
ATOM   1052 C C   . ASN B 1 40 ? 26.627  -2.880  -8.490  1.00 32.60 ? 40  ASN B C   1 
ATOM   1053 O O   . ASN B 1 40 ? 27.252  -2.629  -7.455  1.00 31.00 ? 40  ASN B O   1 
ATOM   1054 C CB  . ASN B 1 40 ? 27.814  -4.889  -9.439  1.00 79.00 ? 40  ASN B CB  1 
ATOM   1055 C CG  . ASN B 1 40 ? 28.829  -5.089  -8.279  1.00 79.00 ? 40  ASN B CG  1 
ATOM   1056 O OD1 . ASN B 1 40 ? 28.472  -4.965  -7.104  1.00 79.00 ? 40  ASN B OD1 1 
ATOM   1057 N ND2 . ASN B 1 40 ? 30.055  -5.451  -8.623  1.00 79.00 ? 40  ASN B ND2 1 
ATOM   1058 N N   . ASN B 1 41 ? 26.058  -1.932  -9.149  1.00 24.60 ? 41  ASN B N   1 
ATOM   1059 C CA  . ASN B 1 41 ? 26.134  -0.613  -8.477  1.00 25.50 ? 41  ASN B CA  1 
ATOM   1060 C C   . ASN B 1 41 ? 24.993  -0.527  -7.422  1.00 21.70 ? 41  ASN B C   1 
ATOM   1061 O O   . ASN B 1 41 ? 23.977  0.083   -7.734  1.00 19.40 ? 41  ASN B O   1 
ATOM   1062 C CB  . ASN B 1 41 ? 25.893  0.417   -9.558  1.00 36.40 ? 41  ASN B CB  1 
ATOM   1063 C CG  . ASN B 1 41 ? 27.008  1.410   -9.659  1.00 51.30 ? 41  ASN B CG  1 
ATOM   1064 O OD1 . ASN B 1 41 ? 26.755  2.533   -10.065 1.00 57.00 ? 41  ASN B OD1 1 
ATOM   1065 N ND2 . ASN B 1 41 ? 28.209  0.992   -9.294  1.00 56.70 ? 41  ASN B ND2 1 
ATOM   1066 N N   . TYR B 1 42 ? 25.021  -1.271  -6.300  1.00 21.50 ? 42  TYR B N   1 
ATOM   1067 C CA  . TYR B 1 42 ? 23.810  -1.311  -5.387  1.00 19.60 ? 42  TYR B CA  1 
ATOM   1068 C C   . TYR B 1 42 ? 24.228  -0.899  -4.019  1.00 18.60 ? 42  TYR B C   1 
ATOM   1069 O O   . TYR B 1 42 ? 25.460  -0.837  -3.866  1.00 18.60 ? 42  TYR B O   1 
ATOM   1070 C CB  . TYR B 1 42 ? 23.257  -2.690  -5.224  1.00 18.10 ? 42  TYR B CB  1 
ATOM   1071 C CG  . TYR B 1 42 ? 24.228  -3.742  -4.721  1.00 18.70 ? 42  TYR B CG  1 
ATOM   1072 C CD1 . TYR B 1 42 ? 24.525  -3.891  -3.343  1.00 16.40 ? 42  TYR B CD1 1 
ATOM   1073 C CD2 . TYR B 1 42 ? 24.816  -4.594  -5.673  1.00 21.90 ? 42  TYR B CD2 1 
ATOM   1074 C CE1 . TYR B 1 42 ? 25.378  -4.921  -2.936  1.00 17.70 ? 42  TYR B CE1 1 
ATOM   1075 C CE2 . TYR B 1 42 ? 25.657  -5.634  -5.272  1.00 22.10 ? 42  TYR B CE2 1 
ATOM   1076 C CZ  . TYR B 1 42 ? 25.949  -5.791  -3.917  1.00 20.40 ? 42  TYR B CZ  1 
ATOM   1077 O OH  . TYR B 1 42 ? 26.888  -6.718  -3.580  1.00 21.50 ? 42  TYR B OH  1 
ATOM   1078 N N   . SER B 1 43 ? 23.268  -0.405  -3.188  1.00 16.50 ? 43  SER B N   1 
ATOM   1079 C CA  . SER B 1 43 ? 23.419  -0.286  -1.648  1.00 13.10 ? 43  SER B CA  1 
ATOM   1080 C C   . SER B 1 43 ? 22.374  -1.133  -1.004  1.00 13.80 ? 43  SER B C   1 
ATOM   1081 O O   . SER B 1 43 ? 21.237  -1.261  -1.472  1.00 14.40 ? 43  SER B O   1 
ATOM   1082 C CB  . SER B 1 43 ? 23.263  1.001   -0.879  1.00 13.90 ? 43  SER B CB  1 
ATOM   1083 O OG  . SER B 1 43 ? 23.550  2.177   -1.613  1.00 17.40 ? 43  SER B OG  1 
ATOM   1084 N N   . PRO B 1 44 ? 22.791  -1.794  0.047   1.00 16.80 ? 44  PRO B N   1 
ATOM   1085 C CA  . PRO B 1 44 ? 21.928  -2.762  0.756   1.00 16.20 ? 44  PRO B CA  1 
ATOM   1086 C C   . PRO B 1 44 ? 20.978  -1.946  1.581   1.00 18.70 ? 44  PRO B C   1 
ATOM   1087 O O   . PRO B 1 44 ? 21.397  -0.903  2.061   1.00 19.80 ? 44  PRO B O   1 
ATOM   1088 C CB  . PRO B 1 44 ? 22.855  -3.572  1.623   1.00 16.30 ? 44  PRO B CB  1 
ATOM   1089 C CG  . PRO B 1 44 ? 24.099  -2.682  1.740   1.00 19.20 ? 44  PRO B CG  1 
ATOM   1090 C CD  . PRO B 1 44 ? 24.217  -2.037  0.350   1.00 20.30 ? 44  PRO B CD  1 
ATOM   1091 N N   . LYS B 1 45 ? 19.682  -2.306  1.542   1.00 20.40 ? 45  LYS B N   1 
ATOM   1092 C CA  . LYS B 1 45 ? 18.658  -1.683  2.401   1.00 19.40 ? 45  LYS B CA  1 
ATOM   1093 C C   . LYS B 1 45 ? 17.892  -2.726  3.281   1.00 16.80 ? 45  LYS B C   1 
ATOM   1094 O O   . LYS B 1 45 ? 17.833  -3.929  2.967   1.00 13.20 ? 45  LYS B O   1 
ATOM   1095 C CB  . LYS B 1 45 ? 17.694  -0.743  1.622   1.00 23.10 ? 45  LYS B CB  1 
ATOM   1096 C CG  . LYS B 1 45 ? 18.380  0.383   0.858   1.00 35.10 ? 45  LYS B CG  1 
ATOM   1097 C CD  . LYS B 1 45 ? 18.151  1.789   1.465   1.00 46.30 ? 45  LYS B CD  1 
ATOM   1098 C CE  . LYS B 1 45 ? 19.372  2.370   2.183   1.00 45.60 ? 45  LYS B CE  1 
ATOM   1099 N NZ  . LYS B 1 45 ? 20.538  2.525   1.304   1.00 41.70 ? 45  LYS B NZ  1 
ATOM   1100 N N   . ILE B 1 46 ? 17.309  -2.190  4.382   1.00 18.80 ? 46  ILE B N   1 
ATOM   1101 C CA  . ILE B 1 46 ? 16.270  -2.906  5.234   1.00 20.00 ? 46  ILE B CA  1 
ATOM   1102 C C   . ILE B 1 46 ? 14.899  -2.215  5.067   1.00 18.00 ? 46  ILE B C   1 
ATOM   1103 O O   . ILE B 1 46 ? 14.835  -0.988  5.055   1.00 18.90 ? 46  ILE B O   1 
ATOM   1104 C CB  . ILE B 1 46 ? 16.670  -2.956  6.693   1.00 21.80 ? 46  ILE B CB  1 
ATOM   1105 C CG1 . ILE B 1 46 ? 17.908  -3.792  6.839   1.00 25.10 ? 46  ILE B CG1 1 
ATOM   1106 C CG2 . ILE B 1 46 ? 15.560  -3.554  7.612   1.00 22.40 ? 46  ILE B CG2 1 
ATOM   1107 C CD1 . ILE B 1 46 ? 18.576  -3.523  8.186   1.00 29.20 ? 46  ILE B CD1 1 
ATOM   1108 N N   . VAL B 1 47 ? 13.853  -2.951  4.729   1.00 14.30 ? 47  VAL B N   1 
ATOM   1109 C CA  . VAL B 1 47 ? 12.641  -2.269  4.418   1.00 14.00 ? 47  VAL B CA  1 
ATOM   1110 C C   . VAL B 1 47 ? 11.560  -2.920  5.301   1.00 15.00 ? 47  VAL B C   1 
ATOM   1111 O O   . VAL B 1 47 ? 11.620  -4.128  5.460   1.00 15.30 ? 47  VAL B O   1 
ATOM   1112 C CB  . VAL B 1 47 ? 12.450  -2.340  2.846   1.00 16.50 ? 47  VAL B CB  1 
ATOM   1113 C CG1 . VAL B 1 47 ? 11.493  -3.380  2.398   1.00 18.40 ? 47  VAL B CG1 1 
ATOM   1114 C CG2 . VAL B 1 47 ? 12.223  -0.960  2.190   1.00 16.50 ? 47  VAL B CG2 1 
ATOM   1115 N N   . GLY B 1 48 ? 10.846  -2.140  6.135   1.00 16.10 ? 48  GLY B N   1 
ATOM   1116 C CA  . GLY B 1 48 ? 9.856   -2.695  7.066   1.00 15.00 ? 48  GLY B CA  1 
ATOM   1117 C C   . GLY B 1 48 ? 8.495   -2.916  6.353   1.00 14.80 ? 48  GLY B C   1 
ATOM   1118 O O   . GLY B 1 48 ? 8.059   -2.167  5.476   1.00 14.70 ? 48  GLY B O   1 
ATOM   1119 N N   . GLY B 1 49 ? 7.869   -4.017  6.652   1.00 16.60 ? 49  GLY B N   1 
ATOM   1120 C CA  . GLY B 1 49 ? 6.494   -4.282  6.147   1.00 19.70 ? 49  GLY B CA  1 
ATOM   1121 C C   . GLY B 1 49 ? 5.491   -4.576  7.278   1.00 26.70 ? 49  GLY B C   1 
ATOM   1122 O O   . GLY B 1 49 ? 5.776   -4.338  8.447   1.00 28.30 ? 49  GLY B O   1 
ATOM   1123 N N   . ILE B 1 50 ? 4.473   -5.332  6.937   1.00 35.80 ? 50  ILE B N   1 
ATOM   1124 C CA  . ILE B 1 50 ? 3.338   -5.613  7.821   1.00 45.20 ? 50  ILE B CA  1 
ATOM   1125 C C   . ILE B 1 50 ? 3.671   -6.848  8.640   1.00 37.00 ? 50  ILE B C   1 
ATOM   1126 O O   . ILE B 1 50 ? 3.292   -6.944  9.836   1.00 37.70 ? 50  ILE B O   1 
ATOM   1127 C CB  . ILE B 1 50 ? 2.087   -5.927  6.979   1.00 50.30 ? 50  ILE B CB  1 
ATOM   1128 C CG1 . ILE B 1 50 ? 0.796   -5.633  7.740   1.00 57.10 ? 50  ILE B CG1 1 
ATOM   1129 C CG2 . ILE B 1 50 ? 2.103   -7.399  6.534   1.00 43.20 ? 50  ILE B CG2 1 
ATOM   1130 C CD1 . ILE B 1 50 ? 0.462   -6.721  8.769   1.00 60.10 ? 50  ILE B CD1 1 
ATOM   1131 N N   . GLY B 1 51 ? 4.437   -7.724  7.993   1.00 25.30 ? 51  GLY B N   1 
ATOM   1132 C CA  . GLY B 1 51 ? 4.842   -9.003  8.606   1.00 17.40 ? 51  GLY B CA  1 
ATOM   1133 C C   . GLY B 1 51 ? 6.180   -9.070  9.320   1.00 15.90 ? 51  GLY B C   1 
ATOM   1134 O O   . GLY B 1 51 ? 6.508   -10.066 9.981   1.00 15.60 ? 51  GLY B O   1 
ATOM   1135 N N   . GLY B 1 52 ? 7.025   -8.117  9.046   1.00 19.50 ? 52  GLY B N   1 
ATOM   1136 C CA  . GLY B 1 52 ? 8.496   -8.224  9.384   1.00 23.70 ? 52  GLY B CA  1 
ATOM   1137 C C   . GLY B 1 52 ? 9.340   -7.270  8.505   1.00 23.50 ? 52  GLY B C   1 
ATOM   1138 O O   . GLY B 1 52 ? 8.809   -6.319  7.894   1.00 22.40 ? 52  GLY B O   1 
ATOM   1139 N N   . PHE B 1 53 ? 10.649  -7.532  8.464   1.00 21.20 ? 53  PHE B N   1 
ATOM   1140 C CA  . PHE B 1 53 ? 11.595  -6.813  7.569   1.00 18.30 ? 53  PHE B CA  1 
ATOM   1141 C C   . PHE B 1 53 ? 12.258  -7.800  6.616   1.00 18.50 ? 53  PHE B C   1 
ATOM   1142 O O   . PHE B 1 53 ? 12.358  -8.973  6.972   1.00 18.50 ? 53  PHE B O   1 
ATOM   1143 C CB  . PHE B 1 53 ? 12.728  -6.228  8.326   1.00 19.40 ? 53  PHE B CB  1 
ATOM   1144 C CG  . PHE B 1 53 ? 12.360  -5.500  9.579   1.00 29.60 ? 53  PHE B CG  1 
ATOM   1145 C CD1 . PHE B 1 53 ? 12.020  -6.206  10.746  1.00 34.30 ? 53  PHE B CD1 1 
ATOM   1146 C CD2 . PHE B 1 53 ? 12.364  -4.105  9.570   1.00 34.30 ? 53  PHE B CD2 1 
ATOM   1147 C CE1 . PHE B 1 53 ? 11.743  -5.500  11.911  1.00 36.30 ? 53  PHE B CE1 1 
ATOM   1148 C CE2 . PHE B 1 53 ? 12.167  -3.402  10.755  1.00 34.20 ? 53  PHE B CE2 1 
ATOM   1149 C CZ  . PHE B 1 53 ? 11.843  -4.100  11.919  1.00 35.00 ? 53  PHE B CZ  1 
ATOM   1150 N N   . ILE B 1 54 ? 12.598  -7.258  5.407   1.00 16.10 ? 54  ILE B N   1 
ATOM   1151 C CA  . ILE B 1 54 ? 13.402  -7.835  4.323   1.00 12.10 ? 54  ILE B CA  1 
ATOM   1152 C C   . ILE B 1 54 ? 14.619  -6.913  4.126   1.00 10.60 ? 54  ILE B C   1 
ATOM   1153 O O   . ILE B 1 54 ? 14.638  -5.717  4.522   1.00 9.30  ? 54  ILE B O   1 
ATOM   1154 C CB  . ILE B 1 54 ? 12.626  -8.072  3.012   1.00 13.80 ? 54  ILE B CB  1 
ATOM   1155 C CG1 . ILE B 1 54 ? 11.965  -6.790  2.404   1.00 14.40 ? 54  ILE B CG1 1 
ATOM   1156 C CG2 . ILE B 1 54 ? 11.616  -9.171  3.260   1.00 17.20 ? 54  ILE B CG2 1 
ATOM   1157 C CD1 . ILE B 1 54 ? 11.529  -6.846  0.938   1.00 15.20 ? 54  ILE B CD1 1 
ATOM   1158 N N   . ASN B 1 55 ? 15.698  -7.620  3.761   1.00 12.70 ? 55  ASN B N   1 
ATOM   1159 C CA  . ASN B 1 55 ? 16.922  -7.018  3.265   1.00 14.00 ? 55  ASN B CA  1 
ATOM   1160 C C   . ASN B 1 55 ? 16.816  -6.860  1.757   1.00 15.00 ? 55  ASN B C   1 
ATOM   1161 O O   . ASN B 1 55 ? 16.321  -7.725  1.049   1.00 16.20 ? 55  ASN B O   1 
ATOM   1162 C CB  . ASN B 1 55 ? 18.047  -7.898  3.655   1.00 13.90 ? 55  ASN B CB  1 
ATOM   1163 C CG  . ASN B 1 55 ? 18.196  -7.951  5.160   1.00 16.40 ? 55  ASN B CG  1 
ATOM   1164 O OD1 . ASN B 1 55 ? 18.733  -7.081  5.761   1.00 17.30 ? 55  ASN B OD1 1 
ATOM   1165 N ND2 . ASN B 1 55 ? 17.895  -9.043  5.772   1.00 18.70 ? 55  ASN B ND2 1 
ATOM   1166 N N   . THR B 1 56 ? 17.046  -5.664  1.298   1.00 15.40 ? 56  THR B N   1 
ATOM   1167 C CA  . THR B 1 56 ? 17.033  -5.500  -0.171  1.00 17.60 ? 56  THR B CA  1 
ATOM   1168 C C   . THR B 1 56 ? 18.401  -4.928  -0.790  1.00 16.70 ? 56  THR B C   1 
ATOM   1169 O O   . THR B 1 56 ? 19.318  -4.443  -0.080  1.00 18.30 ? 56  THR B O   1 
ATOM   1170 C CB  . THR B 1 56 ? 15.823  -4.579  -0.505  1.00 17.40 ? 56  THR B CB  1 
ATOM   1171 O OG1 . THR B 1 56 ? 16.205  -3.295  -0.056  1.00 17.10 ? 56  THR B OG1 1 
ATOM   1172 C CG2 . THR B 1 56 ? 14.505  -5.047  0.127   1.00 14.60 ? 56  THR B CG2 1 
ATOM   1173 N N   . LEU B 1 57 ? 18.462  -4.825  -2.110  1.00 13.40 ? 57  LEU B N   1 
ATOM   1174 C CA  . LEU B 1 57 ? 19.566  -4.046  -2.785  1.00 12.30 ? 57  LEU B CA  1 
ATOM   1175 C C   . LEU B 1 57 ? 18.929  -2.914  -3.484  1.00 14.50 ? 57  LEU B C   1 
ATOM   1176 O O   . LEU B 1 57 ? 17.990  -3.165  -4.216  1.00 16.30 ? 57  LEU B O   1 
ATOM   1177 C CB  . LEU B 1 57 ? 20.235  -4.909  -3.809  1.00 11.40 ? 57  LEU B CB  1 
ATOM   1178 C CG  . LEU B 1 57 ? 20.809  -6.128  -3.015  1.00 13.30 ? 57  LEU B CG  1 
ATOM   1179 C CD1 . LEU B 1 57 ? 21.523  -7.064  -3.918  1.00 16.70 ? 57  LEU B CD1 1 
ATOM   1180 C CD2 . LEU B 1 57 ? 21.814  -5.737  -1.921  1.00 12.10 ? 57  LEU B CD2 1 
ATOM   1181 N N   . GLU B 1 58 ? 19.330  -1.691  -3.160  1.00 14.00 ? 58  GLU B N   1 
ATOM   1182 C CA  . GLU B 1 58 ? 18.767  -0.464  -3.727  1.00 11.60 ? 58  GLU B CA  1 
ATOM   1183 C C   . GLU B 1 58 ? 19.608  -0.017  -4.930  1.00 10.30 ? 58  GLU B C   1 
ATOM   1184 O O   . GLU B 1 58 ? 20.781  0.266   -4.780  1.00 8.40  ? 58  GLU B O   1 
ATOM   1185 C CB  . GLU B 1 58 ? 19.049  0.553   -2.649  1.00 12.20 ? 58  GLU B CB  1 
ATOM   1186 C CG  . GLU B 1 58 ? 18.206  1.778   -3.053  1.00 13.90 ? 58  GLU B CG  1 
ATOM   1187 C CD  . GLU B 1 58 ? 18.626  3.058   -2.350  1.00 15.60 ? 58  GLU B CD  1 
ATOM   1188 O OE1 . GLU B 1 58 ? 19.785  3.514   -2.220  1.00 16.40 ? 58  GLU B OE1 1 
ATOM   1189 O OE2 . GLU B 1 58 ? 17.732  3.691   -1.872  1.00 16.00 ? 58  GLU B OE2 1 
ATOM   1190 N N   . TYR B 1 59 ? 18.941  0.369   -6.000  1.00 13.20 ? 59  TYR B N   1 
ATOM   1191 C CA  . TYR B 1 59 ? 19.634  0.932   -7.251  1.00 14.90 ? 59  TYR B CA  1 
ATOM   1192 C C   . TYR B 1 59 ? 19.059  2.307   -7.532  1.00 13.70 ? 59  TYR B C   1 
ATOM   1193 O O   . TYR B 1 59 ? 17.843  2.405   -7.677  1.00 15.50 ? 59  TYR B O   1 
ATOM   1194 C CB  . TYR B 1 59 ? 19.364  0.033   -8.499  1.00 16.50 ? 59  TYR B CB  1 
ATOM   1195 C CG  . TYR B 1 59 ? 19.858  -1.395  -8.257  1.00 18.20 ? 59  TYR B CG  1 
ATOM   1196 C CD1 . TYR B 1 59 ? 19.103  -2.326  -7.520  1.00 17.20 ? 59  TYR B CD1 1 
ATOM   1197 C CD2 . TYR B 1 59 ? 21.118  -1.770  -8.801  1.00 22.30 ? 59  TYR B CD2 1 
ATOM   1198 C CE1 . TYR B 1 59 ? 19.650  -3.586  -7.289  1.00 21.20 ? 59  TYR B CE1 1 
ATOM   1199 C CE2 . TYR B 1 59 ? 21.663  -3.034  -8.573  1.00 22.40 ? 59  TYR B CE2 1 
ATOM   1200 C CZ  . TYR B 1 59 ? 20.930  -3.949  -7.817  1.00 21.00 ? 59  TYR B CZ  1 
ATOM   1201 O OH  . TYR B 1 59 ? 21.422  -5.201  -7.670  1.00 16.90 ? 59  TYR B OH  1 
ATOM   1202 N N   . LYS B 1 60 ? 19.895  3.285   -7.802  1.00 11.20 ? 60  LYS B N   1 
ATOM   1203 C CA  . LYS B 1 60 ? 19.502  4.671   -8.113  1.00 12.80 ? 60  LYS B CA  1 
ATOM   1204 C C   . LYS B 1 60 ? 19.419  4.920   -9.668  1.00 18.20 ? 60  LYS B C   1 
ATOM   1205 O O   . LYS B 1 60 ? 20.019  4.202   -10.437 1.00 20.50 ? 60  LYS B O   1 
ATOM   1206 C CB  . LYS B 1 60 ? 20.560  5.600   -7.541  1.00 12.20 ? 60  LYS B CB  1 
ATOM   1207 C CG  . LYS B 1 60 ? 20.691  5.460   -5.964  1.00 12.60 ? 60  LYS B CG  1 
ATOM   1208 C CD  . LYS B 1 60 ? 19.540  6.170   -5.313  1.00 13.60 ? 60  LYS B CD  1 
ATOM   1209 C CE  . LYS B 1 60 ? 19.492  6.009   -3.824  1.00 16.70 ? 60  LYS B CE  1 
ATOM   1210 N NZ  . LYS B 1 60 ? 20.724  6.564   -3.347  1.00 19.50 ? 60  LYS B NZ  1 
ATOM   1211 N N   . ASN B 1 61 ? 18.481  5.736   -10.126 1.00 19.70 ? 61  ASN B N   1 
ATOM   1212 C CA  . ASN B 1 61 ? 18.438  6.260   -11.497 1.00 20.70 ? 61  ASN B CA  1 
ATOM   1213 C C   . ASN B 1 61 ? 18.052  5.193   -12.535 1.00 19.70 ? 61  ASN B C   1 
ATOM   1214 O O   . ASN B 1 61 ? 18.695  5.113   -13.609 1.00 20.60 ? 61  ASN B O   1 
ATOM   1215 C CB  . ASN B 1 61 ? 19.850  6.877   -11.739 1.00 23.50 ? 61  ASN B CB  1 
ATOM   1216 C CG  . ASN B 1 61 ? 19.899  7.748   -12.958 1.00 28.50 ? 61  ASN B CG  1 
ATOM   1217 O OD1 . ASN B 1 61 ? 18.936  8.449   -13.234 1.00 31.20 ? 61  ASN B OD1 1 
ATOM   1218 N ND2 . ASN B 1 61 ? 21.013  7.759   -13.646 1.00 29.90 ? 61  ASN B ND2 1 
ATOM   1219 N N   . VAL B 1 62 ? 17.205  4.246   -12.111 1.00 17.10 ? 62  VAL B N   1 
ATOM   1220 C CA  . VAL B 1 62 ? 16.819  3.137   -12.999 1.00 15.90 ? 62  VAL B CA  1 
ATOM   1221 C C   . VAL B 1 62 ? 15.850  3.670   -14.043 1.00 18.50 ? 62  VAL B C   1 
ATOM   1222 O O   . VAL B 1 62 ? 14.918  4.423   -13.745 1.00 19.70 ? 62  VAL B O   1 
ATOM   1223 C CB  . VAL B 1 62 ? 16.308  1.977   -12.189 1.00 16.00 ? 62  VAL B CB  1 
ATOM   1224 C CG1 . VAL B 1 62 ? 15.818  0.821   -13.058 1.00 16.10 ? 62  VAL B CG1 1 
ATOM   1225 C CG2 . VAL B 1 62 ? 17.477  1.487   -11.293 1.00 17.50 ? 62  VAL B CG2 1 
ATOM   1226 N N   . GLU B 1 63 ? 15.969  3.212   -15.262 1.00 20.60 ? 63  GLU B N   1 
ATOM   1227 C CA  . GLU B 1 63 ? 15.063  3.727   -16.292 1.00 21.20 ? 63  GLU B CA  1 
ATOM   1228 C C   . GLU B 1 63 ? 13.762  2.951   -16.283 1.00 16.20 ? 63  GLU B C   1 
ATOM   1229 O O   . GLU B 1 63 ? 13.750  1.763   -16.507 1.00 13.30 ? 63  GLU B O   1 
ATOM   1230 C CB  . GLU B 1 63 ? 15.719  3.534   -17.626 1.00 26.80 ? 63  GLU B CB  1 
ATOM   1231 C CG  . GLU B 1 63 ? 14.917  4.211   -18.703 1.00 43.10 ? 63  GLU B CG  1 
ATOM   1232 C CD  . GLU B 1 63 ? 15.293  3.583   -20.040 1.00 73.50 ? 63  GLU B CD  1 
ATOM   1233 O OE1 . GLU B 1 63 ? 16.476  3.228   -20.266 1.00 79.00 ? 63  GLU B OE1 1 
ATOM   1234 O OE2 . GLU B 1 63 ? 14.411  3.413   -20.905 1.00 79.00 ? 63  GLU B OE2 1 
ATOM   1235 N N   . ILE B 1 64 ? 12.664  3.634   -16.151 1.00 15.70 ? 64  ILE B N   1 
ATOM   1236 C CA  . ILE B 1 64 ? 11.392  2.873   -16.107 1.00 16.90 ? 64  ILE B CA  1 
ATOM   1237 C C   . ILE B 1 64 ? 10.412  3.501   -17.084 1.00 17.60 ? 64  ILE B C   1 
ATOM   1238 O O   . ILE B 1 64 ? 10.262  4.734   -17.123 1.00 18.00 ? 64  ILE B O   1 
ATOM   1239 C CB  . ILE B 1 64 ? 10.760  2.911   -14.665 1.00 16.80 ? 64  ILE B CB  1 
ATOM   1240 C CG1 . ILE B 1 64 ? 11.652  2.332   -13.577 1.00 21.60 ? 64  ILE B CG1 1 
ATOM   1241 C CG2 . ILE B 1 64 ? 9.398   2.277   -14.581 1.00 12.80 ? 64  ILE B CG2 1 
ATOM   1242 C CD1 . ILE B 1 64 ? 11.711  3.266   -12.316 1.00 24.30 ? 64  ILE B CD1 1 
ATOM   1243 N N   . GLU B 1 65 ? 9.731   2.627   -17.850 1.00 16.70 ? 65  GLU B N   1 
ATOM   1244 C CA  . GLU B 1 65 ? 8.602   3.033   -18.684 1.00 15.80 ? 65  GLU B CA  1 
ATOM   1245 C C   . GLU B 1 65 ? 7.253   2.466   -18.149 1.00 14.70 ? 65  GLU B C   1 
ATOM   1246 O O   . GLU B 1 65 ? 7.082   1.266   -18.073 1.00 15.70 ? 65  GLU B O   1 
ATOM   1247 C CB  . GLU B 1 65 ? 8.846   2.428   -20.065 1.00 21.90 ? 65  GLU B CB  1 
ATOM   1248 C CG  . GLU B 1 65 ? 7.720   2.819   -20.948 1.00 36.40 ? 65  GLU B CG  1 
ATOM   1249 C CD  . GLU B 1 65 ? 8.240   2.877   -22.355 1.00 52.90 ? 65  GLU B CD  1 
ATOM   1250 O OE1 . GLU B 1 65 ? 9.433   3.209   -22.563 1.00 62.80 ? 65  GLU B OE1 1 
ATOM   1251 O OE2 . GLU B 1 65 ? 7.477   2.594   -23.293 1.00 53.10 ? 65  GLU B OE2 1 
ATOM   1252 N N   . VAL B 1 66 ? 6.298   3.298   -17.768 1.00 13.80 ? 66  VAL B N   1 
ATOM   1253 C CA  . VAL B 1 66 ? 5.032   2.793   -17.283 1.00 13.20 ? 66  VAL B CA  1 
ATOM   1254 C C   . VAL B 1 66 ? 4.027   3.807   -17.579 1.00 13.90 ? 66  VAL B C   1 
ATOM   1255 O O   . VAL B 1 66 ? 4.288   5.003   -17.417 1.00 12.80 ? 66  VAL B O   1 
ATOM   1256 C CB  . VAL B 1 66 ? 5.089   2.627   -15.779 1.00 14.10 ? 66  VAL B CB  1 
ATOM   1257 C CG1 . VAL B 1 66 ? 5.707   3.823   -15.031 1.00 14.10 ? 66  VAL B CG1 1 
ATOM   1258 C CG2 . VAL B 1 66 ? 3.803   1.969   -15.203 1.00 14.70 ? 66  VAL B CG2 1 
ATOM   1259 N N   . LEU B 1 67 ? 2.895   3.301   -18.022 1.00 21.00 ? 67  LEU B N   1 
ATOM   1260 C CA  . LEU B 1 67 ? 1.680   4.140   -18.390 1.00 29.20 ? 67  LEU B CA  1 
ATOM   1261 C C   . LEU B 1 67 ? 1.953   5.201   -19.503 1.00 25.20 ? 67  LEU B C   1 
ATOM   1262 O O   . LEU B 1 67 ? 1.408   6.294   -19.442 1.00 24.10 ? 67  LEU B O   1 
ATOM   1263 C CB  . LEU B 1 67 ? 1.007   4.807   -17.142 1.00 34.80 ? 67  LEU B CB  1 
ATOM   1264 C CG  . LEU B 1 67 ? 0.219   3.858   -16.195 1.00 28.50 ? 67  LEU B CG  1 
ATOM   1265 C CD1 . LEU B 1 67 ? -0.152  4.641   -14.970 1.00 24.80 ? 67  LEU B CD1 1 
ATOM   1266 C CD2 . LEU B 1 67 ? -1.076  3.294   -16.801 1.00 25.00 ? 67  LEU B CD2 1 
ATOM   1267 N N   . ASN B 1 68 ? 2.865   4.867   -20.402 1.00 24.00 ? 68  ASN B N   1 
ATOM   1268 C CA  . ASN B 1 68 ? 3.265   5.640   -21.633 1.00 26.50 ? 68  ASN B CA  1 
ATOM   1269 C C   . ASN B 1 68 ? 4.120   6.854   -21.303 1.00 29.10 ? 68  ASN B C   1 
ATOM   1270 O O   . ASN B 1 68 ? 3.988   7.915   -21.971 1.00 32.40 ? 68  ASN B O   1 
ATOM   1271 C CB  . ASN B 1 68 ? 2.110   6.018   -22.572 1.00 26.30 ? 68  ASN B CB  1 
ATOM   1272 C CG  . ASN B 1 68 ? 1.571   4.746   -23.222 1.00 31.60 ? 68  ASN B CG  1 
ATOM   1273 O OD1 . ASN B 1 68 ? 2.351   4.021   -23.927 1.00 35.50 ? 68  ASN B OD1 1 
ATOM   1274 N ND2 . ASN B 1 68 ? 0.305   4.447   -22.915 1.00 33.30 ? 68  ASN B ND2 1 
ATOM   1275 N N   . LYS B 1 69 ? 4.855   6.695   -20.185 1.00 23.30 ? 69  LYS B N   1 
ATOM   1276 C CA  . LYS B 1 69 ? 5.777   7.735   -19.692 1.00 20.20 ? 69  LYS B CA  1 
ATOM   1277 C C   . LYS B 1 69 ? 7.109   7.112   -19.400 1.00 16.50 ? 69  LYS B C   1 
ATOM   1278 O O   . LYS B 1 69 ? 7.256   5.899   -19.248 1.00 16.60 ? 69  LYS B O   1 
ATOM   1279 C CB  . LYS B 1 69 ? 5.219   8.448   -18.448 1.00 30.40 ? 69  LYS B CB  1 
ATOM   1280 C CG  . LYS B 1 69 ? 4.149   9.450   -18.767 1.00 44.10 ? 69  LYS B CG  1 
ATOM   1281 C CD  . LYS B 1 69 ? 4.094   10.458  -17.633 1.00 52.50 ? 69  LYS B CD  1 
ATOM   1282 C CE  . LYS B 1 69 ? 5.442   11.172  -17.504 1.00 54.40 ? 69  LYS B CE  1 
ATOM   1283 N NZ  . LYS B 1 69 ? 5.527   11.999  -16.284 1.00 55.10 ? 69  LYS B NZ  1 
ATOM   1284 N N   . LYS B 1 70 ? 8.119   7.901   -19.344 1.00 20.40 ? 70  LYS B N   1 
ATOM   1285 C CA  . LYS B 1 70 ? 9.391   7.315   -19.054 1.00 33.20 ? 70  LYS B CA  1 
ATOM   1286 C C   . LYS B 1 70 ? 9.951   8.163   -17.957 1.00 31.00 ? 70  LYS B C   1 
ATOM   1287 O O   . LYS B 1 70 ? 9.753   9.400   -17.984 1.00 29.50 ? 70  LYS B O   1 
ATOM   1288 C CB  . LYS B 1 70 ? 10.330  7.273   -20.256 1.00 50.60 ? 70  LYS B CB  1 
ATOM   1289 C CG  . LYS B 1 70 ? 11.711  6.885   -19.754 1.00 70.40 ? 70  LYS B CG  1 
ATOM   1290 C CD  . LYS B 1 70 ? 12.764  6.754   -20.834 1.00 79.00 ? 70  LYS B CD  1 
ATOM   1291 C CE  . LYS B 1 70 ? 14.099  6.374   -20.191 1.00 79.00 ? 70  LYS B CE  1 
ATOM   1292 N NZ  . LYS B 1 70 ? 15.145  6.108   -21.185 1.00 79.00 ? 70  LYS B NZ  1 
ATOM   1293 N N   . VAL B 1 71 ? 10.463  7.430   -16.953 1.00 26.90 ? 71  VAL B N   1 
ATOM   1294 C CA  . VAL B 1 71 ? 11.084  8.016   -15.788 1.00 19.80 ? 71  VAL B CA  1 
ATOM   1295 C C   . VAL B 1 71 ? 12.394  7.287   -15.348 1.00 15.10 ? 71  VAL B C   1 
ATOM   1296 O O   . VAL B 1 71 ? 12.666  6.078   -15.611 1.00 13.50 ? 71  VAL B O   1 
ATOM   1297 C CB  . VAL B 1 71 ? 10.045  8.230   -14.664 1.00 24.90 ? 71  VAL B CB  1 
ATOM   1298 C CG1 . VAL B 1 71 ? 8.995   9.293   -15.059 1.00 36.20 ? 71  VAL B CG1 1 
ATOM   1299 C CG2 . VAL B 1 71 ? 9.291   6.970   -14.317 1.00 19.50 ? 71  VAL B CG2 1 
ATOM   1300 N N   . ARG B 1 72 ? 13.242  8.093   -14.723 1.00 19.20 ? 72  ARG B N   1 
ATOM   1301 C CA  . ARG B 1 72 ? 14.350  7.528   -13.905 1.00 24.20 ? 72  ARG B CA  1 
ATOM   1302 C C   . ARG B 1 72 ? 14.082  7.607   -12.333 1.00 22.50 ? 72  ARG B C   1 
ATOM   1303 O O   . ARG B 1 72 ? 13.826  8.726   -11.865 1.00 24.60 ? 72  ARG B O   1 
ATOM   1304 C CB  . ARG B 1 72 ? 15.653  8.167   -14.386 1.00 25.90 ? 72  ARG B CB  1 
ATOM   1305 C CG  . ARG B 1 72 ? 16.090  7.514   -15.679 1.00 27.90 ? 72  ARG B CG  1 
ATOM   1306 C CD  . ARG B 1 72 ? 17.463  7.983   -16.122 1.00 36.40 ? 72  ARG B CD  1 
ATOM   1307 N NE  . ARG B 1 72 ? 18.002  7.126   -17.173 1.00 47.20 ? 72  ARG B NE  1 
ATOM   1308 C CZ  . ARG B 1 72 ? 18.785  6.057   -16.919 1.00 59.10 ? 72  ARG B CZ  1 
ATOM   1309 N NH1 . ARG B 1 72 ? 19.109  5.721   -15.657 1.00 52.50 ? 72  ARG B NH1 1 
ATOM   1310 N NH2 . ARG B 1 72 ? 19.247  5.310   -17.935 1.00 74.10 ? 72  ARG B NH2 1 
ATOM   1311 N N   . ALA B 1 73 ? 14.055  6.445   -11.622 1.00 18.10 ? 73  ALA B N   1 
ATOM   1312 C CA  . ALA B 1 73 ? 13.622  6.307   -10.189 1.00 18.60 ? 73  ALA B CA  1 
ATOM   1313 C C   . ALA B 1 73 ? 14.539  5.359   -9.449  1.00 16.30 ? 73  ALA B C   1 
ATOM   1314 O O   . ALA B 1 73 ? 15.251  4.676   -10.168 1.00 15.20 ? 73  ALA B O   1 
ATOM   1315 C CB  . ALA B 1 73 ? 12.221  5.713   -10.053 1.00 19.30 ? 73  ALA B CB  1 
ATOM   1316 N N   . THR B 1 74 ? 14.462  5.277   -8.079  1.00 11.50 ? 74  THR B N   1 
ATOM   1317 C CA  . THR B 1 74 ? 15.194  4.292   -7.271  1.00 7.60  ? 74  THR B CA  1 
ATOM   1318 C C   . THR B 1 74 ? 14.377  3.098   -7.166  1.00 6.70  ? 74  THR B C   1 
ATOM   1319 O O   . THR B 1 74 ? 13.166  3.195   -7.172  1.00 7.40  ? 74  THR B O   1 
ATOM   1320 C CB  . THR B 1 74 ? 15.370  4.916   -5.938  1.00 10.20 ? 74  THR B CB  1 
ATOM   1321 O OG1 . THR B 1 74 ? 16.061  6.079   -6.215  1.00 12.80 ? 74  THR B OG1 1 
ATOM   1322 C CG2 . THR B 1 74 ? 16.175  4.035   -4.966  1.00 10.10 ? 74  THR B CG2 1 
ATOM   1323 N N   . ILE B 1 75 ? 14.917  1.984   -7.475  1.00 9.30  ? 75  ILE B N   1 
ATOM   1324 C CA  . ILE B 1 75 ? 14.197  0.718   -7.380  1.00 14.00 ? 75  ILE B CA  1 
ATOM   1325 C C   . ILE B 1 75 ? 15.023  -0.216  -6.468  1.00 12.10 ? 75  ILE B C   1 
ATOM   1326 O O   . ILE B 1 75 ? 16.254  -0.227  -6.489  1.00 11.40 ? 75  ILE B O   1 
ATOM   1327 C CB  . ILE B 1 75 ? 14.115  0.098   -8.827  1.00 20.60 ? 75  ILE B CB  1 
ATOM   1328 C CG1 . ILE B 1 75 ? 13.174  0.841   -9.776  1.00 32.90 ? 75  ILE B CG1 1 
ATOM   1329 C CG2 . ILE B 1 75 ? 13.695  -1.369  -8.764  1.00 17.70 ? 75  ILE B CG2 1 
ATOM   1330 C CD1 . ILE B 1 75 ? 11.736  0.338   -9.567  1.00 42.50 ? 75  ILE B CD1 1 
ATOM   1331 N N   . MET B 1 76 ? 14.357  -0.879  -5.571  1.00 11.40 ? 76  MET B N   1 
ATOM   1332 C CA  . MET B 1 76 ? 14.967  -1.944  -4.685  1.00 12.30 ? 76  MET B CA  1 
ATOM   1333 C C   . MET B 1 76 ? 14.575  -3.304  -5.156  1.00 13.00 ? 76  MET B C   1 
ATOM   1334 O O   . MET B 1 76 ? 13.551  -3.577  -5.806  1.00 10.40 ? 76  MET B O   1 
ATOM   1335 C CB  . MET B 1 76 ? 14.445  -1.886  -3.263  1.00 14.80 ? 76  MET B CB  1 
ATOM   1336 C CG  . MET B 1 76 ? 14.847  -0.561  -2.625  1.00 18.80 ? 76  MET B CG  1 
ATOM   1337 S SD  . MET B 1 76 ? 14.233  -0.633  -0.994  1.00 22.60 ? 76  MET B SD  1 
ATOM   1338 C CE  . MET B 1 76 ? 15.582  -0.113  0.003   1.00 24.60 ? 76  MET B CE  1 
ATOM   1339 N N   . THR B 1 77 ? 15.533  -4.161  -5.005  1.00 17.30 ? 77  THR B N   1 
ATOM   1340 C CA  . THR B 1 77 ? 15.321  -5.508  -5.468  1.00 18.60 ? 77  THR B CA  1 
ATOM   1341 C C   . THR B 1 77 ? 15.318  -6.509  -4.279  1.00 14.10 ? 77  THR B C   1 
ATOM   1342 O O   . THR B 1 77 ? 16.055  -6.346  -3.277  1.00 11.70 ? 77  THR B O   1 
ATOM   1343 C CB  . THR B 1 77 ? 16.349  -5.800  -6.546  1.00 20.90 ? 77  THR B CB  1 
ATOM   1344 O OG1 . THR B 1 77 ? 15.625  -6.497  -7.512  1.00 29.80 ? 77  THR B OG1 1 
ATOM   1345 C CG2 . THR B 1 77 ? 17.512  -6.561  -6.026  1.00 12.00 ? 77  THR B CG2 1 
ATOM   1346 N N   . GLY B 1 78 ? 14.427  -7.458  -4.371  1.00 15.60 ? 78  GLY B N   1 
ATOM   1347 C CA  . GLY B 1 78 ? 14.313  -8.437  -3.328  1.00 21.50 ? 78  GLY B CA  1 
ATOM   1348 C C   . GLY B 1 78 ? 13.024  -9.282  -3.460  1.00 27.30 ? 78  GLY B C   1 
ATOM   1349 O O   . GLY B 1 78 ? 12.150  -9.060  -4.331  1.00 26.50 ? 78  GLY B O   1 
ATOM   1350 N N   . ASP B 1 79 ? 12.910  -10.064 -2.387  1.00 33.00 ? 79  ASP B N   1 
ATOM   1351 C CA  . ASP B 1 79 ? 11.929  -11.136 -2.136  1.00 37.50 ? 79  ASP B CA  1 
ATOM   1352 C C   . ASP B 1 79 ? 10.557  -10.557 -1.644  1.00 33.90 ? 79  ASP B C   1 
ATOM   1353 O O   . ASP B 1 79 ? 10.167  -10.570 -0.467  1.00 31.70 ? 79  ASP B O   1 
ATOM   1354 C CB  . ASP B 1 79 ? 12.534  -12.064 -1.074  1.00 54.40 ? 79  ASP B CB  1 
ATOM   1355 C CG  . ASP B 1 79 ? 11.684  -13.312 -0.829  1.00 79.00 ? 79  ASP B CG  1 
ATOM   1356 O OD1 . ASP B 1 79 ? 11.107  -13.879 -1.788  1.00 79.00 ? 79  ASP B OD1 1 
ATOM   1357 O OD2 . ASP B 1 79 ? 11.570  -13.764 0.335   1.00 79.00 ? 79  ASP B OD2 1 
ATOM   1358 N N   . THR B 1 80 ? 9.799   -10.115 -2.591  1.00 31.30 ? 80  THR B N   1 
ATOM   1359 C CA  . THR B 1 80 ? 8.518   -9.577  -2.280  1.00 28.10 ? 80  THR B CA  1 
ATOM   1360 C C   . THR B 1 80 ? 7.569   -10.465 -3.051  1.00 33.90 ? 80  THR B C   1 
ATOM   1361 O O   . THR B 1 80 ? 7.821   -10.795 -4.220  1.00 35.30 ? 80  THR B O   1 
ATOM   1362 C CB  . THR B 1 80 ? 8.420   -8.178  -2.836  1.00 21.20 ? 80  THR B CB  1 
ATOM   1363 O OG1 . THR B 1 80 ? 7.074   -7.890  -2.581  1.00 22.40 ? 80  THR B OG1 1 
ATOM   1364 C CG2 . THR B 1 80 ? 8.736   -8.095  -4.384  1.00 15.70 ? 80  THR B CG2 1 
ATOM   1365 N N   . PRO B 1 81 ? 6.464   -10.810 -2.392  1.00 38.20 ? 81  PRO B N   1 
ATOM   1366 C CA  . PRO B 1 81 ? 5.381   -11.618 -2.984  1.00 27.60 ? 81  PRO B CA  1 
ATOM   1367 C C   . PRO B 1 81 ? 4.774   -10.982 -4.238  1.00 24.90 ? 81  PRO B C   1 
ATOM   1368 O O   . PRO B 1 81 ? 4.503   -11.645 -5.241  1.00 26.80 ? 81  PRO B O   1 
ATOM   1369 C CB  . PRO B 1 81 ? 4.412   -11.913 -1.854  1.00 25.20 ? 81  PRO B CB  1 
ATOM   1370 C CG  . PRO B 1 81 ? 4.684   -10.867 -0.770  1.00 35.10 ? 81  PRO B CG  1 
ATOM   1371 C CD  . PRO B 1 81 ? 6.130   -10.394 -0.996  1.00 44.10 ? 81  PRO B CD  1 
ATOM   1372 N N   . ILE B 1 82 ? 4.615   -9.684  -4.219  1.00 21.10 ? 82  ILE B N   1 
ATOM   1373 C CA  . ILE B 1 82 ? 4.014   -8.932  -5.339  1.00 20.30 ? 82  ILE B CA  1 
ATOM   1374 C C   . ILE B 1 82 ? 4.959   -7.746  -5.606  1.00 17.80 ? 82  ILE B C   1 
ATOM   1375 O O   . ILE B 1 82 ? 5.722   -7.359  -4.725  1.00 15.60 ? 82  ILE B O   1 
ATOM   1376 C CB  . ILE B 1 82 ? 2.674   -8.437  -4.841  1.00 32.00 ? 82  ILE B CB  1 
ATOM   1377 C CG1 . ILE B 1 82 ? 1.927   -7.607  -5.853  1.00 32.30 ? 82  ILE B CG1 1 
ATOM   1378 C CG2 . ILE B 1 82 ? 2.816   -7.728  -3.513  1.00 48.90 ? 82  ILE B CG2 1 
ATOM   1379 C CD1 . ILE B 1 82 ? 1.205   -8.582  -6.779  1.00 41.20 ? 82  ILE B CD1 1 
ATOM   1380 N N   . ASN B 1 83 ? 4.992   -7.260  -6.831  1.00 22.10 ? 83  ASN B N   1 
ATOM   1381 C CA  . ASN B 1 83 ? 5.857   -6.104  -7.153  1.00 21.50 ? 83  ASN B CA  1 
ATOM   1382 C C   . ASN B 1 83 ? 5.128   -4.840  -6.889  1.00 16.90 ? 83  ASN B C   1 
ATOM   1383 O O   . ASN B 1 83 ? 4.006   -4.732  -7.356  1.00 14.90 ? 83  ASN B O   1 
ATOM   1384 C CB  . ASN B 1 83 ? 6.314   -6.138  -8.570  1.00 19.20 ? 83  ASN B CB  1 
ATOM   1385 C CG  . ASN B 1 83 ? 7.106   -7.449  -8.819  1.00 17.70 ? 83  ASN B CG  1 
ATOM   1386 O OD1 . ASN B 1 83 ? 7.927   -7.976  -8.023  1.00 17.80 ? 83  ASN B OD1 1 
ATOM   1387 N ND2 . ASN B 1 83 ? 6.899   -7.894  -9.993  1.00 18.40 ? 83  ASN B ND2 1 
ATOM   1388 N N   . ILE B 1 84 ? 5.832   -3.912  -6.242  1.00 13.60 ? 84  ILE B N   1 
ATOM   1389 C CA  . ILE B 1 84 ? 5.236   -2.680  -5.745  1.00 13.50 ? 84  ILE B CA  1 
ATOM   1390 C C   . ILE B 1 84 ? 5.916   -1.507  -6.404  1.00 10.30 ? 84  ILE B C   1 
ATOM   1391 O O   . ILE B 1 84 ? 7.136   -1.374  -6.315  1.00 8.20  ? 84  ILE B O   1 
ATOM   1392 C CB  . ILE B 1 84 ? 5.445   -2.592  -4.128  1.00 19.00 ? 84  ILE B CB  1 
ATOM   1393 C CG1 . ILE B 1 84 ? 4.623   -3.632  -3.415  1.00 24.00 ? 84  ILE B CG1 1 
ATOM   1394 C CG2 . ILE B 1 84 ? 5.186   -1.195  -3.438  1.00 20.60 ? 84  ILE B CG2 1 
ATOM   1395 C CD1 . ILE B 1 84 ? 3.162   -3.239  -3.652  1.00 29.70 ? 84  ILE B CD1 1 
ATOM   1396 N N   . PHE B 1 85 ? 5.105   -0.617  -6.966  1.00 10.50 ? 85  PHE B N   1 
ATOM   1397 C CA  . PHE B 1 85 ? 5.483   0.802   -7.094  1.00 10.10 ? 85  PHE B CA  1 
ATOM   1398 C C   . PHE B 1 85 ? 4.890   1.647   -6.013  1.00 9.50  ? 85  PHE B C   1 
ATOM   1399 O O   . PHE B 1 85 ? 3.699   1.956   -6.124  1.00 9.80  ? 85  PHE B O   1 
ATOM   1400 C CB  . PHE B 1 85 ? 5.061   1.410   -8.433  1.00 9.20  ? 85  PHE B CB  1 
ATOM   1401 C CG  . PHE B 1 85 ? 5.951   0.963   -9.691  1.00 9.60  ? 85  PHE B CG  1 
ATOM   1402 C CD1 . PHE B 1 85 ? 6.992   0.028   -9.561  1.00 10.70 ? 85  PHE B CD1 1 
ATOM   1403 C CD2 . PHE B 1 85 ? 5.679   1.474   -10.948 1.00 10.80 ? 85  PHE B CD2 1 
ATOM   1404 C CE1 . PHE B 1 85 ? 7.854   -0.279  -10.646 1.00 11.30 ? 85  PHE B CE1 1 
ATOM   1405 C CE2 . PHE B 1 85 ? 6.415   1.035   -12.085 1.00 11.00 ? 85  PHE B CE2 1 
ATOM   1406 C CZ  . PHE B 1 85 ? 7.554   0.238   -11.914 1.00 10.40 ? 85  PHE B CZ  1 
ATOM   1407 N N   . GLY B 1 86 ? 5.797   2.194   -5.193  1.00 8.30  ? 86  GLY B N   1 
ATOM   1408 C CA  . GLY B 1 86 ? 5.457   3.090   -4.117  1.00 7.30  ? 86  GLY B CA  1 
ATOM   1409 C C   . GLY B 1 86 ? 5.445   4.550   -4.493  1.00 7.50  ? 86  GLY B C   1 
ATOM   1410 O O   . GLY B 1 86 ? 5.460   5.028   -5.674  1.00 8.20  ? 86  GLY B O   1 
ATOM   1411 N N   . ARG B 1 87 ? 5.371   5.290   -3.462  1.00 7.50  ? 87  ARG B N   1 
ATOM   1412 C CA  . ARG B 1 87 ? 5.205   6.768   -3.670  1.00 6.90  ? 87  ARG B CA  1 
ATOM   1413 C C   . ARG B 1 87 ? 6.401   7.375   -4.442  1.00 7.00  ? 87  ARG B C   1 
ATOM   1414 O O   . ARG B 1 87 ? 6.181   8.401   -5.055  1.00 7.00  ? 87  ARG B O   1 
ATOM   1415 C CB  . ARG B 1 87 ? 4.969   7.598   -2.349  1.00 5.60  ? 87  ARG B CB  1 
ATOM   1416 C CG  . ARG B 1 87 ? 3.656   7.105   -1.559  1.00 3.90  ? 87  ARG B CG  1 
ATOM   1417 C CD  . ARG B 1 87 ? 3.360   8.173   -0.474  1.00 3.90  ? 87  ARG B CD  1 
ATOM   1418 N NE  . ARG B 1 87 ? 4.293   7.949   0.633   1.00 4.90  ? 87  ARG B NE  1 
ATOM   1419 C CZ  . ARG B 1 87 ? 5.420   8.758   0.836   1.00 8.80  ? 87  ARG B CZ  1 
ATOM   1420 N NH1 . ARG B 1 87 ? 5.608   9.907   0.142   1.00 9.20  ? 87  ARG B NH1 1 
ATOM   1421 N NH2 . ARG B 1 87 ? 6.432   8.415   1.674   1.00 10.60 ? 87  ARG B NH2 1 
ATOM   1422 N N   . ASN B 1 88 ? 7.639   6.995   -4.222  1.00 7.90  ? 88  ASN B N   1 
ATOM   1423 C CA  . ASN B 1 88 ? 8.817   7.531   -5.015  1.00 11.10 ? 88  ASN B CA  1 
ATOM   1424 C C   . ASN B 1 88 ? 8.550   7.507   -6.552  1.00 10.00 ? 88  ASN B C   1 
ATOM   1425 O O   . ASN B 1 88 ? 8.851   8.511   -7.212  1.00 11.30 ? 88  ASN B O   1 
ATOM   1426 C CB  . ASN B 1 88 ? 10.122  6.795   -4.656  1.00 15.50 ? 88  ASN B CB  1 
ATOM   1427 C CG  . ASN B 1 88 ? 10.323  5.393   -5.317  1.00 16.70 ? 88  ASN B CG  1 
ATOM   1428 O OD1 . ASN B 1 88 ? 9.470   4.449   -5.243  1.00 16.70 ? 88  ASN B OD1 1 
ATOM   1429 N ND2 . ASN B 1 88 ? 11.506  5.291   -5.917  1.00 15.50 ? 88  ASN B ND2 1 
ATOM   1430 N N   . ILE B 1 89 ? 7.719   6.565   -7.057  1.00 8.30  ? 89  ILE B N   1 
ATOM   1431 C CA  . ILE B 1 89 ? 7.409   6.398   -8.496  1.00 9.60  ? 89  ILE B CA  1 
ATOM   1432 C C   . ILE B 1 89 ? 6.122   7.051   -8.909  1.00 13.60 ? 89  ILE B C   1 
ATOM   1433 O O   . ILE B 1 89 ? 6.023   7.720   -10.003 1.00 14.90 ? 89  ILE B O   1 
ATOM   1434 C CB  . ILE B 1 89 ? 7.627   5.005   -9.156  1.00 9.10  ? 89  ILE B CB  1 
ATOM   1435 C CG1 . ILE B 1 89 ? 9.134   4.577   -9.188  1.00 9.80  ? 89  ILE B CG1 1 
ATOM   1436 C CG2 . ILE B 1 89 ? 6.809   4.944   -10.465 1.00 9.30  ? 89  ILE B CG2 1 
ATOM   1437 C CD1 . ILE B 1 89 ? 9.368   3.078   -9.517  1.00 10.70 ? 89  ILE B CD1 1 
ATOM   1438 N N   . LEU B 1 90 ? 5.159   6.952   -7.991  1.00 14.30 ? 90  LEU B N   1 
ATOM   1439 C CA  . LEU B 1 90 ? 3.862   7.651   -8.238  1.00 12.50 ? 90  LEU B CA  1 
ATOM   1440 C C   . LEU B 1 90 ? 4.076   9.195   -8.366  1.00 10.10 ? 90  LEU B C   1 
ATOM   1441 O O   . LEU B 1 90 ? 3.509   9.757   -9.273  1.00 10.00 ? 90  LEU B O   1 
ATOM   1442 C CB  . LEU B 1 90 ? 2.805   7.332   -7.232  1.00 15.00 ? 90  LEU B CB  1 
ATOM   1443 C CG  . LEU B 1 90 ? 2.570   5.849   -7.055  1.00 17.10 ? 90  LEU B CG  1 
ATOM   1444 C CD1 . LEU B 1 90 ? 1.609   5.612   -5.835  1.00 18.40 ? 90  LEU B CD1 1 
ATOM   1445 C CD2 . LEU B 1 90 ? 2.140   5.086   -8.363  1.00 15.60 ? 90  LEU B CD2 1 
ATOM   1446 N N   . THR B 1 91 ? 4.774   9.886   -7.478  1.00 10.40 ? 91  THR B N   1 
ATOM   1447 C CA  . THR B 1 91 ? 4.989   11.338  -7.597  1.00 13.60 ? 91  THR B CA  1 
ATOM   1448 C C   . THR B 1 91 ? 5.864   11.769  -8.805  1.00 18.70 ? 91  THR B C   1 
ATOM   1449 O O   . THR B 1 91 ? 5.667   12.880  -9.360  1.00 23.30 ? 91  THR B O   1 
ATOM   1450 C CB  . THR B 1 91 ? 5.580   11.920  -6.353  1.00 12.10 ? 91  THR B CB  1 
ATOM   1451 O OG1 . THR B 1 91 ? 6.895   11.388  -6.197  1.00 12.60 ? 91  THR B OG1 1 
ATOM   1452 C CG2 . THR B 1 91 ? 4.750   11.408  -5.165  1.00 11.20 ? 91  THR B CG2 1 
ATOM   1453 N N   . ALA B 1 92 ? 6.792   10.910  -9.208  1.00 15.60 ? 92  ALA B N   1 
ATOM   1454 C CA  . ALA B 1 92 ? 7.634   11.080  -10.477 1.00 13.80 ? 92  ALA B CA  1 
ATOM   1455 C C   . ALA B 1 92 ? 6.728   11.118  -11.699 1.00 14.00 ? 92  ALA B C   1 
ATOM   1456 O O   . ALA B 1 92 ? 6.903   11.943  -12.616 1.00 14.30 ? 92  ALA B O   1 
ATOM   1457 C CB  . ALA B 1 92 ? 8.826   9.995   -10.635 1.00 13.90 ? 92  ALA B CB  1 
ATOM   1458 N N   . LEU B 1 93 ? 5.724   10.217  -11.685 1.00 12.90 ? 93  LEU B N   1 
ATOM   1459 C CA  . LEU B 1 93 ? 4.750   10.100  -12.724 1.00 11.70 ? 93  LEU B CA  1 
ATOM   1460 C C   . LEU B 1 93 ? 3.691   11.172  -12.739 1.00 11.80 ? 93  LEU B C   1 
ATOM   1461 O O   . LEU B 1 93 ? 2.989   11.184  -13.757 1.00 13.00 ? 93  LEU B O   1 
ATOM   1462 C CB  . LEU B 1 93 ? 4.143   8.724   -12.725 1.00 14.30 ? 93  LEU B CB  1 
ATOM   1463 C CG  . LEU B 1 93 ? 5.021   7.602   -13.241 1.00 17.10 ? 93  LEU B CG  1 
ATOM   1464 C CD1 . LEU B 1 93 ? 4.329   6.306   -12.752 1.00 20.10 ? 93  LEU B CD1 1 
ATOM   1465 C CD2 . LEU B 1 93 ? 5.238   7.628   -14.778 1.00 14.50 ? 93  LEU B CD2 1 
ATOM   1466 N N   . GLY B 1 94 ? 3.378   11.739  -11.563 1.00 11.80 ? 94  GLY B N   1 
ATOM   1467 C CA  . GLY B 1 94 ? 2.436   12.830  -11.217 1.00 10.20 ? 94  GLY B CA  1 
ATOM   1468 C C   . GLY B 1 94 ? 1.054   12.212  -10.810 1.00 10.70 ? 94  GLY B C   1 
ATOM   1469 O O   . GLY B 1 94 ? 0.048   12.734  -11.248 1.00 12.70 ? 94  GLY B O   1 
ATOM   1470 N N   . MET B 1 95 ? 0.955   11.054  -10.208 1.00 11.30 ? 95  MET B N   1 
ATOM   1471 C CA  . MET B 1 95 ? -0.362  10.450  -9.920  1.00 14.20 ? 95  MET B CA  1 
ATOM   1472 C C   . MET B 1 95 ? -0.820  10.924  -8.551  1.00 14.90 ? 95  MET B C   1 
ATOM   1473 O O   . MET B 1 95 ? -0.030  11.496  -7.786  1.00 15.80 ? 95  MET B O   1 
ATOM   1474 C CB  . MET B 1 95 ? -0.447  8.942   -9.790  1.00 19.30 ? 95  MET B CB  1 
ATOM   1475 C CG  . MET B 1 95 ? 0.051   8.146   -10.989 1.00 26.80 ? 95  MET B CG  1 
ATOM   1476 S SD  . MET B 1 95 ? -0.611  6.508   -10.996 1.00 31.70 ? 95  MET B SD  1 
ATOM   1477 C CE  . MET B 1 95 ? -1.670  6.268   -12.461 1.00 29.30 ? 95  MET B CE  1 
ATOM   1478 N N   . SER B 1 96 ? -2.148  10.923  -8.399  1.00 13.70 ? 96  SER B N   1 
ATOM   1479 C CA  . SER B 1 96 ? -2.725  11.399  -7.155  1.00 11.70 ? 96  SER B CA  1 
ATOM   1480 C C   . SER B 1 96 ? -3.816  10.473  -6.849  1.00 12.30 ? 96  SER B C   1 
ATOM   1481 O O   . SER B 1 96 ? -4.210  9.703   -7.724  1.00 14.30 ? 96  SER B O   1 
ATOM   1482 C CB  . SER B 1 96 ? -3.149  12.859  -7.165  1.00 13.00 ? 96  SER B CB  1 
ATOM   1483 O OG  . SER B 1 96 ? -4.222  12.960  -8.069  1.00 15.20 ? 96  SER B OG  1 
ATOM   1484 N N   . LEU B 1 97 ? -4.101  10.363  -5.574  1.00 12.20 ? 97  LEU B N   1 
ATOM   1485 C CA  . LEU B 1 97 ? -5.378  9.690   -5.021  1.00 11.60 ? 97  LEU B CA  1 
ATOM   1486 C C   . LEU B 1 97 ? -6.434  10.779  -4.810  1.00 11.40 ? 97  LEU B C   1 
ATOM   1487 O O   . LEU B 1 97 ? -6.050  11.840  -4.350  1.00 13.70 ? 97  LEU B O   1 
ATOM   1488 C CB  . LEU B 1 97 ? -4.911  9.287   -3.616  1.00 13.00 ? 97  LEU B CB  1 
ATOM   1489 C CG  . LEU B 1 97 ? -5.795  8.315   -2.927  1.00 14.40 ? 97  LEU B CG  1 
ATOM   1490 C CD1 . LEU B 1 97 ? -6.213  7.146   -3.864  1.00 14.90 ? 97  LEU B CD1 1 
ATOM   1491 C CD2 . LEU B 1 97 ? -5.035  7.799   -1.642  1.00 13.80 ? 97  LEU B CD2 1 
ATOM   1492 N N   . ASN B 1 98 ? -7.587  10.680  -5.405  1.00 9.60  ? 98  ASN B N   1 
ATOM   1493 C CA  . ASN B 1 98 ? -8.656  11.702  -5.369  1.00 10.00 ? 98  ASN B CA  1 
ATOM   1494 C C   . ASN B 1 98 ? -9.968  11.151  -4.728  1.00 14.10 ? 98  ASN B C   1 
ATOM   1495 O O   . ASN B 1 98 ? -10.227 9.951   -4.621  1.00 11.50 ? 98  ASN B O   1 
ATOM   1496 C CB  . ASN B 1 98 ? -9.036  12.289  -6.750  1.00 11.30 ? 98  ASN B CB  1 
ATOM   1497 C CG  . ASN B 1 98 ? -7.752  12.963  -7.330  1.00 15.40 ? 98  ASN B CG  1 
ATOM   1498 O OD1 . ASN B 1 98 ? -6.901  12.244  -7.792  1.00 17.20 ? 98  ASN B OD1 1 
ATOM   1499 N ND2 . ASN B 1 98 ? -7.479  14.215  -7.008  1.00 15.90 ? 98  ASN B ND2 1 
ATOM   1500 N N   . LEU B 1 99 ? -10.601 12.107  -4.125  1.00 25.40 ? 99  LEU B N   1 
ATOM   1501 C CA  . LEU B 1 99 ? -11.902 12.006  -3.413  1.00 35.30 ? 99  LEU B CA  1 
ATOM   1502 C C   . LEU B 1 99 ? -12.867 13.085  -3.984  1.00 33.90 ? 99  LEU B C   1 
ATOM   1503 O O   . LEU B 1 99 ? -12.600 14.299  -3.869  1.00 31.40 ? 99  LEU B O   1 
ATOM   1504 C CB  . LEU B 1 99 ? -11.669 12.175  -1.891  1.00 38.70 ? 99  LEU B CB  1 
ATOM   1505 C CG  . LEU B 1 99 ? -12.947 12.222  -1.053  1.00 35.40 ? 99  LEU B CG  1 
ATOM   1506 C CD1 . LEU B 1 99 ? -13.889 11.060  -1.299  1.00 26.00 ? 99  LEU B CD1 1 
ATOM   1507 C CD2 . LEU B 1 99 ? -12.585 12.328  0.413   1.00 42.60 ? 99  LEU B CD2 1 
ATOM   1508 O OXT . LEU B 1 99 ? -13.808 12.701  -4.677  1.00 33.60 ? 99  LEU B OXT 1 
ATOM   1509 N N   . UNK C 2 1  ? 11.598  4.246   9.548   1.00 7.90  ? 1   UNK S N   1 
ATOM   1510 C CA  . UNK C 2 1  ? 11.183  4.523   8.074   1.00 15.80 ? 1   UNK S CA  1 
ATOM   1511 C C   . UNK C 2 1  ? 11.692  3.450   7.034   1.00 31.60 ? 1   UNK S C   1 
ATOM   1512 O O   . UNK C 2 1  ? 12.574  2.613   7.324   1.00 63.20 ? 1   UNK S O   1 
ATOM   1513 C CB  . UNK C 2 1  ? 11.668  5.920   7.543   1.00 31.60 ? 1   UNK S CB  1 
ATOM   1514 N N   . UNK C 2 2  ? 11.278  3.685   5.789   1.00 59.20 ? 2   UNK S N   1 
ATOM   1515 C CA  . UNK C 2 2  ? 11.361  2.689   4.705   1.00 62.80 ? 2   UNK S CA  1 
ATOM   1516 C C   . UNK C 2 2  ? 10.372  1.575   4.930   1.00 59.70 ? 2   UNK S C   1 
ATOM   1517 O O   . UNK C 2 2  ? 10.747  0.407   5.146   1.00 58.10 ? 2   UNK S O   1 
ATOM   1518 C CB  . UNK C 2 2  ? 12.766  2.207   4.381   1.00 69.40 ? 2   UNK S CB  1 
ATOM   1519 N N   . UNK C 2 3  ? 9.118   2.021   4.894   1.00 60.50 ? 3   UNK S N   1 
ATOM   1520 C CA  . UNK C 2 3  ? 7.917   1.193   5.091   1.00 58.30 ? 3   UNK S CA  1 
ATOM   1521 C C   . UNK C 2 3  ? 7.052   1.061   3.813   1.00 60.60 ? 3   UNK S C   1 
ATOM   1522 O O   . UNK C 2 3  ? 6.475   2.032   3.271   1.00 49.00 ? 3   UNK S O   1 
ATOM   1523 C CB  . UNK C 2 3  ? 7.079   1.702   6.277   1.00 47.70 ? 3   UNK S CB  1 
ATOM   1524 N N   . UNK C 2 4  ? 6.932   -0.205  3.438   1.00 65.80 ? 4   UNK S N   1 
ATOM   1525 C CA  . UNK C 2 4  ? 6.109   -0.674  2.326   1.00 52.50 ? 4   UNK S CA  1 
ATOM   1526 C C   . UNK C 2 4  ? 4.799   -1.304  2.847   1.00 60.00 ? 4   UNK S C   1 
ATOM   1527 O O   . UNK C 2 4  ? 4.788   -2.302  3.567   1.00 40.10 ? 4   UNK S O   1 
ATOM   1528 C CB  . UNK C 2 4  ? 6.923   -1.654  1.491   1.00 48.90 ? 4   UNK S CB  1 
ATOM   1529 N N   . UNK C 2 5  ? 3.697   -0.693  2.471   1.00 79.00 ? 5   UNK S N   1 
ATOM   1530 C CA  . UNK C 2 5  ? 2.364   -1.152  2.896   1.00 79.00 ? 5   UNK S CA  1 
ATOM   1531 C C   . UNK C 2 5  ? 1.609   -1.841  1.745   1.00 65.90 ? 5   UNK S C   1 
ATOM   1532 O O   . UNK C 2 5  ? 1.065   -1.199  0.829   1.00 52.90 ? 5   UNK S O   1 
ATOM   1533 C CB  . UNK C 2 5  ? 1.556   0.001   3.485   1.00 79.00 ? 5   UNK S CB  1 
ATOM   1534 N N   . UNK C 2 6  ? 1.648   -3.163  1.848   1.00 62.00 ? 6   UNK S N   1 
ATOM   1535 C CA  . UNK C 2 6  ? 0.975   -4.150  0.973   1.00 49.20 ? 6   UNK S CA  1 
ATOM   1536 C C   . UNK C 2 6  ? 0.380   -5.304  1.838   1.00 39.20 ? 6   UNK S C   1 
ATOM   1537 O O   . UNK C 2 6  ? 1.020   -5.815  2.768   1.00 38.70 ? 6   UNK S O   1 
ATOM   1538 C CB  . UNK C 2 6  ? 2.015   -4.753  0.029   1.00 45.70 ? 6   UNK S CB  1 
ATOM   1539 N N   . UNK C 2 7  ? -0.743  -5.813  1.393   1.00 33.60 ? 7   UNK S N   1 
ATOM   1540 C CA  . UNK C 2 7  ? -1.612  -6.727  2.180   1.00 30.00 ? 7   UNK S CA  1 
ATOM   1541 C C   . UNK C 2 7  ? -2.479  -7.548  1.201   1.00 28.60 ? 7   UNK S C   1 
ATOM   1542 O O   . UNK C 2 7  ? -3.098  -7.055  0.225   1.00 30.60 ? 7   UNK S O   1 
ATOM   1543 C CB  . UNK C 2 7  ? -2.492  -5.902  3.169   1.00 34.50 ? 7   UNK S CB  1 
ATOM   1544 N N   . UNK C 2 8  ? -2.571  -8.806  1.526   1.00 28.10 ? 8   UNK S N   1 
ATOM   1545 C CA  . UNK C 2 8  ? -3.335  -9.661  0.675   1.00 36.50 ? 8   UNK S CA  1 
ATOM   1546 C C   . UNK C 2 8  ? -4.031  -10.643 1.589   1.00 49.30 ? 8   UNK S C   1 
ATOM   1547 O O   . UNK C 2 8  ? -3.670  -10.765 2.766   1.00 51.40 ? 8   UNK S O   1 
ATOM   1548 C CB  . UNK C 2 8  ? -2.334  -10.354 -0.259  1.00 46.30 ? 8   UNK S CB  1 
ATOM   1549 N N   . UNK C 2 9  ? -5.084  -11.220 1.062   1.00 64.70 ? 9   UNK S N   1 
ATOM   1550 C CA  . UNK C 2 9  ? -5.562  -12.521 1.521   1.00 75.50 ? 9   UNK S CA  1 
ATOM   1551 C C   . UNK C 2 9  ? -4.858  -13.556 0.635   1.00 79.00 ? 9   UNK S C   1 
ATOM   1552 O O   . UNK C 2 9  ? -4.455  -14.617 1.143   1.00 79.00 ? 9   UNK S O   1 
ATOM   1553 O OXT . UNK C 2 9  ? -4.646  -13.263 -0.555  1.00 77.90 ? 9   UNK S OXT 1 
HETATM 1554 O O   . HOH D 3 .  ? -3.673  2.241   17.093  1.00 30.50 ? 100 HOH A O   1 
HETATM 1555 O O   . HOH D 3 .  ? -3.393  -5.595  -2.442  1.00 17.20 ? 101 HOH A O   1 
HETATM 1556 O O   . HOH D 3 .  ? -10.959 -5.381  6.047   1.00 8.20  ? 102 HOH A O   1 
HETATM 1557 O O   . HOH D 3 .  ? -11.917 -6.973  4.734   1.00 18.80 ? 103 HOH A O   1 
HETATM 1558 O O   . HOH D 3 .  ? -10.202 -6.686  18.964  1.00 15.90 ? 104 HOH A O   1 
HETATM 1559 O O   . HOH D 3 .  ? -18.397 -8.058  14.109  1.00 23.40 ? 105 HOH A O   1 
HETATM 1560 O O   . HOH D 3 .  ? -20.931 -8.225  12.375  1.00 38.30 ? 106 HOH A O   1 
HETATM 1561 O O   . HOH D 3 .  ? -22.146 -9.441  21.784  1.00 54.30 ? 107 HOH A O   1 
HETATM 1562 O O   . HOH D 3 .  ? -18.084 -7.297  18.336  1.00 23.00 ? 108 HOH A O   1 
HETATM 1563 O O   . HOH D 3 .  ? -16.293 -11.711 11.275  1.00 17.50 ? 109 HOH A O   1 
HETATM 1564 O O   . HOH D 3 .  ? -12.073 -17.614 10.365  1.00 34.00 ? 110 HOH A O   1 
HETATM 1565 O O   . HOH D 3 .  ? -6.715  -18.262 11.277  1.00 51.00 ? 111 HOH A O   1 
HETATM 1566 O O   . HOH D 3 .  ? -2.412  -21.273 12.688  1.00 39.80 ? 112 HOH A O   1 
HETATM 1567 O O   . HOH D 3 .  ? -14.205 13.123  9.710   1.00 39.20 ? 113 HOH A O   1 
HETATM 1568 O O   . HOH D 3 .  ? -7.739  12.788  -14.281 1.00 18.40 ? 114 HOH A O   1 
HETATM 1569 O O   . HOH D 3 .  ? -6.462  12.419  -18.196 1.00 13.40 ? 115 HOH A O   1 
HETATM 1570 O O   . HOH D 3 .  ? -8.170  -11.928 4.212   0.70 35.60 ? 116 HOH A O   1 
HETATM 1571 O O   . HOH D 3 .  ? 0.764   -12.544 14.244  0.90 29.70 ? 117 HOH A O   1 
HETATM 1572 O O   . HOH D 3 .  ? -15.818 -14.229 7.304   0.80 34.00 ? 118 HOH A O   1 
HETATM 1573 O O   . HOH D 3 .  ? -18.739 -4.905  6.686   1.00 18.70 ? 119 HOH A O   1 
HETATM 1574 O O   . HOH D 3 .  ? -19.821 0.218   2.981   0.80 57.20 ? 120 HOH A O   1 
HETATM 1575 O O   . HOH D 3 .  ? -13.351 9.156   -7.240  1.00 20.80 ? 121 HOH A O   1 
HETATM 1576 O O   . HOH D 3 .  ? -11.658 16.735  -2.719  0.70 39.00 ? 122 HOH A O   1 
HETATM 1577 O O   . HOH D 3 .  ? -0.194  12.534  0.069   1.00 15.50 ? 123 HOH A O   1 
HETATM 1578 O O   . HOH D 3 .  ? -7.777  14.011  8.998   0.80 24.10 ? 124 HOH A O   1 
HETATM 1579 O O   . HOH D 3 .  ? -12.177 7.675   21.930  0.70 26.50 ? 125 HOH A O   1 
HETATM 1580 O O   . HOH D 3 .  ? -14.149 8.783   25.075  0.80 27.30 ? 126 HOH A O   1 
HETATM 1581 O O   . HOH D 3 .  ? -12.909 11.638  21.255  0.80 30.60 ? 127 HOH A O   1 
HETATM 1582 O O   . HOH D 3 .  ? -14.078 -14.590 23.973  0.90 54.00 ? 128 HOH A O   1 
HETATM 1583 O O   . HOH D 3 .  ? -1.260  -11.772 17.507  0.70 24.50 ? 129 HOH A O   1 
HETATM 1584 O O   . HOH D 3 .  ? -5.549  -10.497 16.963  0.70 39.70 ? 130 HOH A O   1 
HETATM 1585 O O   . HOH D 3 .  ? -20.944 4.675   16.798  0.70 55.00 ? 131 HOH A O   1 
HETATM 1586 O O   . HOH D 3 .  ? -15.550 -4.124  3.835   1.00 19.20 ? 132 HOH A O   1 
HETATM 1587 O O   . HOH D 3 .  ? -19.343 4.208   -4.030  0.70 22.90 ? 133 HOH A O   1 
HETATM 1588 O O   . HOH D 3 .  ? -15.682 -0.280  20.076  0.70 47.40 ? 134 HOH A O   1 
HETATM 1589 O O   . HOH D 3 .  ? -11.115 -16.701 22.206  1.00 24.90 ? 135 HOH A O   1 
HETATM 1590 O O   . HOH D 3 .  ? -13.688 3.813   -6.010  0.90 23.20 ? 136 HOH A O   1 
HETATM 1591 O O   . HOH D 3 .  ? 1.732   15.413  -0.451  0.90 21.80 ? 137 HOH A O   1 
HETATM 1592 O O   . HOH D 3 .  ? -4.507  -3.830  -3.582  1.00 17.70 ? 138 HOH A O   1 
HETATM 1593 O O   . HOH D 3 .  ? -11.520 -5.569  -0.656  0.70 35.10 ? 139 HOH A O   1 
HETATM 1594 O O   . HOH D 3 .  ? -1.600  -9.836  15.255  1.00 21.60 ? 140 HOH A O   1 
HETATM 1595 O O   . HOH D 3 .  ? -0.092  0.774   14.948  0.70 37.50 ? 141 HOH A O   1 
HETATM 1596 O O   . HOH D 3 .  ? -16.189 -2.526  -0.949  0.90 29.50 ? 142 HOH A O   1 
HETATM 1597 O O   . HOH D 3 .  ? -19.940 7.104   1.410   0.90 33.30 ? 143 HOH A O   1 
HETATM 1598 O O   . HOH D 3 .  ? -7.647  3.513   23.501  0.60 17.50 ? 144 HOH A O   1 
HETATM 1599 O O   . HOH D 3 .  ? -19.164 -5.306  14.659  0.84 45.00 ? 145 HOH A O   1 
HETATM 1600 O O   . HOH D 3 .  ? -19.482 -3.534  3.835   0.76 23.40 ? 146 HOH A O   1 
HETATM 1601 O O   . HOH D 3 .  ? 1.425   -16.297 15.041  0.67 28.80 ? 147 HOH A O   1 
HETATM 1602 O O   . HOH D 3 .  ? 2.044   12.207  6.233   0.83 23.80 ? 148 HOH A O   1 
HETATM 1603 O O   . HOH D 3 .  ? -18.729 -16.806 10.297  0.82 28.20 ? 149 HOH A O   1 
HETATM 1604 O O   . HOH D 3 .  ? 0.119   -3.027  18.187  0.69 31.90 ? 150 HOH A O   1 
HETATM 1605 O O   . HOH D 3 .  ? -11.044 12.238  9.030   0.58 24.40 ? 151 HOH A O   1 
HETATM 1606 O O   . HOH D 3 .  ? -0.157  -19.000 12.320  0.72 20.40 ? 152 HOH A O   1 
HETATM 1607 O O   . HOH D 3 .  ? -6.607  -7.802  18.167  0.68 21.70 ? 153 HOH A O   1 
HETATM 1608 O O   . HOH D 3 .  ? -20.608 -6.705  6.002   0.72 13.50 ? 154 HOH A O   1 
HETATM 1609 O O   . HOH D 3 .  ? -22.221 -7.625  16.152  0.55 20.90 ? 155 HOH A O   1 
HETATM 1610 O O   . HOH D 3 .  ? -1.505  13.946  4.004   0.76 39.60 ? 156 HOH A O   1 
HETATM 1611 O O   . HOH D 3 .  ? -11.000 4.357   25.769  0.55 18.00 ? 157 HOH A O   1 
HETATM 1612 O O   . HOH D 3 .  ? -11.702 -0.296  24.888  0.81 34.20 ? 158 HOH A O   1 
HETATM 1613 O O   . HOH D 3 .  ? 4.067   -16.086 9.033   1.00 46.30 ? 159 HOH A O   1 
HETATM 1614 O O   . HOH D 3 .  ? 10.582  -11.257 8.595   1.00 48.50 ? 160 HOH A O   1 
HETATM 1615 O O   . HOH D 3 .  ? 7.716   3.474   9.755   1.00 58.80 ? 161 HOH A O   1 
HETATM 1616 O O   . HOH D 3 .  ? -3.386  12.424  -18.166 1.00 32.30 ? 162 HOH A O   1 
HETATM 1617 O O   . HOH D 3 .  ? -1.087  5.412   12.249  1.00 62.80 ? 163 HOH A O   1 
HETATM 1618 O O   . HOH D 3 .  ? -3.998  8.731   17.918  1.00 47.50 ? 164 HOH A O   1 
HETATM 1619 O O   . HOH D 3 .  ? -17.387 5.877   14.570  1.00 37.40 ? 165 HOH A O   1 
HETATM 1620 O O   . HOH D 3 .  ? -10.018 13.840  16.899  1.00 63.80 ? 166 HOH A O   1 
HETATM 1621 O O   . HOH D 3 .  ? -11.878 14.078  13.127  1.00 65.70 ? 167 HOH A O   1 
HETATM 1622 O O   . HOH D 3 .  ? 2.902   -13.027 2.254   1.00 60.40 ? 168 HOH A O   1 
HETATM 1623 O O   . HOH E 3 .  ? -15.689 11.527  -8.335  1.00 37.60 ? 100 HOH B O   1 
HETATM 1624 O O   . HOH E 3 .  ? -8.101  -0.417  -9.838  1.00 21.30 ? 101 HOH B O   1 
HETATM 1625 O O   . HOH E 3 .  ? 19.333  -1.799  -15.582 0.50 50.20 ? 102 HOH B O   1 
HETATM 1626 O O   . HOH E 3 .  ? 17.731  2.114   -21.419 0.80 48.80 ? 103 HOH B O   1 
HETATM 1627 O O   . HOH E 3 .  ? 8.685   -6.800  -24.978 0.90 27.50 ? 104 HOH B O   1 
HETATM 1628 O O   . HOH E 3 .  ? 12.402  -5.771  -24.844 0.90 25.40 ? 105 HOH B O   1 
HETATM 1629 O O   . HOH E 3 .  ? 11.297  -10.577 -19.598 1.00 22.90 ? 106 HOH B O   1 
HETATM 1630 O O   . HOH E 3 .  ? 9.921   -10.744 -14.248 0.70 28.50 ? 107 HOH B O   1 
HETATM 1631 O O   . HOH E 3 .  ? 12.736  2.499   -3.909  1.00 19.80 ? 108 HOH B O   1 
HETATM 1632 O O   . HOH E 3 .  ? 22.132  2.848   -4.239  1.00 20.40 ? 109 HOH B O   1 
HETATM 1633 O O   . HOH E 3 .  ? 15.592  4.845   -1.192  0.60 24.50 ? 110 HOH B O   1 
HETATM 1634 O O   . HOH E 3 .  ? 7.831   12.589  -16.232 0.70 42.10 ? 111 HOH B O   1 
HETATM 1635 O O   . HOH E 3 .  ? 3.087   -8.678  -9.751  1.00 31.50 ? 112 HOH B O   1 
HETATM 1636 O O   . HOH E 3 .  ? 4.282   -11.434 -7.148  0.50 19.60 ? 113 HOH B O   1 
HETATM 1637 O O   . HOH E 3 .  ? 7.445   -10.821 -6.724  0.90 25.60 ? 114 HOH B O   1 
HETATM 1638 O O   . HOH E 3 .  ? 8.895   8.819   5.028   0.70 24.20 ? 115 HOH B O   1 
HETATM 1639 O O   . HOH E 3 .  ? 13.263  4.774   -2.785  1.00 29.30 ? 116 HOH B O   1 
HETATM 1640 O O   . HOH E 3 .  ? 14.815  -12.340 -16.122 0.70 41.60 ? 117 HOH B O   1 
HETATM 1641 O O   . HOH E 3 .  ? 3.671   2.005   -20.986 1.00 31.60 ? 118 HOH B O   1 
HETATM 1642 O O   . HOH E 3 .  ? 22.909  2.340   -7.711  1.00 13.10 ? 119 HOH B O   1 
HETATM 1643 O O   . HOH E 3 .  ? 1.610   13.234  -7.419  1.00 15.60 ? 120 HOH B O   1 
HETATM 1644 O O   . HOH E 3 .  ? 0.749   14.132  -14.499 1.00 40.50 ? 121 HOH B O   1 
HETATM 1645 O O   . HOH E 3 .  ? -9.138  -9.509  -12.708 1.00 40.90 ? 122 HOH B O   1 
HETATM 1646 O O   . HOH E 3 .  ? 22.126  0.594   -17.432 0.40 35.50 ? 123 HOH B O   1 
HETATM 1647 O O   . HOH E 3 .  ? 18.157  -9.015  -4.575  0.90 20.30 ? 124 HOH B O   1 
HETATM 1648 O O   . HOH E 3 .  ? 3.073   5.929   1.799   0.90 14.70 ? 125 HOH B O   1 
HETATM 1649 O O   . HOH E 3 .  ? 9.919   11.746  -6.544  1.00 29.40 ? 126 HOH B O   1 
HETATM 1650 O O   . HOH E 3 .  ? 7.724   10.867  -2.563  0.70 25.80 ? 127 HOH B O   1 
HETATM 1651 O O   . HOH E 3 .  ? 6.892   -4.227  11.318  0.60 35.30 ? 128 HOH B O   1 
HETATM 1652 O O   . HOH E 3 .  ? 12.692  0.273   -19.786 1.00 18.90 ? 129 HOH B O   1 
HETATM 1653 O O   . HOH E 3 .  ? 0.366   0.090   -22.175 0.80 33.50 ? 130 HOH B O   1 
HETATM 1654 O O   . HOH E 3 .  ? 7.902   15.103  -9.915  0.80 26.30 ? 131 HOH B O   1 
HETATM 1655 O O   . HOH E 3 .  ? 12.587  9.922   -8.637  0.80 37.50 ? 132 HOH B O   1 
HETATM 1656 O O   . HOH E 3 .  ? -10.945 -7.878  -6.311  0.80 24.10 ? 133 HOH B O   1 
HETATM 1657 O O   . HOH E 3 .  ? -7.908  4.810   -18.087 0.70 33.00 ? 134 HOH B O   1 
HETATM 1658 O O   . HOH E 3 .  ? -4.430  1.710   -17.711 0.80 33.10 ? 135 HOH B O   1 
HETATM 1659 O O   . HOH E 3 .  ? -17.284 0.647   -12.333 0.80 31.20 ? 136 HOH B O   1 
HETATM 1660 O O   . HOH E 3 .  ? -5.930  -10.500 -7.838  0.70 26.60 ? 137 HOH B O   1 
HETATM 1661 O O   . HOH E 3 .  ? -0.859  -1.457  -18.468 0.80 28.10 ? 138 HOH B O   1 
HETATM 1662 O O   . HOH E 3 .  ? 6.996   -11.886 -11.311 0.50 33.40 ? 139 HOH B O   1 
HETATM 1663 O O   . HOH E 3 .  ? 17.029  -13.057 -13.288 0.70 24.10 ? 140 HOH B O   1 
HETATM 1664 O O   . HOH E 3 .  ? 23.775  -1.220  -11.293 1.00 27.50 ? 141 HOH B O   1 
HETATM 1665 O O   . HOH E 3 .  ? 2.074   9.553   -23.778 0.62 21.50 ? 142 HOH B O   1 
HETATM 1666 O O   . HOH E 3 .  ? 3.385   14.901  -8.981  0.75 24.80 ? 143 HOH B O   1 
HETATM 1667 O O   . HOH E 3 .  ? 8.228   -10.936 1.962   0.76 25.80 ? 144 HOH B O   1 
HETATM 1668 O O   . HOH E 3 .  ? 6.963   5.205   -23.112 0.91 47.30 ? 145 HOH B O   1 
HETATM 1669 O O   . HOH E 3 .  ? -1.860  6.353   -21.238 0.67 21.90 ? 146 HOH B O   1 
HETATM 1670 O O   . HOH E 3 .  ? -13.373 8.391   -15.817 0.71 37.50 ? 147 HOH B O   1 
HETATM 1671 O O   . HOH E 3 .  ? -4.256  -8.007  -13.604 0.88 34.80 ? 148 HOH B O   1 
HETATM 1672 O O   . HOH E 3 .  ? -6.479  -3.034  -13.091 0.75 34.00 ? 149 HOH B O   1 
HETATM 1673 O O   . HOH E 3 .  ? 4.731   1.911   -23.746 0.94 50.70 ? 150 HOH B O   1 
HETATM 1674 O O   . HOH E 3 .  ? 10.193  6.467   -23.826 0.96 42.90 ? 151 HOH B O   1 
HETATM 1675 O O   . HOH E 3 .  ? -2.311  -13.205 -4.817  0.68 46.30 ? 152 HOH B O   1 
HETATM 1676 O O   . HOH E 3 .  ? 13.889  -11.099 -19.503 0.69 31.00 ? 153 HOH B O   1 
HETATM 1677 O O   . HOH E 3 .  ? 9.428   13.346  -12.759 0.63 24.70 ? 154 HOH B O   1 
HETATM 1678 O O   . HOH E 3 .  ? 16.199  1.817   5.667   0.78 43.30 ? 155 HOH B O   1 
HETATM 1679 O O   . HOH E 3 .  ? 8.503   -0.412  9.739   0.74 34.30 ? 156 HOH B O   1 
HETATM 1680 O O   . HOH E 3 .  ? 6.131   -0.677  8.916   0.99 40.00 ? 157 HOH B O   1 
HETATM 1681 O O   . HOH E 3 .  ? 19.519  -6.963  -8.416  0.63 10.70 ? 158 HOH B O   1 
HETATM 1682 O O   . HOH E 3 .  ? 18.591  0.425   5.807   0.63 23.20 ? 159 HOH B O   1 
HETATM 1683 O O   . HOH E 3 .  ? 13.487  7.010   1.095   1.00 46.70 ? 160 HOH B O   1 
HETATM 1684 O O   . HOH E 3 .  ? 10.177  9.055   1.518   1.00 36.50 ? 161 HOH B O   1 
HETATM 1685 O O   . HOH E 3 .  ? 11.575  6.673   2.946   1.00 46.20 ? 162 HOH B O   1 
HETATM 1686 O O   . HOH E 3 .  ? 13.146  8.993   -1.034  1.00 44.90 ? 163 HOH B O   1 
HETATM 1687 O O   . HOH E 3 .  ? 8.976   8.423   -1.081  1.00 39.90 ? 164 HOH B O   1 
HETATM 1688 O O   . HOH E 3 .  ? 10.110  10.713  -3.865  1.00 39.70 ? 165 HOH B O   1 
HETATM 1689 O O   . HOH E 3 .  ? 3.743   4.390   3.700   1.00 45.20 ? 166 HOH B O   1 
HETATM 1690 O O   . HOH E 3 .  ? 11.184  0.420   -21.872 1.00 38.20 ? 167 HOH B O   1 
HETATM 1691 O O   . HOH E 3 .  ? 16.661  -9.014  -14.867 1.00 79.00 ? 168 HOH B O   1 
HETATM 1692 O O   . HOH E 3 .  ? 19.092  -10.068 -7.287  1.00 50.30 ? 169 HOH B O   1 
HETATM 1693 O O   . HOH E 3 .  ? 27.280  -0.969  -12.533 1.00 79.00 ? 170 HOH B O   1 
HETATM 1694 O O   . HOH E 3 .  ? 7.923   10.938  -20.476 1.00 79.00 ? 171 HOH B O   1 
HETATM 1695 O O   . HOH E 3 .  ? 6.723   9.199   -23.402 1.00 79.00 ? 172 HOH B O   1 
HETATM 1696 O O   . HOH E 3 .  ? 2.028   0.815   -18.480 1.00 77.40 ? 173 HOH B O   1 
HETATM 1697 O O   . HOH E 3 .  ? 6.348   -12.350 1.165   1.00 74.00 ? 174 HOH B O   1 
HETATM 1698 O O   . HOH E 3 .  ? 3.168   -8.101  12.177  1.00 54.20 ? 175 HOH B O   1 
HETATM 1699 O O   . HOH E 3 .  ? 22.123  1.336   -11.462 1.00 51.50 ? 176 HOH B O   1 
HETATM 1700 O O   . HOH E 3 .  ? 23.724  1.645   3.355   1.00 57.40 ? 177 HOH B O   1 
HETATM 1701 O O   . HOH E 3 .  ? -10.015 16.379  -6.407  1.00 79.00 ? 178 HOH B O   1 
HETATM 1702 O O   . HOH E 3 .  ? -15.713 7.570   -16.683 1.00 50.60 ? 179 HOH B O   1 
HETATM 1703 O O   . HOH E 3 .  ? -13.500 -5.533  -4.925  1.00 55.00 ? 180 HOH B O   1 
HETATM 1704 O O   . HOH E 3 .  ? 21.123  4.595   0.561   1.00 79.00 ? 181 HOH B O   1 
HETATM 1705 O O   . HOH E 3 .  ? 10.570  -10.032 -17.243 1.00 59.80 ? 182 HOH B O   1 
HETATM 1706 O O   . HOH E 3 .  ? -3.690  -3.236  -15.911 1.00 52.40 ? 183 HOH B O   1 
HETATM 1707 O O   . HOH E 3 .  ? -10.721 0.695   -12.559 1.00 58.10 ? 184 HOH B O   1 
HETATM 1708 O O   . HOH E 3 .  ? 28.491  -1.805  -5.238  1.00 62.40 ? 185 HOH B O   1 
HETATM 1709 O O   . HOH E 3 .  ? 15.037  -10.928 -6.741  1.00 47.80 ? 186 HOH B O   1 
HETATM 1710 O O   . HOH F 3 .  ? 3.322   -4.559  4.069   1.00 29.00 ? 10  HOH S O   1 
HETATM 1711 O O   . HOH F 3 .  ? -3.137  -16.153 2.781   0.83 39.50 ? 11  HOH S O   1 
HETATM 1712 O O   . HOH F 3 .  ? 13.790  0.790   8.143   1.00 54.40 ? 12  HOH S O   1 
HETATM 1713 O O   . HOH F 3 .  ? -5.428  -13.114 -3.041  1.00 45.70 ? 13  HOH S O   1 
# 
